data_2DK8
#
_entry.id   2DK8
#
_entity_poly.entity_id   1
_entity_poly.type   'polypeptide(L)'
_entity_poly.pdbx_seq_one_letter_code
;GSSGSSGPDADPVEIENRIIELCHQFPHGITDQVIQNEMPHIEAQQRAVAINRLLSMGQLDLLRSNTGLLYRIKDSGPSS
G
;
_entity_poly.pdbx_strand_id   A
#
# COMPACT_ATOMS: atom_id res chain seq x y z
N GLY A 1 12.55 -4.21 -5.92
CA GLY A 1 13.76 -3.88 -6.64
C GLY A 1 13.46 -2.88 -7.77
N SER A 2 13.34 -1.62 -7.39
CA SER A 2 13.07 -0.57 -8.35
C SER A 2 13.93 -0.75 -9.59
N SER A 3 13.29 -0.60 -10.75
CA SER A 3 13.98 -0.75 -12.01
C SER A 3 13.65 0.42 -12.93
N GLY A 4 14.62 1.31 -13.09
CA GLY A 4 14.44 2.48 -13.94
C GLY A 4 13.21 3.28 -13.51
N SER A 5 13.07 4.46 -14.10
CA SER A 5 11.95 5.33 -13.79
C SER A 5 10.64 4.67 -14.25
N SER A 6 9.60 4.92 -13.47
CA SER A 6 8.29 4.35 -13.76
C SER A 6 7.65 5.11 -14.93
N GLY A 7 7.47 6.41 -14.73
CA GLY A 7 6.89 7.25 -15.75
C GLY A 7 5.62 7.95 -15.22
N PRO A 8 5.05 8.82 -16.09
CA PRO A 8 3.84 9.56 -15.73
C PRO A 8 2.61 8.64 -15.77
N ASP A 9 2.55 7.74 -14.80
CA ASP A 9 1.45 6.82 -14.71
C ASP A 9 0.95 6.75 -13.26
N ALA A 10 -0.15 7.45 -13.02
CA ALA A 10 -0.73 7.48 -11.68
C ALA A 10 0.34 7.91 -10.67
N ASP A 11 0.30 9.18 -10.30
CA ASP A 11 1.25 9.71 -9.35
C ASP A 11 1.48 8.70 -8.23
N PRO A 12 2.64 8.86 -7.54
CA PRO A 12 2.99 7.96 -6.45
C PRO A 12 2.16 8.26 -5.20
N VAL A 13 2.32 9.48 -4.70
CA VAL A 13 1.60 9.91 -3.52
C VAL A 13 0.16 9.40 -3.59
N GLU A 14 -0.49 9.68 -4.71
CA GLU A 14 -1.86 9.24 -4.91
C GLU A 14 -2.00 7.76 -4.60
N ILE A 15 -1.19 6.97 -5.29
CA ILE A 15 -1.22 5.52 -5.11
C ILE A 15 -1.09 5.20 -3.62
N GLU A 16 -0.04 5.76 -3.02
CA GLU A 16 0.20 5.53 -1.60
C GLU A 16 -1.02 5.93 -0.78
N ASN A 17 -1.42 7.19 -0.93
CA ASN A 17 -2.57 7.70 -0.21
C ASN A 17 -3.71 6.69 -0.30
N ARG A 18 -3.96 6.24 -1.52
CA ARG A 18 -5.02 5.28 -1.77
C ARG A 18 -4.89 4.09 -0.80
N ILE A 19 -3.67 3.58 -0.70
CA ILE A 19 -3.41 2.46 0.18
C ILE A 19 -3.74 2.85 1.62
N ILE A 20 -3.40 4.08 1.96
CA ILE A 20 -3.66 4.59 3.29
C ILE A 20 -5.16 4.51 3.59
N GLU A 21 -5.94 5.10 2.69
CA GLU A 21 -7.39 5.09 2.84
C GLU A 21 -7.89 3.67 3.07
N LEU A 22 -7.24 2.73 2.42
CA LEU A 22 -7.60 1.33 2.54
C LEU A 22 -7.17 0.81 3.92
N CYS A 23 -5.87 0.96 4.19
CA CYS A 23 -5.32 0.51 5.45
C CYS A 23 -6.24 0.99 6.58
N HIS A 24 -6.92 2.10 6.31
CA HIS A 24 -7.83 2.68 7.29
C HIS A 24 -9.13 1.87 7.30
N GLN A 25 -9.62 1.55 6.11
CA GLN A 25 -10.84 0.79 5.98
C GLN A 25 -10.67 -0.60 6.59
N PHE A 26 -9.49 -1.16 6.40
CA PHE A 26 -9.19 -2.48 6.92
C PHE A 26 -8.10 -2.41 8.00
N PRO A 27 -8.55 -2.53 9.28
CA PRO A 27 -7.63 -2.48 10.40
C PRO A 27 -6.84 -3.78 10.52
N HIS A 28 -7.43 -4.84 10.00
CA HIS A 28 -6.81 -6.15 10.04
C HIS A 28 -5.65 -6.20 9.03
N GLY A 29 -5.86 -5.52 7.92
CA GLY A 29 -4.86 -5.47 6.87
C GLY A 29 -5.50 -5.64 5.49
N ILE A 30 -4.66 -5.50 4.47
CA ILE A 30 -5.13 -5.65 3.09
C ILE A 30 -4.12 -6.49 2.30
N THR A 31 -4.66 -7.44 1.55
CA THR A 31 -3.82 -8.31 0.74
C THR A 31 -3.65 -7.73 -0.66
N ASP A 32 -2.48 -7.97 -1.22
CA ASP A 32 -2.17 -7.49 -2.56
C ASP A 32 -3.40 -7.67 -3.46
N GLN A 33 -4.02 -8.83 -3.32
CA GLN A 33 -5.19 -9.15 -4.11
C GLN A 33 -6.25 -8.04 -3.97
N VAL A 34 -6.46 -7.62 -2.73
CA VAL A 34 -7.43 -6.58 -2.44
C VAL A 34 -7.09 -5.34 -3.29
N ILE A 35 -5.93 -4.78 -3.03
CA ILE A 35 -5.49 -3.59 -3.75
C ILE A 35 -5.67 -3.83 -5.25
N GLN A 36 -5.58 -5.10 -5.64
CA GLN A 36 -5.73 -5.46 -7.03
C GLN A 36 -7.17 -5.18 -7.50
N ASN A 37 -8.12 -5.66 -6.73
CA ASN A 37 -9.52 -5.46 -7.05
C ASN A 37 -9.88 -3.99 -6.85
N GLU A 38 -9.13 -3.34 -5.97
CA GLU A 38 -9.37 -1.94 -5.66
C GLU A 38 -8.72 -1.06 -6.74
N MET A 39 -7.58 -1.52 -7.23
CA MET A 39 -6.85 -0.78 -8.25
C MET A 39 -6.10 -1.73 -9.19
N PRO A 40 -6.89 -2.46 -10.02
CA PRO A 40 -6.32 -3.40 -10.97
C PRO A 40 -5.68 -2.68 -12.14
N HIS A 41 -5.75 -1.35 -12.09
CA HIS A 41 -5.18 -0.53 -13.15
C HIS A 41 -3.74 -0.16 -12.80
N ILE A 42 -3.47 -0.15 -11.50
CA ILE A 42 -2.14 0.19 -11.01
C ILE A 42 -1.12 -0.77 -11.63
N GLU A 43 0.14 -0.35 -11.58
CA GLU A 43 1.21 -1.17 -12.13
C GLU A 43 1.82 -2.05 -11.05
N ALA A 44 2.51 -3.08 -11.48
CA ALA A 44 3.14 -4.01 -10.56
C ALA A 44 4.16 -3.26 -9.71
N GLN A 45 5.03 -2.52 -10.39
CA GLN A 45 6.05 -1.75 -9.71
C GLN A 45 5.41 -0.61 -8.90
N GLN A 46 4.42 0.02 -9.51
CA GLN A 46 3.72 1.11 -8.85
C GLN A 46 3.06 0.63 -7.57
N ARG A 47 2.41 -0.53 -7.67
CA ARG A 47 1.74 -1.11 -6.53
C ARG A 47 2.74 -1.39 -5.40
N ALA A 48 3.84 -2.02 -5.77
CA ALA A 48 4.88 -2.35 -4.81
C ALA A 48 5.51 -1.06 -4.28
N VAL A 49 5.99 -0.25 -5.23
CA VAL A 49 6.62 1.01 -4.88
C VAL A 49 5.83 1.68 -3.74
N ALA A 50 4.62 2.10 -4.07
CA ALA A 50 3.75 2.74 -3.10
C ALA A 50 3.78 1.95 -1.79
N ILE A 51 3.61 0.64 -1.92
CA ILE A 51 3.62 -0.24 -0.76
C ILE A 51 4.93 -0.05 0.01
N ASN A 52 6.02 -0.37 -0.68
CA ASN A 52 7.34 -0.26 -0.07
C ASN A 52 7.48 1.13 0.57
N ARG A 53 7.07 2.14 -0.19
CA ARG A 53 7.15 3.50 0.29
C ARG A 53 6.43 3.64 1.63
N LEU A 54 5.15 3.29 1.61
CA LEU A 54 4.35 3.36 2.82
C LEU A 54 5.01 2.56 3.93
N LEU A 55 5.53 1.38 3.55
CA LEU A 55 6.19 0.52 4.49
C LEU A 55 7.33 1.28 5.17
N SER A 56 8.17 1.88 4.34
CA SER A 56 9.30 2.65 4.85
C SER A 56 8.81 3.91 5.56
N MET A 57 8.06 4.72 4.81
CA MET A 57 7.53 5.95 5.36
C MET A 57 7.09 5.77 6.81
N GLY A 58 6.46 4.63 7.06
CA GLY A 58 5.98 4.31 8.40
C GLY A 58 4.47 4.51 8.51
N GLN A 59 3.83 4.55 7.35
CA GLN A 59 2.40 4.74 7.30
C GLN A 59 1.69 3.39 7.17
N LEU A 60 2.33 2.49 6.44
CA LEU A 60 1.77 1.16 6.23
C LEU A 60 2.58 0.15 7.05
N ASP A 61 1.87 -0.87 7.53
CA ASP A 61 2.51 -1.91 8.33
C ASP A 61 2.34 -3.26 7.63
N LEU A 62 3.47 -3.92 7.42
CA LEU A 62 3.46 -5.22 6.76
C LEU A 62 3.23 -6.31 7.80
N LEU A 63 2.48 -7.33 7.39
CA LEU A 63 2.18 -8.44 8.27
C LEU A 63 2.21 -9.74 7.47
N ARG A 64 3.27 -10.51 7.68
CA ARG A 64 3.42 -11.77 7.00
C ARG A 64 2.56 -12.85 7.65
N SER A 65 1.49 -13.21 6.98
CA SER A 65 0.58 -14.22 7.48
C SER A 65 0.01 -15.04 6.33
N ASN A 66 0.16 -16.35 6.45
CA ASN A 66 -0.34 -17.26 5.43
C ASN A 66 0.22 -16.84 4.07
N THR A 67 -0.40 -17.36 3.02
CA THR A 67 0.02 -17.05 1.67
C THR A 67 -0.01 -15.54 1.44
N GLY A 68 1.12 -15.02 0.96
CA GLY A 68 1.24 -13.60 0.69
C GLY A 68 1.41 -12.81 1.99
N LEU A 69 1.63 -11.52 1.83
CA LEU A 69 1.82 -10.64 2.99
C LEU A 69 0.56 -9.80 3.18
N LEU A 70 0.47 -9.19 4.36
CA LEU A 70 -0.68 -8.35 4.68
C LEU A 70 -0.19 -6.93 4.98
N TYR A 71 -1.07 -5.97 4.74
CA TYR A 71 -0.75 -4.58 4.99
C TYR A 71 -1.87 -3.88 5.75
N ARG A 72 -1.52 -3.35 6.91
CA ARG A 72 -2.48 -2.66 7.75
C ARG A 72 -1.95 -1.28 8.14
N ILE A 73 -2.80 -0.52 8.82
CA ILE A 73 -2.43 0.82 9.25
C ILE A 73 -1.39 0.72 10.38
N LYS A 74 -0.30 1.44 10.19
CA LYS A 74 0.77 1.44 11.18
C LYS A 74 0.26 2.04 12.48
N ASP A 75 0.71 1.46 13.59
CA ASP A 75 0.30 1.93 14.90
C ASP A 75 1.07 1.15 15.97
N SER A 76 0.96 1.63 17.19
CA SER A 76 1.63 0.99 18.32
C SER A 76 0.68 0.87 19.51
N GLY A 77 0.69 -0.30 20.12
CA GLY A 77 -0.17 -0.55 21.27
C GLY A 77 0.18 0.38 22.42
N PRO A 78 -0.84 0.64 23.29
CA PRO A 78 -0.65 1.50 24.43
C PRO A 78 0.15 0.80 25.54
N SER A 79 0.81 1.60 26.35
CA SER A 79 1.61 1.08 27.44
C SER A 79 0.70 0.54 28.55
N SER A 80 1.28 -0.31 29.38
CA SER A 80 0.53 -0.90 30.48
C SER A 80 0.49 0.06 31.66
N GLY A 81 1.59 0.78 31.83
CA GLY A 81 1.70 1.74 32.92
C GLY A 81 2.60 2.91 32.53
N GLY A 1 11.95 19.32 -9.90
CA GLY A 1 10.82 18.41 -9.93
C GLY A 1 9.50 19.16 -9.73
N SER A 2 8.70 19.17 -10.79
CA SER A 2 7.41 19.84 -10.74
C SER A 2 6.28 18.83 -10.96
N SER A 3 5.85 18.22 -9.87
CA SER A 3 4.79 17.23 -9.94
C SER A 3 3.52 17.87 -10.52
N GLY A 4 3.24 17.52 -11.77
CA GLY A 4 2.07 18.04 -12.45
C GLY A 4 1.43 16.98 -13.35
N SER A 5 1.95 16.89 -14.57
CA SER A 5 1.44 15.92 -15.53
C SER A 5 2.29 15.95 -16.79
N SER A 6 3.22 14.99 -16.87
CA SER A 6 4.11 14.90 -18.02
C SER A 6 3.74 13.66 -18.85
N GLY A 7 3.81 12.51 -18.20
CA GLY A 7 3.49 11.26 -18.86
C GLY A 7 2.37 10.52 -18.13
N PRO A 8 1.84 9.47 -18.81
CA PRO A 8 0.76 8.68 -18.24
C PRO A 8 1.28 7.74 -17.14
N ASP A 9 1.44 8.31 -15.96
CA ASP A 9 1.94 7.54 -14.82
C ASP A 9 1.24 8.02 -13.55
N ALA A 10 0.34 7.19 -13.07
CA ALA A 10 -0.40 7.51 -11.86
C ALA A 10 0.57 7.93 -10.76
N ASP A 11 0.43 9.18 -10.34
CA ASP A 11 1.30 9.72 -9.30
C ASP A 11 1.51 8.66 -8.22
N PRO A 12 2.70 8.73 -7.56
CA PRO A 12 3.04 7.79 -6.51
C PRO A 12 2.26 8.10 -5.23
N VAL A 13 2.52 9.30 -4.70
CA VAL A 13 1.86 9.73 -3.48
C VAL A 13 0.39 9.31 -3.53
N GLU A 14 -0.27 9.70 -4.61
CA GLU A 14 -1.67 9.38 -4.78
C GLU A 14 -1.91 7.90 -4.51
N ILE A 15 -1.21 7.07 -5.27
CA ILE A 15 -1.33 5.63 -5.11
C ILE A 15 -1.21 5.26 -3.64
N GLU A 16 -0.18 5.80 -3.00
CA GLU A 16 0.05 5.53 -1.60
C GLU A 16 -1.16 5.96 -0.77
N ASN A 17 -1.50 7.23 -0.88
CA ASN A 17 -2.63 7.77 -0.15
C ASN A 17 -3.79 6.78 -0.19
N ARG A 18 -3.96 6.17 -1.36
CA ARG A 18 -5.03 5.20 -1.55
C ARG A 18 -4.88 4.05 -0.54
N ILE A 19 -3.69 3.45 -0.55
CA ILE A 19 -3.42 2.35 0.35
C ILE A 19 -3.74 2.78 1.79
N ILE A 20 -3.46 4.03 2.07
CA ILE A 20 -3.71 4.57 3.40
C ILE A 20 -5.22 4.49 3.69
N GLU A 21 -6.00 4.95 2.74
CA GLU A 21 -7.45 4.94 2.88
C GLU A 21 -7.94 3.51 3.12
N LEU A 22 -7.25 2.57 2.49
CA LEU A 22 -7.61 1.17 2.64
C LEU A 22 -7.18 0.67 4.01
N CYS A 23 -5.93 0.93 4.35
CA CYS A 23 -5.38 0.51 5.62
C CYS A 23 -6.34 0.98 6.73
N HIS A 24 -7.00 2.10 6.46
CA HIS A 24 -7.94 2.66 7.41
C HIS A 24 -9.24 1.85 7.39
N GLN A 25 -9.70 1.59 6.17
CA GLN A 25 -10.93 0.83 5.99
C GLN A 25 -10.78 -0.56 6.61
N PHE A 26 -9.59 -1.11 6.48
CA PHE A 26 -9.31 -2.43 7.01
C PHE A 26 -8.22 -2.37 8.09
N PRO A 27 -8.67 -2.50 9.37
CA PRO A 27 -7.75 -2.46 10.48
C PRO A 27 -6.96 -3.77 10.60
N HIS A 28 -7.55 -4.82 10.05
CA HIS A 28 -6.93 -6.13 10.09
C HIS A 28 -5.76 -6.16 9.09
N GLY A 29 -5.99 -5.54 7.95
CA GLY A 29 -4.98 -5.48 6.91
C GLY A 29 -5.59 -5.76 5.53
N ILE A 30 -4.77 -5.58 4.50
CA ILE A 30 -5.21 -5.80 3.14
C ILE A 30 -4.14 -6.58 2.38
N THR A 31 -4.61 -7.48 1.52
CA THR A 31 -3.71 -8.29 0.72
C THR A 31 -3.56 -7.71 -0.69
N ASP A 32 -2.45 -8.05 -1.32
CA ASP A 32 -2.18 -7.58 -2.66
C ASP A 32 -3.43 -7.75 -3.53
N GLN A 33 -4.07 -8.90 -3.36
CA GLN A 33 -5.27 -9.20 -4.10
C GLN A 33 -6.27 -8.04 -4.01
N VAL A 34 -6.51 -7.61 -2.76
CA VAL A 34 -7.44 -6.52 -2.52
C VAL A 34 -7.06 -5.33 -3.40
N ILE A 35 -5.95 -4.69 -3.03
CA ILE A 35 -5.46 -3.54 -3.77
C ILE A 35 -5.60 -3.80 -5.27
N GLN A 36 -5.50 -5.08 -5.62
CA GLN A 36 -5.61 -5.48 -7.01
C GLN A 36 -7.01 -5.19 -7.54
N ASN A 37 -8.00 -5.62 -6.77
CA ASN A 37 -9.39 -5.41 -7.15
C ASN A 37 -9.75 -3.93 -6.95
N GLU A 38 -8.97 -3.27 -6.11
CA GLU A 38 -9.20 -1.86 -5.82
C GLU A 38 -8.56 -1.00 -6.91
N MET A 39 -7.36 -1.40 -7.31
CA MET A 39 -6.63 -0.67 -8.33
C MET A 39 -5.87 -1.63 -9.25
N PRO A 40 -6.64 -2.36 -10.10
CA PRO A 40 -6.06 -3.31 -11.02
C PRO A 40 -5.39 -2.59 -12.20
N HIS A 41 -5.49 -1.26 -12.17
CA HIS A 41 -4.91 -0.45 -13.22
C HIS A 41 -3.47 -0.12 -12.88
N ILE A 42 -3.19 -0.12 -11.57
CA ILE A 42 -1.85 0.18 -11.10
C ILE A 42 -0.87 -0.87 -11.64
N GLU A 43 0.36 -0.43 -11.85
CA GLU A 43 1.40 -1.32 -12.35
C GLU A 43 1.94 -2.19 -11.23
N ALA A 44 2.67 -3.23 -11.62
CA ALA A 44 3.26 -4.14 -10.66
C ALA A 44 4.28 -3.39 -9.80
N GLN A 45 5.06 -2.54 -10.47
CA GLN A 45 6.07 -1.76 -9.78
C GLN A 45 5.41 -0.61 -9.00
N GLN A 46 4.42 0.00 -9.64
CA GLN A 46 3.72 1.10 -9.02
C GLN A 46 3.03 0.65 -7.73
N ARG A 47 2.44 -0.53 -7.79
CA ARG A 47 1.76 -1.10 -6.63
C ARG A 47 2.76 -1.34 -5.49
N ALA A 48 3.84 -2.03 -5.84
CA ALA A 48 4.87 -2.33 -4.86
C ALA A 48 5.47 -1.03 -4.33
N VAL A 49 5.94 -0.21 -5.27
CA VAL A 49 6.55 1.05 -4.92
C VAL A 49 5.73 1.70 -3.79
N ALA A 50 4.50 2.05 -4.12
CA ALA A 50 3.61 2.69 -3.16
C ALA A 50 3.69 1.92 -1.84
N ILE A 51 3.55 0.60 -1.94
CA ILE A 51 3.59 -0.25 -0.76
C ILE A 51 4.91 -0.02 -0.02
N ASN A 52 6.00 -0.34 -0.70
CA ASN A 52 7.33 -0.17 -0.12
C ASN A 52 7.42 1.20 0.53
N ARG A 53 7.21 2.22 -0.28
CA ARG A 53 7.27 3.60 0.20
C ARG A 53 6.57 3.71 1.56
N LEU A 54 5.30 3.32 1.57
CA LEU A 54 4.52 3.37 2.79
C LEU A 54 5.24 2.59 3.88
N LEU A 55 5.59 1.35 3.56
CA LEU A 55 6.29 0.49 4.50
C LEU A 55 7.42 1.28 5.17
N SER A 56 8.19 1.97 4.33
CA SER A 56 9.30 2.76 4.82
C SER A 56 8.79 4.01 5.52
N MET A 57 8.06 4.82 4.76
CA MET A 57 7.50 6.05 5.29
C MET A 57 7.04 5.86 6.74
N GLY A 58 6.55 4.65 7.02
CA GLY A 58 6.08 4.33 8.35
C GLY A 58 4.57 4.57 8.46
N GLN A 59 3.91 4.55 7.31
CA GLN A 59 2.47 4.75 7.27
C GLN A 59 1.74 3.42 7.12
N LEU A 60 2.42 2.48 6.49
CA LEU A 60 1.85 1.16 6.27
C LEU A 60 2.62 0.14 7.10
N ASP A 61 1.92 -0.90 7.52
CA ASP A 61 2.52 -1.96 8.31
C ASP A 61 2.39 -3.30 7.56
N LEU A 62 3.53 -3.89 7.28
CA LEU A 62 3.56 -5.17 6.58
C LEU A 62 3.44 -6.31 7.60
N LEU A 63 2.38 -7.09 7.44
CA LEU A 63 2.15 -8.22 8.33
C LEU A 63 2.18 -9.52 7.52
N ARG A 64 3.25 -10.27 7.72
CA ARG A 64 3.40 -11.54 7.03
C ARG A 64 2.50 -12.60 7.64
N SER A 65 1.44 -12.93 6.92
CA SER A 65 0.50 -13.93 7.39
C SER A 65 0.49 -15.12 6.43
N ASN A 66 -0.30 -16.12 6.79
CA ASN A 66 -0.40 -17.33 5.99
C ASN A 66 -0.72 -16.94 4.54
N THR A 67 0.18 -17.35 3.65
CA THR A 67 0.01 -17.05 2.23
C THR A 67 0.05 -15.54 2.00
N GLY A 68 1.03 -15.13 1.21
CA GLY A 68 1.20 -13.72 0.89
C GLY A 68 1.42 -12.89 2.16
N LEU A 69 1.44 -11.58 1.98
CA LEU A 69 1.65 -10.68 3.10
C LEU A 69 0.38 -9.84 3.31
N LEU A 70 0.32 -9.21 4.47
CA LEU A 70 -0.83 -8.37 4.81
C LEU A 70 -0.35 -6.93 5.04
N TYR A 71 -1.24 -6.00 4.74
CA TYR A 71 -0.93 -4.59 4.92
C TYR A 71 -2.02 -3.89 5.71
N ARG A 72 -1.63 -3.35 6.86
CA ARG A 72 -2.56 -2.64 7.72
C ARG A 72 -2.00 -1.28 8.12
N ILE A 73 -2.78 -0.54 8.89
CA ILE A 73 -2.38 0.78 9.34
C ILE A 73 -1.27 0.63 10.39
N LYS A 74 -0.18 1.35 10.15
CA LYS A 74 0.95 1.30 11.06
C LYS A 74 0.52 1.83 12.43
N ASP A 75 0.97 1.14 13.47
CA ASP A 75 0.64 1.52 14.83
C ASP A 75 1.48 0.69 15.80
N SER A 76 1.42 1.10 17.06
CA SER A 76 2.17 0.41 18.11
C SER A 76 3.67 0.53 17.84
N GLY A 77 4.27 1.55 18.45
CA GLY A 77 5.69 1.79 18.29
C GLY A 77 6.18 2.85 19.28
N PRO A 78 7.49 2.76 19.61
CA PRO A 78 8.10 3.70 20.53
C PRO A 78 8.31 5.07 19.87
N SER A 79 9.07 5.05 18.79
CA SER A 79 9.35 6.28 18.06
C SER A 79 8.05 6.96 17.65
N SER A 80 8.00 8.27 17.88
CA SER A 80 6.82 9.04 17.54
C SER A 80 6.87 9.45 16.07
N GLY A 81 5.75 9.23 15.39
CA GLY A 81 5.65 9.57 13.98
C GLY A 81 5.03 8.41 13.19
N GLY A 1 7.18 16.58 -28.63
CA GLY A 1 6.71 17.47 -27.58
C GLY A 1 5.60 16.81 -26.76
N SER A 2 4.50 16.54 -27.44
CA SER A 2 3.36 15.91 -26.80
C SER A 2 2.84 14.76 -27.65
N SER A 3 2.33 13.74 -26.98
CA SER A 3 1.79 12.58 -27.67
C SER A 3 1.12 11.65 -26.66
N GLY A 4 1.91 11.11 -25.76
CA GLY A 4 1.40 10.21 -24.74
C GLY A 4 2.34 9.02 -24.54
N SER A 5 3.36 9.24 -23.72
CA SER A 5 4.34 8.20 -23.44
C SER A 5 4.26 7.81 -21.96
N SER A 6 5.08 6.83 -21.61
CA SER A 6 5.11 6.34 -20.23
C SER A 6 5.63 7.44 -19.31
N GLY A 7 5.28 7.31 -18.04
CA GLY A 7 5.70 8.28 -17.04
C GLY A 7 4.54 8.67 -16.13
N PRO A 8 3.64 9.53 -16.68
CA PRO A 8 2.48 9.98 -15.92
C PRO A 8 1.42 8.88 -15.81
N ASP A 9 1.76 7.85 -15.06
CA ASP A 9 0.86 6.73 -14.87
C ASP A 9 0.46 6.64 -13.39
N ALA A 10 -0.67 7.27 -13.07
CA ALA A 10 -1.16 7.27 -11.71
C ALA A 10 -0.07 7.78 -10.77
N ASP A 11 -0.19 9.04 -10.40
CA ASP A 11 0.78 9.66 -9.52
C ASP A 11 1.08 8.70 -8.35
N PRO A 12 2.28 8.91 -7.75
CA PRO A 12 2.70 8.07 -6.63
C PRO A 12 1.95 8.44 -5.35
N VAL A 13 2.15 9.69 -4.93
CA VAL A 13 1.50 10.18 -3.73
C VAL A 13 0.06 9.67 -3.67
N GLU A 14 -0.65 9.92 -4.77
CA GLU A 14 -2.04 9.49 -4.87
C GLU A 14 -2.16 8.01 -4.52
N ILE A 15 -1.45 7.20 -5.28
CA ILE A 15 -1.47 5.76 -5.07
C ILE A 15 -1.33 5.47 -3.57
N GLU A 16 -0.22 5.91 -3.01
CA GLU A 16 0.04 5.71 -1.60
C GLU A 16 -1.19 6.05 -0.77
N ASN A 17 -1.67 7.27 -0.96
CA ASN A 17 -2.85 7.74 -0.23
C ASN A 17 -3.91 6.66 -0.27
N ARG A 18 -4.29 6.27 -1.48
CA ARG A 18 -5.31 5.25 -1.66
C ARG A 18 -5.09 4.10 -0.67
N ILE A 19 -3.84 3.67 -0.58
CA ILE A 19 -3.48 2.59 0.31
C ILE A 19 -3.83 2.99 1.75
N ILE A 20 -3.51 4.24 2.07
CA ILE A 20 -3.77 4.76 3.40
C ILE A 20 -5.26 4.62 3.71
N GLU A 21 -6.08 5.00 2.74
CA GLU A 21 -7.52 4.92 2.89
C GLU A 21 -7.95 3.47 3.12
N LEU A 22 -7.25 2.57 2.45
CA LEU A 22 -7.55 1.15 2.57
C LEU A 22 -7.06 0.64 3.93
N CYS A 23 -5.79 0.91 4.21
CA CYS A 23 -5.19 0.49 5.46
C CYS A 23 -6.10 0.94 6.61
N HIS A 24 -6.80 2.04 6.37
CA HIS A 24 -7.70 2.59 7.36
C HIS A 24 -9.03 1.84 7.31
N GLN A 25 -9.46 1.54 6.09
CA GLN A 25 -10.71 0.83 5.89
C GLN A 25 -10.62 -0.57 6.49
N PHE A 26 -9.42 -1.12 6.45
CA PHE A 26 -9.19 -2.46 6.98
C PHE A 26 -8.17 -2.42 8.13
N PRO A 27 -8.70 -2.58 9.38
CA PRO A 27 -7.85 -2.57 10.55
C PRO A 27 -7.08 -3.88 10.68
N HIS A 28 -7.59 -4.92 10.03
CA HIS A 28 -6.96 -6.21 10.06
C HIS A 28 -5.80 -6.25 9.06
N GLY A 29 -6.02 -5.59 7.93
CA GLY A 29 -5.01 -5.53 6.89
C GLY A 29 -5.63 -5.79 5.51
N ILE A 30 -4.82 -5.60 4.48
CA ILE A 30 -5.26 -5.80 3.12
C ILE A 30 -4.23 -6.63 2.36
N THR A 31 -4.72 -7.50 1.50
CA THR A 31 -3.86 -8.35 0.71
C THR A 31 -3.64 -7.75 -0.69
N ASP A 32 -2.48 -8.03 -1.25
CA ASP A 32 -2.14 -7.53 -2.57
C ASP A 32 -3.31 -7.78 -3.52
N GLN A 33 -4.10 -8.79 -3.18
CA GLN A 33 -5.25 -9.14 -3.99
C GLN A 33 -6.29 -8.02 -3.97
N VAL A 34 -6.55 -7.52 -2.77
CA VAL A 34 -7.52 -6.45 -2.58
C VAL A 34 -7.11 -5.26 -3.45
N ILE A 35 -6.01 -4.63 -3.05
CA ILE A 35 -5.51 -3.48 -3.78
C ILE A 35 -5.65 -3.74 -5.29
N GLN A 36 -5.49 -4.99 -5.65
CA GLN A 36 -5.59 -5.38 -7.05
C GLN A 36 -6.99 -5.07 -7.59
N ASN A 37 -7.99 -5.55 -6.86
CA ASN A 37 -9.36 -5.33 -7.25
C ASN A 37 -9.73 -3.86 -7.05
N GLU A 38 -8.90 -3.17 -6.26
CA GLU A 38 -9.12 -1.77 -5.99
C GLU A 38 -8.49 -0.91 -7.09
N MET A 39 -7.27 -1.26 -7.45
CA MET A 39 -6.56 -0.53 -8.48
C MET A 39 -5.75 -1.49 -9.36
N PRO A 40 -6.50 -2.26 -10.20
CA PRO A 40 -5.87 -3.22 -11.09
C PRO A 40 -5.23 -2.51 -12.28
N HIS A 41 -5.39 -1.20 -12.30
CA HIS A 41 -4.84 -0.39 -13.38
C HIS A 41 -3.42 0.06 -13.01
N ILE A 42 -3.06 -0.19 -11.76
CA ILE A 42 -1.75 0.19 -11.27
C ILE A 42 -0.72 -0.82 -11.79
N GLU A 43 0.53 -0.36 -11.87
CA GLU A 43 1.61 -1.20 -12.34
C GLU A 43 2.13 -2.08 -11.20
N ALA A 44 2.58 -3.27 -11.59
CA ALA A 44 3.10 -4.21 -10.61
C ALA A 44 4.20 -3.55 -9.79
N GLN A 45 4.97 -2.69 -10.47
CA GLN A 45 6.05 -1.98 -9.83
C GLN A 45 5.51 -0.81 -9.01
N GLN A 46 4.42 -0.24 -9.51
CA GLN A 46 3.79 0.89 -8.85
C GLN A 46 3.19 0.46 -7.51
N ARG A 47 2.30 -0.52 -7.59
CA ARG A 47 1.64 -1.04 -6.41
C ARG A 47 2.68 -1.36 -5.32
N ALA A 48 3.75 -2.01 -5.76
CA ALA A 48 4.81 -2.39 -4.84
C ALA A 48 5.49 -1.13 -4.31
N VAL A 49 5.98 -0.32 -5.24
CA VAL A 49 6.65 0.93 -4.87
C VAL A 49 5.89 1.59 -3.72
N ALA A 50 4.64 1.92 -3.99
CA ALA A 50 3.80 2.55 -2.99
C ALA A 50 3.92 1.79 -1.67
N ILE A 51 3.73 0.48 -1.76
CA ILE A 51 3.81 -0.37 -0.58
C ILE A 51 5.15 -0.14 0.11
N ASN A 52 6.22 -0.47 -0.60
CA ASN A 52 7.56 -0.30 -0.07
C ASN A 52 7.68 1.08 0.59
N ARG A 53 7.27 2.10 -0.16
CA ARG A 53 7.32 3.45 0.35
C ARG A 53 6.60 3.55 1.69
N LEU A 54 5.31 3.26 1.67
CA LEU A 54 4.50 3.31 2.87
C LEU A 54 5.15 2.45 3.96
N LEU A 55 5.71 1.33 3.52
CA LEU A 55 6.37 0.41 4.44
C LEU A 55 7.52 1.14 5.14
N SER A 56 8.26 1.90 4.35
CA SER A 56 9.39 2.64 4.88
C SER A 56 8.89 3.91 5.60
N MET A 57 8.23 4.76 4.84
CA MET A 57 7.69 5.99 5.38
C MET A 57 7.13 5.78 6.78
N GLY A 58 6.64 4.58 7.02
CA GLY A 58 6.08 4.22 8.31
C GLY A 58 4.57 4.49 8.34
N GLN A 59 3.98 4.55 7.15
CA GLN A 59 2.56 4.80 7.02
C GLN A 59 1.80 3.47 6.91
N LEU A 60 2.48 2.48 6.37
CA LEU A 60 1.88 1.17 6.19
C LEU A 60 2.59 0.16 7.11
N ASP A 61 1.85 -0.86 7.50
CA ASP A 61 2.40 -1.88 8.37
C ASP A 61 2.26 -3.25 7.69
N LEU A 62 3.40 -3.91 7.53
CA LEU A 62 3.42 -5.21 6.89
C LEU A 62 3.17 -6.30 7.95
N LEU A 63 2.44 -7.33 7.54
CA LEU A 63 2.13 -8.42 8.44
C LEU A 63 2.16 -9.74 7.66
N ARG A 64 3.21 -10.50 7.88
CA ARG A 64 3.37 -11.77 7.21
C ARG A 64 2.46 -12.83 7.84
N SER A 65 1.42 -13.19 7.10
CA SER A 65 0.48 -14.19 7.59
C SER A 65 0.68 -15.50 6.83
N ASN A 66 0.13 -15.56 5.63
CA ASN A 66 0.24 -16.75 4.81
C ASN A 66 -0.12 -16.40 3.37
N THR A 67 0.29 -17.27 2.45
CA THR A 67 0.02 -17.07 1.05
C THR A 67 0.27 -15.62 0.66
N GLY A 68 1.40 -15.10 1.11
CA GLY A 68 1.77 -13.73 0.82
C GLY A 68 1.91 -12.91 2.11
N LEU A 69 1.81 -11.59 1.96
CA LEU A 69 1.94 -10.70 3.10
C LEU A 69 0.67 -9.86 3.21
N LEU A 70 0.52 -9.23 4.37
CA LEU A 70 -0.65 -8.39 4.62
C LEU A 70 -0.19 -6.95 4.81
N TYR A 71 -1.14 -6.03 4.65
CA TYR A 71 -0.85 -4.61 4.81
C TYR A 71 -1.95 -3.91 5.61
N ARG A 72 -1.54 -3.31 6.71
CA ARG A 72 -2.48 -2.61 7.56
C ARG A 72 -1.89 -1.26 8.00
N ILE A 73 -2.70 -0.51 8.73
CA ILE A 73 -2.27 0.80 9.21
C ILE A 73 -1.23 0.62 10.31
N LYS A 74 -0.12 1.33 10.16
CA LYS A 74 0.95 1.26 11.13
C LYS A 74 0.50 1.88 12.45
N ASP A 75 0.96 1.29 13.54
CA ASP A 75 0.61 1.77 14.87
C ASP A 75 0.85 3.27 14.94
N SER A 76 -0.24 4.02 14.95
CA SER A 76 -0.16 5.47 15.03
C SER A 76 -1.25 6.02 15.96
N GLY A 77 -1.07 7.26 16.35
CA GLY A 77 -2.03 7.91 17.24
C GLY A 77 -1.50 9.26 17.73
N PRO A 78 -2.46 10.15 18.10
CA PRO A 78 -2.09 11.47 18.59
C PRO A 78 -1.55 11.40 20.02
N SER A 79 -0.64 12.32 20.32
CA SER A 79 -0.05 12.38 21.64
C SER A 79 -0.42 13.68 22.34
N SER A 80 -0.64 13.59 23.64
CA SER A 80 -1.01 14.75 24.43
C SER A 80 0.21 15.64 24.65
N GLY A 81 0.41 16.57 23.74
CA GLY A 81 1.54 17.48 23.82
C GLY A 81 2.82 16.84 23.27
N GLY A 1 -5.99 17.63 -8.92
CA GLY A 1 -5.73 16.28 -8.46
C GLY A 1 -5.09 15.43 -9.55
N SER A 2 -5.95 14.90 -10.41
CA SER A 2 -5.49 14.07 -11.52
C SER A 2 -6.50 14.11 -12.67
N SER A 3 -6.00 13.83 -13.86
CA SER A 3 -6.84 13.84 -15.04
C SER A 3 -6.44 12.70 -15.98
N GLY A 4 -7.43 12.10 -16.61
CA GLY A 4 -7.20 10.99 -17.53
C GLY A 4 -7.99 9.76 -17.12
N SER A 5 -7.77 8.69 -17.87
CA SER A 5 -8.46 7.43 -17.60
C SER A 5 -7.90 6.32 -18.49
N SER A 6 -7.67 5.18 -17.86
CA SER A 6 -7.13 4.04 -18.59
C SER A 6 -5.79 4.40 -19.22
N GLY A 7 -4.72 3.92 -18.59
CA GLY A 7 -3.38 4.19 -19.08
C GLY A 7 -2.37 4.17 -17.94
N PRO A 8 -1.08 3.93 -18.31
CA PRO A 8 -0.01 3.88 -17.33
C PRO A 8 0.36 5.29 -16.85
N ASP A 9 -0.55 5.88 -16.10
CA ASP A 9 -0.34 7.21 -15.57
C ASP A 9 -1.10 7.38 -14.26
N ALA A 10 -0.39 7.22 -13.16
CA ALA A 10 -0.98 7.34 -11.84
C ALA A 10 0.06 7.85 -10.86
N ASP A 11 -0.05 9.12 -10.52
CA ASP A 11 0.87 9.74 -9.58
C ASP A 11 1.17 8.76 -8.45
N PRO A 12 2.36 8.97 -7.81
CA PRO A 12 2.78 8.12 -6.71
C PRO A 12 1.98 8.44 -5.43
N VAL A 13 2.12 9.68 -4.99
CA VAL A 13 1.44 10.12 -3.79
C VAL A 13 0.03 9.54 -3.78
N GLU A 14 -0.69 9.77 -4.86
CA GLU A 14 -2.05 9.27 -4.98
C GLU A 14 -2.10 7.79 -4.63
N ILE A 15 -1.39 7.00 -5.43
CA ILE A 15 -1.35 5.56 -5.21
C ILE A 15 -1.23 5.27 -3.72
N GLU A 16 -0.17 5.80 -3.13
CA GLU A 16 0.07 5.62 -1.71
C GLU A 16 -1.20 5.90 -0.91
N ASN A 17 -1.66 7.14 -1.01
CA ASN A 17 -2.86 7.55 -0.31
C ASN A 17 -3.90 6.42 -0.38
N ARG A 18 -4.20 6.02 -1.60
CA ARG A 18 -5.18 4.96 -1.81
C ARG A 18 -4.98 3.84 -0.79
N ILE A 19 -3.73 3.41 -0.67
CA ILE A 19 -3.39 2.35 0.27
C ILE A 19 -3.78 2.78 1.68
N ILE A 20 -3.45 4.02 2.01
CA ILE A 20 -3.76 4.57 3.31
C ILE A 20 -5.27 4.44 3.57
N GLU A 21 -6.04 5.05 2.68
CA GLU A 21 -7.49 5.02 2.80
C GLU A 21 -7.96 3.58 3.06
N LEU A 22 -7.27 2.64 2.44
CA LEU A 22 -7.61 1.23 2.60
C LEU A 22 -7.16 0.76 3.99
N CYS A 23 -5.87 0.92 4.24
CA CYS A 23 -5.30 0.52 5.52
C CYS A 23 -6.22 1.03 6.64
N HIS A 24 -6.85 2.17 6.36
CA HIS A 24 -7.75 2.77 7.33
C HIS A 24 -9.07 1.98 7.37
N GLN A 25 -9.55 1.65 6.19
CA GLN A 25 -10.80 0.90 6.07
C GLN A 25 -10.63 -0.49 6.70
N PHE A 26 -9.43 -1.04 6.56
CA PHE A 26 -9.14 -2.35 7.11
C PHE A 26 -7.99 -2.28 8.12
N PRO A 27 -8.37 -2.36 9.42
CA PRO A 27 -7.38 -2.31 10.48
C PRO A 27 -6.62 -3.63 10.59
N HIS A 28 -7.24 -4.69 10.09
CA HIS A 28 -6.63 -6.00 10.12
C HIS A 28 -5.52 -6.07 9.07
N GLY A 29 -5.75 -5.40 7.95
CA GLY A 29 -4.79 -5.38 6.87
C GLY A 29 -5.45 -5.71 5.54
N ILE A 30 -4.67 -5.56 4.47
CA ILE A 30 -5.18 -5.84 3.14
C ILE A 30 -4.14 -6.68 2.38
N THR A 31 -4.63 -7.42 1.40
CA THR A 31 -3.76 -8.26 0.60
C THR A 31 -3.66 -7.71 -0.83
N ASP A 32 -2.56 -8.08 -1.48
CA ASP A 32 -2.34 -7.62 -2.85
C ASP A 32 -3.66 -7.67 -3.63
N GLN A 33 -4.30 -8.82 -3.60
CA GLN A 33 -5.56 -9.01 -4.29
C GLN A 33 -6.48 -7.80 -4.04
N VAL A 34 -6.71 -7.54 -2.75
CA VAL A 34 -7.57 -6.44 -2.37
C VAL A 34 -7.16 -5.18 -3.15
N ILE A 35 -6.00 -4.67 -2.82
CA ILE A 35 -5.49 -3.48 -3.48
C ILE A 35 -5.62 -3.65 -4.98
N GLN A 36 -5.64 -4.90 -5.41
CA GLN A 36 -5.76 -5.22 -6.82
C GLN A 36 -7.18 -4.95 -7.31
N ASN A 37 -8.14 -5.57 -6.63
CA ASN A 37 -9.54 -5.41 -6.97
C ASN A 37 -9.95 -3.95 -6.74
N GLU A 38 -9.13 -3.25 -5.98
CA GLU A 38 -9.39 -1.86 -5.66
C GLU A 38 -8.67 -0.94 -6.65
N MET A 39 -7.40 -1.25 -6.87
CA MET A 39 -6.59 -0.46 -7.79
C MET A 39 -5.80 -1.37 -8.73
N PRO A 40 -6.55 -2.06 -9.63
CA PRO A 40 -5.93 -2.97 -10.58
C PRO A 40 -5.25 -2.18 -11.71
N HIS A 41 -5.49 -0.88 -11.72
CA HIS A 41 -4.91 -0.01 -12.72
C HIS A 41 -3.49 0.38 -12.31
N ILE A 42 -3.05 -0.20 -11.20
CA ILE A 42 -1.72 0.08 -10.68
C ILE A 42 -0.73 -0.93 -11.26
N GLU A 43 0.47 -0.44 -11.55
CA GLU A 43 1.51 -1.28 -12.10
C GLU A 43 2.08 -2.21 -11.03
N ALA A 44 2.74 -3.27 -11.48
CA ALA A 44 3.32 -4.23 -10.56
C ALA A 44 4.36 -3.51 -9.68
N GLN A 45 5.11 -2.62 -10.31
CA GLN A 45 6.13 -1.87 -9.61
C GLN A 45 5.49 -0.73 -8.80
N GLN A 46 4.55 -0.06 -9.44
CA GLN A 46 3.85 1.05 -8.81
C GLN A 46 3.16 0.58 -7.54
N ARG A 47 2.55 -0.60 -7.63
CA ARG A 47 1.84 -1.17 -6.49
C ARG A 47 2.81 -1.42 -5.34
N ALA A 48 3.94 -2.04 -5.67
CA ALA A 48 4.95 -2.35 -4.67
C ALA A 48 5.60 -1.05 -4.20
N VAL A 49 6.07 -0.27 -5.18
CA VAL A 49 6.72 0.99 -4.88
C VAL A 49 5.95 1.69 -3.75
N ALA A 50 4.72 2.06 -4.05
CA ALA A 50 3.88 2.73 -3.08
C ALA A 50 3.97 2.01 -1.74
N ILE A 51 3.74 0.71 -1.79
CA ILE A 51 3.80 -0.11 -0.58
C ILE A 51 5.14 0.11 0.11
N ASN A 52 6.21 -0.25 -0.59
CA ASN A 52 7.55 -0.11 -0.04
C ASN A 52 7.67 1.26 0.62
N ARG A 53 7.26 2.29 -0.11
CA ARG A 53 7.32 3.65 0.40
C ARG A 53 6.61 3.73 1.75
N LEU A 54 5.32 3.46 1.73
CA LEU A 54 4.52 3.51 2.94
C LEU A 54 5.20 2.69 4.03
N LEU A 55 5.55 1.46 3.67
CA LEU A 55 6.22 0.57 4.60
C LEU A 55 7.28 1.35 5.38
N SER A 56 8.31 1.77 4.66
CA SER A 56 9.40 2.52 5.27
C SER A 56 8.85 3.81 5.88
N MET A 57 8.24 4.62 5.02
CA MET A 57 7.67 5.88 5.46
C MET A 57 7.07 5.76 6.86
N GLY A 58 6.38 4.65 7.07
CA GLY A 58 5.74 4.40 8.36
C GLY A 58 4.23 4.65 8.28
N GLN A 59 3.72 4.60 7.06
CA GLN A 59 2.30 4.82 6.85
C GLN A 59 1.59 3.49 6.60
N LEU A 60 2.39 2.46 6.39
CA LEU A 60 1.84 1.13 6.15
C LEU A 60 2.66 0.10 6.93
N ASP A 61 1.95 -0.86 7.51
CA ASP A 61 2.58 -1.90 8.28
C ASP A 61 2.38 -3.24 7.59
N LEU A 62 3.50 -3.90 7.31
CA LEU A 62 3.46 -5.20 6.65
C LEU A 62 3.30 -6.30 7.70
N LEU A 63 2.39 -7.22 7.41
CA LEU A 63 2.12 -8.33 8.31
C LEU A 63 2.14 -9.64 7.52
N ARG A 64 3.14 -10.45 7.81
CA ARG A 64 3.28 -11.73 7.13
C ARG A 64 2.28 -12.74 7.70
N SER A 65 1.26 -13.02 6.89
CA SER A 65 0.22 -13.95 7.30
C SER A 65 0.05 -15.04 6.22
N ASN A 66 -0.70 -16.06 6.59
CA ASN A 66 -0.95 -17.17 5.68
C ASN A 66 -1.25 -16.62 4.29
N THR A 67 -0.58 -17.18 3.30
CA THR A 67 -0.77 -16.76 1.92
C THR A 67 -0.33 -15.30 1.75
N GLY A 68 0.74 -15.13 0.99
CA GLY A 68 1.28 -13.80 0.74
C GLY A 68 1.39 -13.00 2.04
N LEU A 69 1.67 -11.71 1.88
CA LEU A 69 1.82 -10.84 3.03
C LEU A 69 0.57 -9.95 3.15
N LEU A 70 0.44 -9.32 4.30
CA LEU A 70 -0.70 -8.44 4.54
C LEU A 70 -0.20 -7.01 4.75
N TYR A 71 -1.11 -6.07 4.56
CA TYR A 71 -0.78 -4.66 4.71
C TYR A 71 -1.85 -3.93 5.52
N ARG A 72 -1.44 -3.45 6.68
CA ARG A 72 -2.36 -2.73 7.56
C ARG A 72 -1.81 -1.34 7.86
N ILE A 73 -2.58 -0.60 8.65
CA ILE A 73 -2.19 0.75 9.02
C ILE A 73 -0.99 0.68 9.98
N LYS A 74 0.08 1.36 9.61
CA LYS A 74 1.28 1.39 10.41
C LYS A 74 0.98 2.10 11.74
N ASP A 75 0.80 1.32 12.78
CA ASP A 75 0.51 1.86 14.10
C ASP A 75 0.61 0.75 15.14
N SER A 76 1.46 0.98 16.13
CA SER A 76 1.67 0.02 17.19
C SER A 76 0.42 -0.05 18.09
N GLY A 77 -0.34 1.04 18.07
CA GLY A 77 -1.54 1.11 18.87
C GLY A 77 -1.21 1.10 20.37
N PRO A 78 -2.15 1.68 21.17
CA PRO A 78 -1.97 1.75 22.61
C PRO A 78 -2.22 0.37 23.25
N SER A 79 -1.29 -0.01 24.11
CA SER A 79 -1.40 -1.28 24.80
C SER A 79 -1.59 -2.41 23.79
N SER A 80 -0.47 -2.95 23.33
CA SER A 80 -0.50 -4.03 22.36
C SER A 80 0.04 -5.33 22.99
N GLY A 81 -0.88 -6.22 23.30
CA GLY A 81 -0.51 -7.49 23.91
C GLY A 81 -1.68 -8.09 24.70
N GLY A 1 16.98 -0.58 -12.83
CA GLY A 1 15.94 -1.40 -13.46
C GLY A 1 16.46 -2.07 -14.72
N SER A 2 15.59 -2.85 -15.35
CA SER A 2 15.95 -3.55 -16.57
C SER A 2 15.11 -3.03 -17.73
N SER A 3 13.81 -3.14 -17.58
CA SER A 3 12.89 -2.68 -18.62
C SER A 3 11.70 -1.96 -17.98
N GLY A 4 11.63 -0.66 -18.23
CA GLY A 4 10.56 0.16 -17.69
C GLY A 4 10.06 1.16 -18.72
N SER A 5 8.74 1.25 -18.83
CA SER A 5 8.13 2.17 -19.78
C SER A 5 8.42 3.62 -19.37
N SER A 6 8.08 4.53 -20.27
CA SER A 6 8.29 5.95 -20.01
C SER A 6 6.95 6.62 -19.68
N GLY A 7 6.90 7.20 -18.50
CA GLY A 7 5.70 7.88 -18.05
C GLY A 7 5.42 7.61 -16.57
N PRO A 8 4.61 8.51 -15.96
CA PRO A 8 4.26 8.38 -14.55
C PRO A 8 3.23 7.27 -14.35
N ASP A 9 2.09 7.44 -14.99
CA ASP A 9 1.01 6.47 -14.88
C ASP A 9 0.59 6.33 -13.42
N ALA A 10 -0.37 7.16 -13.03
CA ALA A 10 -0.86 7.14 -11.67
C ALA A 10 0.23 7.64 -10.73
N ASP A 11 0.15 8.93 -10.41
CA ASP A 11 1.13 9.54 -9.52
C ASP A 11 1.43 8.58 -8.37
N PRO A 12 2.60 8.82 -7.71
CA PRO A 12 3.01 7.98 -6.60
C PRO A 12 2.20 8.30 -5.34
N VAL A 13 2.34 9.55 -4.89
CA VAL A 13 1.63 9.99 -3.71
C VAL A 13 0.21 9.43 -3.73
N GLU A 14 -0.48 9.67 -4.84
CA GLU A 14 -1.84 9.20 -5.00
C GLU A 14 -1.93 7.71 -4.63
N ILE A 15 -1.19 6.90 -5.37
CA ILE A 15 -1.18 5.47 -5.14
C ILE A 15 -1.11 5.21 -3.64
N GLU A 16 -0.03 5.67 -3.03
CA GLU A 16 0.16 5.49 -1.60
C GLU A 16 -1.10 5.89 -0.84
N ASN A 17 -1.50 7.15 -1.01
CA ASN A 17 -2.68 7.66 -0.36
C ASN A 17 -3.79 6.60 -0.39
N ARG A 18 -4.10 6.16 -1.61
CA ARG A 18 -5.13 5.15 -1.80
C ARG A 18 -4.98 4.04 -0.75
N ILE A 19 -3.79 3.46 -0.71
CA ILE A 19 -3.52 2.40 0.23
C ILE A 19 -3.92 2.84 1.64
N ILE A 20 -3.46 4.03 2.00
CA ILE A 20 -3.78 4.58 3.31
C ILE A 20 -5.27 4.44 3.58
N GLU A 21 -6.05 5.02 2.67
CA GLU A 21 -7.50 4.98 2.79
C GLU A 21 -7.97 3.54 3.05
N LEU A 22 -7.26 2.60 2.44
CA LEU A 22 -7.59 1.20 2.60
C LEU A 22 -7.13 0.72 3.97
N CYS A 23 -5.85 0.91 4.24
CA CYS A 23 -5.28 0.51 5.51
C CYS A 23 -6.17 1.04 6.63
N HIS A 24 -6.86 2.14 6.33
CA HIS A 24 -7.74 2.75 7.30
C HIS A 24 -9.06 1.97 7.36
N GLN A 25 -9.56 1.62 6.19
CA GLN A 25 -10.80 0.87 6.08
C GLN A 25 -10.64 -0.51 6.73
N PHE A 26 -9.44 -1.05 6.60
CA PHE A 26 -9.14 -2.35 7.15
C PHE A 26 -8.00 -2.28 8.16
N PRO A 27 -8.38 -2.35 9.47
CA PRO A 27 -7.40 -2.28 10.53
C PRO A 27 -6.63 -3.59 10.66
N HIS A 28 -7.29 -4.67 10.25
CA HIS A 28 -6.67 -5.99 10.30
C HIS A 28 -5.55 -6.08 9.27
N GLY A 29 -5.84 -5.54 8.09
CA GLY A 29 -4.87 -5.55 7.01
C GLY A 29 -5.55 -5.88 5.67
N ILE A 30 -4.80 -5.66 4.60
CA ILE A 30 -5.32 -5.92 3.26
C ILE A 30 -4.33 -6.83 2.52
N THR A 31 -4.85 -7.49 1.49
CA THR A 31 -4.04 -8.38 0.69
C THR A 31 -3.84 -7.82 -0.72
N ASP A 32 -2.70 -8.15 -1.30
CA ASP A 32 -2.37 -7.68 -2.63
C ASP A 32 -3.62 -7.75 -3.51
N GLN A 33 -4.37 -8.83 -3.32
CA GLN A 33 -5.59 -9.02 -4.09
C GLN A 33 -6.52 -7.82 -3.92
N VAL A 34 -6.86 -7.54 -2.67
CA VAL A 34 -7.74 -6.42 -2.36
C VAL A 34 -7.31 -5.20 -3.18
N ILE A 35 -6.14 -4.68 -2.85
CA ILE A 35 -5.61 -3.52 -3.55
C ILE A 35 -5.73 -3.74 -5.05
N GLN A 36 -5.74 -5.01 -5.44
CA GLN A 36 -5.86 -5.36 -6.84
C GLN A 36 -7.27 -5.07 -7.35
N ASN A 37 -8.24 -5.63 -6.65
CA ASN A 37 -9.63 -5.44 -7.02
C ASN A 37 -10.03 -3.97 -6.78
N GLU A 38 -9.22 -3.30 -5.97
CA GLU A 38 -9.47 -1.91 -5.66
C GLU A 38 -8.76 -1.00 -6.67
N MET A 39 -7.48 -1.26 -6.86
CA MET A 39 -6.69 -0.48 -7.79
C MET A 39 -5.86 -1.39 -8.71
N PRO A 40 -6.59 -2.11 -9.61
CA PRO A 40 -5.94 -3.01 -10.54
C PRO A 40 -5.25 -2.24 -11.66
N HIS A 41 -5.50 -0.94 -11.68
CA HIS A 41 -4.92 -0.08 -12.70
C HIS A 41 -3.50 0.31 -12.27
N ILE A 42 -3.06 -0.26 -11.17
CA ILE A 42 -1.74 0.02 -10.66
C ILE A 42 -0.74 -0.96 -11.27
N GLU A 43 0.47 -0.46 -11.50
CA GLU A 43 1.52 -1.27 -12.09
C GLU A 43 2.14 -2.18 -11.01
N ALA A 44 2.67 -3.31 -11.48
CA ALA A 44 3.29 -4.26 -10.58
C ALA A 44 4.36 -3.56 -9.75
N GLN A 45 5.08 -2.65 -10.40
CA GLN A 45 6.13 -1.90 -9.73
C GLN A 45 5.52 -0.78 -8.89
N GLN A 46 4.56 -0.08 -9.48
CA GLN A 46 3.90 1.01 -8.79
C GLN A 46 3.22 0.50 -7.52
N ARG A 47 2.63 -0.67 -7.63
CA ARG A 47 1.95 -1.27 -6.50
C ARG A 47 2.94 -1.53 -5.36
N ALA A 48 4.13 -1.95 -5.74
CA ALA A 48 5.17 -2.23 -4.76
C ALA A 48 5.76 -0.91 -4.25
N VAL A 49 6.15 -0.08 -5.19
CA VAL A 49 6.74 1.22 -4.86
C VAL A 49 5.93 1.85 -3.73
N ALA A 50 4.70 2.21 -4.05
CA ALA A 50 3.82 2.83 -3.06
C ALA A 50 3.88 2.03 -1.75
N ILE A 51 3.77 0.71 -1.90
CA ILE A 51 3.82 -0.16 -0.75
C ILE A 51 5.11 0.09 0.03
N ASN A 52 6.22 -0.17 -0.64
CA ASN A 52 7.53 0.02 -0.03
C ASN A 52 7.57 1.39 0.66
N ARG A 53 7.27 2.41 -0.12
CA ARG A 53 7.27 3.76 0.41
C ARG A 53 6.52 3.83 1.74
N LEU A 54 5.26 3.42 1.70
CA LEU A 54 4.44 3.42 2.90
C LEU A 54 5.15 2.62 3.99
N LEU A 55 5.64 1.45 3.62
CA LEU A 55 6.34 0.59 4.56
C LEU A 55 7.43 1.40 5.26
N SER A 56 8.26 2.04 4.45
CA SER A 56 9.35 2.85 4.98
C SER A 56 8.80 4.07 5.71
N MET A 57 8.08 4.89 4.95
CA MET A 57 7.49 6.09 5.52
C MET A 57 6.98 5.85 6.93
N GLY A 58 6.45 4.65 7.14
CA GLY A 58 5.93 4.27 8.44
C GLY A 58 4.41 4.49 8.51
N GLN A 59 3.80 4.54 7.33
CA GLN A 59 2.36 4.75 7.25
C GLN A 59 1.65 3.42 7.04
N LEU A 60 2.40 2.44 6.54
CA LEU A 60 1.85 1.12 6.30
C LEU A 60 2.62 0.09 7.13
N ASP A 61 1.90 -0.93 7.56
CA ASP A 61 2.51 -1.98 8.36
C ASP A 61 2.41 -3.30 7.61
N LEU A 62 3.56 -3.95 7.47
CA LEU A 62 3.62 -5.23 6.77
C LEU A 62 3.35 -6.36 7.77
N LEU A 63 2.51 -7.29 7.34
CA LEU A 63 2.16 -8.42 8.17
C LEU A 63 2.16 -9.70 7.33
N ARG A 64 3.19 -10.50 7.52
CA ARG A 64 3.34 -11.75 6.79
C ARG A 64 2.43 -12.83 7.39
N SER A 65 1.36 -13.13 6.68
CA SER A 65 0.42 -14.13 7.14
C SER A 65 0.70 -15.46 6.45
N ASN A 66 -0.19 -16.42 6.69
CA ASN A 66 -0.04 -17.75 6.10
C ASN A 66 0.42 -17.60 4.65
N THR A 67 -0.48 -17.09 3.82
CA THR A 67 -0.18 -16.89 2.42
C THR A 67 0.56 -15.57 2.20
N GLY A 68 0.27 -14.95 1.07
CA GLY A 68 0.89 -13.67 0.74
C GLY A 68 0.96 -12.76 1.96
N LEU A 69 1.77 -11.71 1.84
CA LEU A 69 1.94 -10.76 2.92
C LEU A 69 0.68 -9.91 3.03
N LEU A 70 0.55 -9.22 4.16
CA LEU A 70 -0.59 -8.37 4.40
C LEU A 70 -0.11 -6.96 4.74
N TYR A 71 -1.02 -6.00 4.56
CA TYR A 71 -0.69 -4.61 4.84
C TYR A 71 -1.84 -3.92 5.57
N ARG A 72 -1.53 -3.39 6.74
CA ARG A 72 -2.52 -2.70 7.55
C ARG A 72 -2.00 -1.33 7.97
N ILE A 73 -2.84 -0.61 8.70
CA ILE A 73 -2.49 0.72 9.18
C ILE A 73 -1.44 0.59 10.28
N LYS A 74 -0.33 1.30 10.08
CA LYS A 74 0.75 1.27 11.06
C LYS A 74 0.25 1.86 12.38
N ASP A 75 0.81 1.33 13.46
CA ASP A 75 0.43 1.78 14.79
C ASP A 75 1.34 1.13 15.84
N SER A 76 1.66 1.89 16.86
CA SER A 76 2.51 1.40 17.93
C SER A 76 2.53 2.40 19.09
N GLY A 77 2.81 3.65 18.75
CA GLY A 77 2.86 4.70 19.76
C GLY A 77 2.81 6.08 19.11
N PRO A 78 2.33 7.07 19.91
CA PRO A 78 2.22 8.43 19.42
C PRO A 78 3.59 9.10 19.36
N SER A 79 3.86 9.74 18.23
CA SER A 79 5.13 10.42 18.03
C SER A 79 4.90 11.93 17.97
N SER A 80 5.03 12.57 19.13
CA SER A 80 4.84 14.00 19.22
C SER A 80 5.83 14.60 20.21
N GLY A 81 6.91 15.16 19.66
CA GLY A 81 7.94 15.77 20.49
C GLY A 81 7.44 17.05 21.14
N GLY A 1 3.61 24.24 -0.05
CA GLY A 1 2.56 23.80 -0.97
C GLY A 1 3.02 22.60 -1.78
N SER A 2 2.42 22.45 -2.94
CA SER A 2 2.75 21.34 -3.84
C SER A 2 1.87 21.39 -5.08
N SER A 3 2.23 20.55 -6.06
CA SER A 3 1.48 20.49 -7.30
C SER A 3 1.74 19.14 -7.99
N GLY A 4 0.68 18.35 -8.06
CA GLY A 4 0.77 17.05 -8.70
C GLY A 4 0.23 17.09 -10.13
N SER A 5 0.42 15.98 -10.83
CA SER A 5 -0.03 15.89 -12.21
C SER A 5 0.28 14.49 -12.76
N SER A 6 -0.33 14.19 -13.90
CA SER A 6 -0.14 12.90 -14.54
C SER A 6 1.36 12.57 -14.59
N GLY A 7 1.74 11.59 -13.79
CA GLY A 7 3.12 11.16 -13.73
C GLY A 7 3.32 9.83 -14.44
N PRO A 8 4.26 9.01 -13.89
CA PRO A 8 4.55 7.71 -14.47
C PRO A 8 3.44 6.70 -14.14
N ASP A 9 2.32 6.85 -14.84
CA ASP A 9 1.19 5.98 -14.64
C ASP A 9 0.68 6.13 -13.20
N ALA A 10 -0.18 7.12 -13.02
CA ALA A 10 -0.74 7.38 -11.70
C ALA A 10 0.38 7.80 -10.75
N ASP A 11 0.28 9.03 -10.26
CA ASP A 11 1.27 9.56 -9.35
C ASP A 11 1.52 8.54 -8.23
N PRO A 12 2.73 8.66 -7.61
CA PRO A 12 3.10 7.76 -6.53
C PRO A 12 2.35 8.10 -5.24
N VAL A 13 2.61 9.30 -4.74
CA VAL A 13 1.97 9.76 -3.52
C VAL A 13 0.51 9.34 -3.53
N GLU A 14 -0.17 9.69 -4.60
CA GLU A 14 -1.58 9.35 -4.75
C GLU A 14 -1.80 7.85 -4.53
N ILE A 15 -1.01 7.07 -5.27
CA ILE A 15 -1.10 5.62 -5.16
C ILE A 15 -1.05 5.21 -3.69
N GLU A 16 -0.18 5.89 -2.95
CA GLU A 16 -0.01 5.61 -1.54
C GLU A 16 -1.26 6.05 -0.76
N ASN A 17 -1.68 7.27 -1.01
CA ASN A 17 -2.86 7.82 -0.35
C ASN A 17 -3.98 6.78 -0.40
N ARG A 18 -4.19 6.23 -1.58
CA ARG A 18 -5.22 5.23 -1.76
C ARG A 18 -5.03 4.07 -0.78
N ILE A 19 -3.79 3.64 -0.67
CA ILE A 19 -3.46 2.54 0.23
C ILE A 19 -3.84 2.93 1.67
N ILE A 20 -3.59 4.20 1.98
CA ILE A 20 -3.90 4.70 3.31
C ILE A 20 -5.39 4.51 3.59
N GLU A 21 -6.20 5.04 2.68
CA GLU A 21 -7.65 4.94 2.82
C GLU A 21 -8.05 3.48 3.05
N LEU A 22 -7.33 2.58 2.40
CA LEU A 22 -7.60 1.17 2.52
C LEU A 22 -7.11 0.67 3.89
N CYS A 23 -5.83 0.89 4.13
CA CYS A 23 -5.21 0.48 5.38
C CYS A 23 -6.10 0.96 6.53
N HIS A 24 -6.79 2.06 6.27
CA HIS A 24 -7.68 2.63 7.27
C HIS A 24 -9.01 1.86 7.28
N GLN A 25 -9.43 1.46 6.10
CA GLN A 25 -10.67 0.72 5.95
C GLN A 25 -10.54 -0.67 6.59
N PHE A 26 -9.32 -1.19 6.54
CA PHE A 26 -9.05 -2.50 7.11
C PHE A 26 -7.99 -2.42 8.20
N PRO A 27 -8.45 -2.53 9.47
CA PRO A 27 -7.56 -2.47 10.61
C PRO A 27 -6.76 -3.76 10.76
N HIS A 28 -7.28 -4.80 10.12
CA HIS A 28 -6.63 -6.10 10.17
C HIS A 28 -5.54 -6.18 9.10
N GLY A 29 -5.78 -5.48 8.00
CA GLY A 29 -4.82 -5.46 6.91
C GLY A 29 -5.51 -5.76 5.58
N ILE A 30 -4.73 -5.68 4.51
CA ILE A 30 -5.24 -5.94 3.17
C ILE A 30 -4.27 -6.86 2.43
N THR A 31 -4.81 -7.55 1.43
CA THR A 31 -4.00 -8.47 0.64
C THR A 31 -3.82 -7.92 -0.79
N ASP A 32 -2.66 -8.20 -1.35
CA ASP A 32 -2.34 -7.75 -2.69
C ASP A 32 -3.57 -7.95 -3.59
N GLN A 33 -4.35 -8.96 -3.24
CA GLN A 33 -5.55 -9.26 -4.01
C GLN A 33 -6.56 -8.11 -3.90
N VAL A 34 -6.83 -7.72 -2.67
CA VAL A 34 -7.77 -6.64 -2.41
C VAL A 34 -7.39 -5.44 -3.28
N ILE A 35 -6.24 -4.85 -2.97
CA ILE A 35 -5.75 -3.70 -3.70
C ILE A 35 -5.93 -3.95 -5.20
N GLN A 36 -5.87 -5.22 -5.57
CA GLN A 36 -6.02 -5.61 -6.96
C GLN A 36 -7.43 -5.28 -7.45
N ASN A 37 -8.41 -5.72 -6.68
CA ASN A 37 -9.80 -5.49 -7.03
C ASN A 37 -10.12 -4.00 -6.85
N GLU A 38 -9.29 -3.34 -6.06
CA GLU A 38 -9.47 -1.93 -5.80
C GLU A 38 -8.81 -1.09 -6.90
N MET A 39 -7.61 -1.51 -7.28
CA MET A 39 -6.87 -0.82 -8.31
C MET A 39 -6.07 -1.80 -9.16
N PRO A 40 -6.81 -2.60 -9.97
CA PRO A 40 -6.18 -3.58 -10.84
C PRO A 40 -5.52 -2.91 -12.04
N HIS A 41 -5.64 -1.60 -12.08
CA HIS A 41 -5.06 -0.82 -13.17
C HIS A 41 -3.66 -0.36 -12.78
N ILE A 42 -3.33 -0.55 -11.52
CA ILE A 42 -2.03 -0.16 -11.01
C ILE A 42 -0.97 -1.13 -11.52
N GLU A 43 0.26 -0.65 -11.54
CA GLU A 43 1.38 -1.47 -12.00
C GLU A 43 1.93 -2.31 -10.85
N ALA A 44 2.58 -3.40 -11.23
CA ALA A 44 3.16 -4.30 -10.24
C ALA A 44 4.21 -3.54 -9.42
N GLN A 45 4.97 -2.70 -10.12
CA GLN A 45 6.01 -1.92 -9.48
C GLN A 45 5.39 -0.74 -8.72
N GLN A 46 4.43 -0.10 -9.37
CA GLN A 46 3.75 1.04 -8.77
C GLN A 46 3.06 0.63 -7.47
N ARG A 47 2.47 -0.56 -7.50
CA ARG A 47 1.78 -1.08 -6.34
C ARG A 47 2.77 -1.33 -5.20
N ALA A 48 3.87 -1.98 -5.55
CA ALA A 48 4.90 -2.28 -4.58
C ALA A 48 5.56 -0.99 -4.10
N VAL A 49 5.98 -0.19 -5.08
CA VAL A 49 6.63 1.08 -4.79
C VAL A 49 5.89 1.76 -3.63
N ALA A 50 4.67 2.17 -3.92
CA ALA A 50 3.85 2.84 -2.92
C ALA A 50 3.94 2.08 -1.60
N ILE A 51 3.74 0.78 -1.69
CA ILE A 51 3.80 -0.08 -0.51
C ILE A 51 5.15 0.13 0.19
N ASN A 52 6.21 -0.22 -0.52
CA ASN A 52 7.55 -0.08 0.02
C ASN A 52 7.70 1.29 0.66
N ARG A 53 7.36 2.31 -0.12
CA ARG A 53 7.46 3.68 0.36
C ARG A 53 6.76 3.81 1.71
N LEU A 54 5.47 3.51 1.71
CA LEU A 54 4.68 3.59 2.93
C LEU A 54 5.31 2.71 4.01
N LEU A 55 5.72 1.52 3.59
CA LEU A 55 6.34 0.58 4.50
C LEU A 55 7.48 1.27 5.24
N SER A 56 8.20 2.10 4.51
CA SER A 56 9.32 2.83 5.09
C SER A 56 8.81 4.08 5.82
N MET A 57 8.15 4.94 5.06
CA MET A 57 7.62 6.17 5.61
C MET A 57 7.00 5.92 6.99
N GLY A 58 6.53 4.69 7.18
CA GLY A 58 5.91 4.31 8.44
C GLY A 58 4.40 4.55 8.40
N GLN A 59 3.87 4.62 7.19
CA GLN A 59 2.45 4.84 6.99
C GLN A 59 1.73 3.51 6.82
N LEU A 60 2.47 2.53 6.29
CA LEU A 60 1.91 1.22 6.07
C LEU A 60 2.70 0.18 6.89
N ASP A 61 1.98 -0.83 7.33
CA ASP A 61 2.60 -1.89 8.13
C ASP A 61 2.50 -3.21 7.38
N LEU A 62 3.66 -3.85 7.23
CA LEU A 62 3.72 -5.13 6.53
C LEU A 62 3.49 -6.26 7.53
N LEU A 63 2.53 -7.11 7.22
CA LEU A 63 2.20 -8.23 8.07
C LEU A 63 2.22 -9.52 7.24
N ARG A 64 3.26 -10.30 7.44
CA ARG A 64 3.41 -11.56 6.72
C ARG A 64 2.49 -12.63 7.32
N SER A 65 1.43 -12.94 6.58
CA SER A 65 0.47 -13.93 7.03
C SER A 65 -0.04 -14.73 5.84
N ASN A 66 0.07 -16.05 5.96
CA ASN A 66 -0.39 -16.93 4.90
C ASN A 66 0.67 -16.99 3.79
N THR A 67 0.21 -17.33 2.60
CA THR A 67 1.11 -17.41 1.45
C THR A 67 1.68 -16.03 1.12
N GLY A 68 0.77 -15.08 0.96
CA GLY A 68 1.17 -13.72 0.64
C GLY A 68 1.32 -12.88 1.91
N LEU A 69 1.66 -11.61 1.70
CA LEU A 69 1.85 -10.69 2.82
C LEU A 69 0.58 -9.85 2.98
N LEU A 70 0.48 -9.20 4.13
CA LEU A 70 -0.66 -8.36 4.42
C LEU A 70 -0.17 -6.95 4.78
N TYR A 71 -1.01 -5.97 4.49
CA TYR A 71 -0.68 -4.59 4.77
C TYR A 71 -1.83 -3.89 5.51
N ARG A 72 -1.48 -3.33 6.65
CA ARG A 72 -2.47 -2.63 7.47
C ARG A 72 -1.94 -1.25 7.87
N ILE A 73 -2.79 -0.51 8.58
CA ILE A 73 -2.43 0.82 9.03
C ILE A 73 -1.39 0.70 10.15
N LYS A 74 -0.28 1.40 9.97
CA LYS A 74 0.78 1.39 10.96
C LYS A 74 0.27 1.98 12.26
N ASP A 75 0.37 1.19 13.32
CA ASP A 75 -0.08 1.62 14.63
C ASP A 75 0.67 0.83 15.71
N SER A 76 1.56 1.51 16.39
CA SER A 76 2.34 0.89 17.45
C SER A 76 2.17 1.66 18.75
N GLY A 77 2.59 1.02 19.84
CA GLY A 77 2.48 1.63 21.15
C GLY A 77 3.70 2.52 21.45
N PRO A 78 3.48 3.51 22.35
CA PRO A 78 4.55 4.42 22.73
C PRO A 78 5.55 3.75 23.66
N SER A 79 6.81 4.12 23.49
CA SER A 79 7.87 3.56 24.32
C SER A 79 8.77 4.67 24.85
N SER A 80 8.73 4.83 26.16
CA SER A 80 9.53 5.86 26.81
C SER A 80 9.35 5.78 28.33
N GLY A 81 8.10 5.91 28.75
CA GLY A 81 7.78 5.86 30.17
C GLY A 81 7.69 7.26 30.77
N GLY A 1 18.99 15.54 -7.00
CA GLY A 1 18.23 14.35 -7.38
C GLY A 1 18.02 14.29 -8.89
N SER A 2 18.24 13.11 -9.44
CA SER A 2 18.08 12.91 -10.87
C SER A 2 16.60 12.77 -11.22
N SER A 3 16.25 13.29 -12.38
CA SER A 3 14.87 13.23 -12.84
C SER A 3 13.96 13.99 -11.87
N GLY A 4 12.80 14.38 -12.37
CA GLY A 4 11.84 15.11 -11.57
C GLY A 4 10.48 14.43 -11.58
N SER A 5 9.45 15.22 -11.91
CA SER A 5 8.10 14.70 -11.96
C SER A 5 7.57 14.76 -13.40
N SER A 6 6.36 14.26 -13.57
CA SER A 6 5.74 14.25 -14.89
C SER A 6 4.36 13.59 -14.80
N GLY A 7 4.38 12.27 -14.72
CA GLY A 7 3.14 11.51 -14.64
C GLY A 7 3.09 10.41 -15.70
N PRO A 8 3.79 9.28 -15.39
CA PRO A 8 3.83 8.16 -16.32
C PRO A 8 2.50 7.40 -16.30
N ASP A 9 1.98 7.18 -15.11
CA ASP A 9 0.73 6.47 -14.95
C ASP A 9 0.37 6.39 -13.47
N ALA A 10 -0.67 7.11 -13.09
CA ALA A 10 -1.12 7.12 -11.71
C ALA A 10 0.01 7.62 -10.81
N ASP A 11 -0.03 8.91 -10.50
CA ASP A 11 0.99 9.51 -9.67
C ASP A 11 1.29 8.58 -8.49
N PRO A 12 2.47 8.82 -7.86
CA PRO A 12 2.89 8.00 -6.72
C PRO A 12 2.09 8.37 -5.47
N VAL A 13 2.23 9.62 -5.05
CA VAL A 13 1.53 10.10 -3.88
C VAL A 13 0.11 9.52 -3.85
N GLU A 14 -0.59 9.73 -4.96
CA GLU A 14 -1.95 9.24 -5.08
C GLU A 14 -2.02 7.76 -4.69
N ILE A 15 -1.30 6.95 -5.44
CA ILE A 15 -1.26 5.51 -5.19
C ILE A 15 -1.16 5.27 -3.68
N GLU A 16 -0.12 5.84 -3.09
CA GLU A 16 0.10 5.69 -1.66
C GLU A 16 -1.17 6.00 -0.89
N ASN A 17 -1.61 7.25 -1.03
CA ASN A 17 -2.82 7.69 -0.35
C ASN A 17 -3.88 6.60 -0.42
N ARG A 18 -4.22 6.21 -1.65
CA ARG A 18 -5.21 5.18 -1.86
C ARG A 18 -5.05 4.07 -0.83
N ILE A 19 -3.82 3.61 -0.69
CA ILE A 19 -3.52 2.55 0.26
C ILE A 19 -3.89 3.01 1.66
N ILE A 20 -3.47 4.22 1.99
CA ILE A 20 -3.74 4.79 3.30
C ILE A 20 -5.24 4.68 3.59
N GLU A 21 -6.04 5.10 2.61
CA GLU A 21 -7.48 5.05 2.74
C GLU A 21 -7.95 3.62 2.99
N LEU A 22 -7.22 2.69 2.39
CA LEU A 22 -7.55 1.28 2.54
C LEU A 22 -7.08 0.79 3.92
N CYS A 23 -5.79 0.97 4.15
CA CYS A 23 -5.20 0.55 5.42
C CYS A 23 -6.08 1.08 6.55
N HIS A 24 -6.73 2.20 6.28
CA HIS A 24 -7.60 2.81 7.27
C HIS A 24 -8.93 2.04 7.33
N GLN A 25 -9.43 1.70 6.15
CA GLN A 25 -10.67 0.97 6.07
C GLN A 25 -10.54 -0.40 6.74
N PHE A 26 -9.37 -1.00 6.57
CA PHE A 26 -9.11 -2.30 7.16
C PHE A 26 -8.01 -2.21 8.24
N PRO A 27 -8.47 -2.25 9.52
CA PRO A 27 -7.54 -2.18 10.64
C PRO A 27 -6.78 -3.49 10.81
N HIS A 28 -7.17 -4.47 10.01
CA HIS A 28 -6.53 -5.78 10.07
C HIS A 28 -5.45 -5.87 9.00
N GLY A 29 -5.78 -5.34 7.83
CA GLY A 29 -4.84 -5.36 6.72
C GLY A 29 -5.55 -5.73 5.41
N ILE A 30 -4.81 -5.58 4.31
CA ILE A 30 -5.36 -5.89 3.00
C ILE A 30 -4.35 -6.75 2.24
N THR A 31 -4.89 -7.67 1.45
CA THR A 31 -4.06 -8.56 0.66
C THR A 31 -3.84 -7.99 -0.74
N ASP A 32 -2.69 -8.32 -1.31
CA ASP A 32 -2.36 -7.84 -2.64
C ASP A 32 -3.60 -7.94 -3.55
N GLN A 33 -4.32 -9.04 -3.38
CA GLN A 33 -5.52 -9.26 -4.17
C GLN A 33 -6.51 -8.12 -3.96
N VAL A 34 -6.70 -7.77 -2.70
CA VAL A 34 -7.62 -6.70 -2.35
C VAL A 34 -7.23 -5.43 -3.12
N ILE A 35 -6.10 -4.86 -2.72
CA ILE A 35 -5.61 -3.65 -3.35
C ILE A 35 -5.79 -3.77 -4.87
N GLN A 36 -5.74 -5.00 -5.35
CA GLN A 36 -5.89 -5.26 -6.76
C GLN A 36 -7.35 -5.03 -7.19
N ASN A 37 -8.24 -5.69 -6.48
CA ASN A 37 -9.67 -5.56 -6.77
C ASN A 37 -10.10 -4.12 -6.54
N GLU A 38 -9.27 -3.39 -5.80
CA GLU A 38 -9.57 -2.00 -5.50
C GLU A 38 -8.90 -1.09 -6.54
N MET A 39 -7.60 -1.27 -6.68
CA MET A 39 -6.83 -0.47 -7.63
C MET A 39 -5.98 -1.35 -8.54
N PRO A 40 -6.69 -2.11 -9.42
CA PRO A 40 -6.02 -3.01 -10.34
C PRO A 40 -5.37 -2.22 -11.49
N HIS A 41 -5.81 -0.98 -11.64
CA HIS A 41 -5.29 -0.12 -12.69
C HIS A 41 -3.86 0.27 -12.35
N ILE A 42 -3.46 -0.05 -11.13
CA ILE A 42 -2.11 0.27 -10.68
C ILE A 42 -1.12 -0.69 -11.35
N GLU A 43 0.16 -0.30 -11.28
CA GLU A 43 1.21 -1.11 -11.87
C GLU A 43 1.83 -2.03 -10.81
N ALA A 44 2.51 -3.05 -11.29
CA ALA A 44 3.16 -4.00 -10.40
C ALA A 44 4.21 -3.28 -9.56
N GLN A 45 5.10 -2.59 -10.26
CA GLN A 45 6.17 -1.85 -9.58
C GLN A 45 5.57 -0.70 -8.77
N GLN A 46 4.45 -0.19 -9.26
CA GLN A 46 3.78 0.91 -8.60
C GLN A 46 3.21 0.46 -7.25
N ARG A 47 2.36 -0.56 -7.31
CA ARG A 47 1.75 -1.09 -6.11
C ARG A 47 2.81 -1.37 -5.05
N ALA A 48 3.89 -2.00 -5.48
CA ALA A 48 4.99 -2.32 -4.59
C ALA A 48 5.65 -1.03 -4.11
N VAL A 49 6.12 -0.24 -5.07
CA VAL A 49 6.78 1.01 -4.77
C VAL A 49 6.02 1.71 -3.63
N ALA A 50 4.77 2.04 -3.91
CA ALA A 50 3.93 2.72 -2.92
C ALA A 50 4.05 1.99 -1.58
N ILE A 51 3.87 0.68 -1.64
CA ILE A 51 3.95 -0.14 -0.44
C ILE A 51 5.30 0.10 0.24
N ASN A 52 6.36 -0.24 -0.47
CA ASN A 52 7.70 -0.08 0.05
C ASN A 52 7.82 1.30 0.70
N ARG A 53 7.39 2.31 -0.05
CA ARG A 53 7.44 3.68 0.44
C ARG A 53 6.71 3.80 1.78
N LEU A 54 5.41 3.55 1.74
CA LEU A 54 4.60 3.61 2.93
C LEU A 54 5.23 2.76 4.04
N LEU A 55 5.66 1.57 3.65
CA LEU A 55 6.29 0.66 4.59
C LEU A 55 7.33 1.41 5.40
N SER A 56 8.33 1.93 4.70
CA SER A 56 9.39 2.68 5.35
C SER A 56 8.82 3.93 6.01
N MET A 57 8.23 4.78 5.19
CA MET A 57 7.65 6.02 5.69
C MET A 57 6.95 5.78 7.03
N GLY A 58 6.45 4.56 7.20
CA GLY A 58 5.76 4.21 8.43
C GLY A 58 4.26 4.51 8.31
N GLN A 59 3.78 4.47 7.08
CA GLN A 59 2.37 4.74 6.82
C GLN A 59 1.64 3.43 6.54
N LEU A 60 2.42 2.38 6.34
CA LEU A 60 1.85 1.07 6.05
C LEU A 60 2.59 0.01 6.89
N ASP A 61 1.80 -0.90 7.45
CA ASP A 61 2.35 -1.96 8.27
C ASP A 61 2.21 -3.30 7.53
N LEU A 62 3.34 -3.95 7.32
CA LEU A 62 3.35 -5.22 6.63
C LEU A 62 3.18 -6.35 7.66
N LEU A 63 2.47 -7.39 7.24
CA LEU A 63 2.23 -8.52 8.11
C LEU A 63 2.26 -9.81 7.27
N ARG A 64 3.35 -10.55 7.44
CA ARG A 64 3.52 -11.80 6.71
C ARG A 64 2.70 -12.91 7.37
N SER A 65 1.63 -13.28 6.71
CA SER A 65 0.76 -14.33 7.23
C SER A 65 0.60 -15.44 6.17
N ASN A 66 -0.34 -16.33 6.44
CA ASN A 66 -0.60 -17.44 5.54
C ASN A 66 -0.74 -16.90 4.11
N THR A 67 0.07 -17.45 3.22
CA THR A 67 0.04 -17.03 1.83
C THR A 67 0.84 -15.75 1.64
N GLY A 68 0.30 -14.87 0.80
CA GLY A 68 0.96 -13.60 0.52
C GLY A 68 1.09 -12.77 1.80
N LEU A 69 1.66 -11.58 1.64
CA LEU A 69 1.84 -10.68 2.76
C LEU A 69 0.60 -9.81 2.93
N LEU A 70 0.51 -9.18 4.09
CA LEU A 70 -0.61 -8.31 4.39
C LEU A 70 -0.13 -6.87 4.51
N TYR A 71 -1.07 -5.95 4.35
CA TYR A 71 -0.75 -4.54 4.44
C TYR A 71 -1.84 -3.77 5.21
N ARG A 72 -1.53 -3.45 6.44
CA ARG A 72 -2.46 -2.72 7.29
C ARG A 72 -1.91 -1.33 7.61
N ILE A 73 -2.71 -0.58 8.38
CA ILE A 73 -2.32 0.76 8.76
C ILE A 73 -1.18 0.69 9.78
N LYS A 74 -0.07 1.32 9.44
CA LYS A 74 1.09 1.33 10.31
C LYS A 74 0.74 2.06 11.60
N ASP A 75 0.79 1.32 12.70
CA ASP A 75 0.48 1.89 14.00
C ASP A 75 -0.96 2.39 14.00
N SER A 76 -1.76 1.79 14.87
CA SER A 76 -3.16 2.17 14.99
C SER A 76 -3.43 2.76 16.37
N GLY A 77 -3.62 1.87 17.33
CA GLY A 77 -3.88 2.28 18.70
C GLY A 77 -4.12 1.07 19.61
N PRO A 78 -3.85 1.28 20.92
CA PRO A 78 -4.03 0.22 21.90
C PRO A 78 -5.51 0.01 22.21
N SER A 79 -6.12 -0.88 21.43
CA SER A 79 -7.53 -1.19 21.60
C SER A 79 -7.91 -2.41 20.76
N SER A 80 -8.05 -3.54 21.43
CA SER A 80 -8.41 -4.77 20.76
C SER A 80 -8.84 -5.82 21.78
N GLY A 81 -9.68 -6.74 21.32
CA GLY A 81 -10.17 -7.80 22.19
C GLY A 81 -10.70 -8.98 21.36
N GLY A 1 19.86 9.28 -5.24
CA GLY A 1 19.37 7.92 -5.07
C GLY A 1 18.67 7.42 -6.33
N SER A 2 17.39 7.11 -6.18
CA SER A 2 16.60 6.61 -7.29
C SER A 2 15.13 7.00 -7.10
N SER A 3 14.72 8.04 -7.82
CA SER A 3 13.36 8.52 -7.73
C SER A 3 12.43 7.60 -8.55
N GLY A 4 12.76 7.48 -9.82
CA GLY A 4 11.97 6.64 -10.72
C GLY A 4 11.28 7.48 -11.79
N SER A 5 11.68 7.24 -13.02
CA SER A 5 11.11 7.96 -14.15
C SER A 5 9.59 7.83 -14.14
N SER A 6 9.12 6.62 -13.88
CA SER A 6 7.69 6.35 -13.84
C SER A 6 7.04 6.78 -15.15
N GLY A 7 6.64 8.03 -15.19
CA GLY A 7 5.99 8.57 -16.38
C GLY A 7 4.67 9.25 -16.03
N PRO A 8 4.01 9.81 -17.08
CA PRO A 8 2.74 10.48 -16.90
C PRO A 8 1.60 9.47 -16.68
N ASP A 9 1.53 8.96 -15.46
CA ASP A 9 0.52 7.98 -15.11
C ASP A 9 -0.02 8.29 -13.71
N ALA A 10 -0.41 7.24 -13.02
CA ALA A 10 -0.94 7.38 -11.67
C ALA A 10 0.19 7.86 -10.74
N ASP A 11 0.07 9.11 -10.33
CA ASP A 11 1.05 9.71 -9.44
C ASP A 11 1.41 8.69 -8.34
N PRO A 12 2.56 8.96 -7.68
CA PRO A 12 3.03 8.08 -6.61
C PRO A 12 2.21 8.29 -5.34
N VAL A 13 2.29 9.51 -4.81
CA VAL A 13 1.56 9.85 -3.61
C VAL A 13 0.14 9.29 -3.69
N GLU A 14 -0.52 9.62 -4.79
CA GLU A 14 -1.88 9.15 -5.01
C GLU A 14 -1.99 7.66 -4.70
N ILE A 15 -1.17 6.88 -5.39
CA ILE A 15 -1.16 5.44 -5.20
C ILE A 15 -1.09 5.13 -3.71
N GLU A 16 -0.03 5.63 -3.08
CA GLU A 16 0.17 5.41 -1.66
C GLU A 16 -1.09 5.78 -0.88
N ASN A 17 -1.48 7.04 -1.02
CA ASN A 17 -2.67 7.53 -0.33
C ASN A 17 -3.76 6.47 -0.40
N ARG A 18 -4.01 6.00 -1.61
CA ARG A 18 -5.03 4.98 -1.81
C ARG A 18 -4.89 3.87 -0.77
N ILE A 19 -3.67 3.36 -0.65
CA ILE A 19 -3.39 2.30 0.30
C ILE A 19 -3.79 2.76 1.70
N ILE A 20 -3.45 4.01 2.00
CA ILE A 20 -3.77 4.58 3.30
C ILE A 20 -5.28 4.48 3.55
N GLU A 21 -6.04 4.94 2.56
CA GLU A 21 -7.49 4.92 2.64
C GLU A 21 -7.97 3.49 2.94
N LEU A 22 -7.25 2.53 2.38
CA LEU A 22 -7.61 1.13 2.57
C LEU A 22 -7.18 0.69 3.96
N CYS A 23 -5.89 0.86 4.24
CA CYS A 23 -5.35 0.49 5.54
C CYS A 23 -6.30 0.98 6.62
N HIS A 24 -6.98 2.07 6.30
CA HIS A 24 -7.94 2.66 7.24
C HIS A 24 -9.25 1.87 7.20
N GLN A 25 -9.69 1.58 6.00
CA GLN A 25 -10.93 0.84 5.81
C GLN A 25 -10.80 -0.56 6.42
N PHE A 26 -9.58 -1.06 6.42
CA PHE A 26 -9.31 -2.38 6.98
C PHE A 26 -8.24 -2.31 8.06
N PRO A 27 -8.70 -2.39 9.34
CA PRO A 27 -7.78 -2.35 10.47
C PRO A 27 -7.02 -3.67 10.62
N HIS A 28 -7.66 -4.73 10.15
CA HIS A 28 -7.06 -6.06 10.23
C HIS A 28 -5.87 -6.13 9.26
N GLY A 29 -6.09 -5.57 8.08
CA GLY A 29 -5.05 -5.58 7.05
C GLY A 29 -5.66 -5.88 5.67
N ILE A 30 -4.81 -5.73 4.66
CA ILE A 30 -5.24 -5.98 3.29
C ILE A 30 -4.19 -6.82 2.58
N THR A 31 -4.60 -7.41 1.46
CA THR A 31 -3.71 -8.24 0.67
C THR A 31 -3.50 -7.65 -0.72
N ASP A 32 -2.32 -7.87 -1.25
CA ASP A 32 -1.99 -7.37 -2.57
C ASP A 32 -3.19 -7.53 -3.50
N GLN A 33 -3.98 -8.56 -3.22
CA GLN A 33 -5.17 -8.83 -4.01
C GLN A 33 -6.14 -7.65 -3.94
N VAL A 34 -6.57 -7.36 -2.72
CA VAL A 34 -7.50 -6.27 -2.50
C VAL A 34 -7.07 -5.06 -3.34
N ILE A 35 -5.96 -4.46 -2.91
CA ILE A 35 -5.42 -3.30 -3.60
C ILE A 35 -5.57 -3.50 -5.11
N GLN A 36 -5.45 -4.75 -5.53
CA GLN A 36 -5.57 -5.09 -6.94
C GLN A 36 -6.99 -4.82 -7.43
N ASN A 37 -7.93 -5.58 -6.89
CA ASN A 37 -9.32 -5.44 -7.26
C ASN A 37 -9.78 -4.01 -6.97
N GLU A 38 -9.25 -3.46 -5.88
CA GLU A 38 -9.59 -2.12 -5.47
C GLU A 38 -8.99 -1.10 -6.45
N MET A 39 -7.74 -1.34 -6.81
CA MET A 39 -7.05 -0.46 -7.73
C MET A 39 -6.36 -1.25 -8.84
N PRO A 40 -7.20 -1.85 -9.73
CA PRO A 40 -6.68 -2.64 -10.83
C PRO A 40 -6.11 -1.74 -11.93
N HIS A 41 -6.19 -0.44 -11.67
CA HIS A 41 -5.68 0.52 -12.64
C HIS A 41 -4.24 0.91 -12.28
N ILE A 42 -3.71 0.20 -11.29
CA ILE A 42 -2.35 0.46 -10.84
C ILE A 42 -1.41 -0.55 -11.50
N GLU A 43 -0.12 -0.25 -11.41
CA GLU A 43 0.89 -1.11 -12.00
C GLU A 43 1.52 -2.01 -10.92
N ALA A 44 2.11 -3.10 -11.37
CA ALA A 44 2.75 -4.04 -10.46
C ALA A 44 3.86 -3.33 -9.69
N GLN A 45 4.71 -2.63 -10.45
CA GLN A 45 5.81 -1.90 -9.84
C GLN A 45 5.28 -0.73 -9.01
N GLN A 46 4.31 -0.04 -9.59
CA GLN A 46 3.72 1.12 -8.91
C GLN A 46 3.09 0.68 -7.59
N ARG A 47 2.41 -0.46 -7.63
CA ARG A 47 1.76 -0.99 -6.45
C ARG A 47 2.79 -1.27 -5.36
N ALA A 48 3.88 -1.90 -5.77
CA ALA A 48 4.95 -2.22 -4.83
C ALA A 48 5.59 -0.94 -4.33
N VAL A 49 6.06 -0.14 -5.27
CA VAL A 49 6.70 1.12 -4.94
C VAL A 49 5.92 1.79 -3.80
N ALA A 50 4.70 2.18 -4.11
CA ALA A 50 3.84 2.84 -3.12
C ALA A 50 3.91 2.06 -1.81
N ILE A 51 3.75 0.75 -1.93
CA ILE A 51 3.80 -0.11 -0.76
C ILE A 51 5.12 0.08 -0.03
N ASN A 52 6.20 -0.27 -0.72
CA ASN A 52 7.54 -0.14 -0.17
C ASN A 52 7.66 1.22 0.53
N ARG A 53 7.15 2.25 -0.14
CA ARG A 53 7.19 3.59 0.40
C ARG A 53 6.47 3.65 1.75
N LEU A 54 5.18 3.36 1.71
CA LEU A 54 4.38 3.36 2.93
C LEU A 54 5.07 2.54 4.01
N LEU A 55 5.62 1.41 3.59
CA LEU A 55 6.32 0.53 4.51
C LEU A 55 7.42 1.32 5.23
N SER A 56 8.38 1.77 4.44
CA SER A 56 9.49 2.53 4.98
C SER A 56 8.98 3.80 5.67
N MET A 57 8.23 4.59 4.91
CA MET A 57 7.68 5.83 5.43
C MET A 57 7.23 5.65 6.87
N GLY A 58 6.56 4.53 7.13
CA GLY A 58 6.07 4.23 8.46
C GLY A 58 4.56 4.45 8.55
N GLN A 59 3.94 4.55 7.38
CA GLN A 59 2.50 4.76 7.32
C GLN A 59 1.78 3.42 7.20
N LEU A 60 2.42 2.49 6.49
CA LEU A 60 1.85 1.17 6.29
C LEU A 60 2.61 0.16 7.14
N ASP A 61 1.90 -0.89 7.53
CA ASP A 61 2.49 -1.93 8.34
C ASP A 61 2.37 -3.27 7.62
N LEU A 62 3.52 -3.89 7.39
CA LEU A 62 3.56 -5.18 6.71
C LEU A 62 3.38 -6.30 7.74
N LEU A 63 2.45 -7.20 7.42
CA LEU A 63 2.17 -8.32 8.30
C LEU A 63 2.23 -9.62 7.50
N ARG A 64 3.30 -10.37 7.71
CA ARG A 64 3.49 -11.63 7.00
C ARG A 64 2.63 -12.72 7.65
N SER A 65 1.59 -13.12 6.92
CA SER A 65 0.70 -14.15 7.41
C SER A 65 0.38 -15.14 6.29
N ASN A 66 -0.44 -16.12 6.63
CA ASN A 66 -0.84 -17.14 5.67
C ASN A 66 -1.36 -16.46 4.40
N THR A 67 -0.99 -17.02 3.26
CA THR A 67 -1.41 -16.48 1.98
C THR A 67 -0.87 -15.07 1.79
N GLY A 68 0.25 -15.01 1.08
CA GLY A 68 0.90 -13.73 0.80
C GLY A 68 1.08 -12.92 2.09
N LEU A 69 1.40 -11.65 1.92
CA LEU A 69 1.60 -10.77 3.06
C LEU A 69 0.35 -9.92 3.28
N LEU A 70 0.28 -9.30 4.45
CA LEU A 70 -0.85 -8.47 4.79
C LEU A 70 -0.36 -7.05 5.08
N TYR A 71 -1.22 -6.08 4.77
CA TYR A 71 -0.89 -4.69 4.99
C TYR A 71 -2.00 -3.97 5.76
N ARG A 72 -1.61 -3.36 6.88
CA ARG A 72 -2.55 -2.64 7.71
C ARG A 72 -1.98 -1.29 8.11
N ILE A 73 -2.79 -0.53 8.85
CA ILE A 73 -2.38 0.78 9.31
C ILE A 73 -1.32 0.63 10.39
N LYS A 74 -0.22 1.35 10.20
CA LYS A 74 0.88 1.31 11.15
C LYS A 74 0.41 1.88 12.50
N ASP A 75 1.07 1.42 13.55
CA ASP A 75 0.73 1.88 14.89
C ASP A 75 1.75 1.32 15.89
N SER A 76 1.85 0.00 15.91
CA SER A 76 2.77 -0.67 16.80
C SER A 76 3.90 -1.34 15.99
N GLY A 77 4.97 -0.57 15.81
CA GLY A 77 6.11 -1.06 15.06
C GLY A 77 7.29 -0.09 15.16
N PRO A 78 8.52 -0.66 14.98
CA PRO A 78 9.73 0.14 15.05
C PRO A 78 9.90 1.00 13.80
N SER A 79 10.49 2.17 13.99
CA SER A 79 10.71 3.09 12.89
C SER A 79 12.17 3.54 12.87
N SER A 80 12.57 4.17 13.97
CA SER A 80 13.94 4.67 14.10
C SER A 80 14.60 4.05 15.33
N GLY A 81 15.91 4.22 15.41
CA GLY A 81 16.67 3.70 16.52
C GLY A 81 17.62 2.59 16.07
N GLY A 1 -2.20 21.99 -19.18
CA GLY A 1 -2.05 20.90 -18.23
C GLY A 1 -1.10 19.83 -18.75
N SER A 2 -1.49 18.58 -18.56
CA SER A 2 -0.68 17.45 -19.01
C SER A 2 0.64 17.43 -18.24
N SER A 3 0.77 16.43 -17.38
CA SER A 3 1.97 16.28 -16.58
C SER A 3 2.95 15.33 -17.28
N GLY A 4 2.48 14.11 -17.50
CA GLY A 4 3.30 13.11 -18.16
C GLY A 4 2.43 11.99 -18.73
N SER A 5 2.35 11.95 -20.06
CA SER A 5 1.57 10.94 -20.74
C SER A 5 2.35 9.63 -20.81
N SER A 6 1.73 8.58 -20.29
CA SER A 6 2.35 7.26 -20.28
C SER A 6 3.65 7.30 -19.47
N GLY A 7 4.09 6.13 -19.07
CA GLY A 7 5.31 6.01 -18.29
C GLY A 7 5.01 5.61 -16.85
N PRO A 8 4.72 6.65 -16.02
CA PRO A 8 4.40 6.42 -14.62
C PRO A 8 2.99 5.84 -14.46
N ASP A 9 2.02 6.59 -14.95
CA ASP A 9 0.64 6.17 -14.86
C ASP A 9 0.19 6.20 -13.40
N ALA A 10 -0.74 7.11 -13.11
CA ALA A 10 -1.26 7.24 -11.76
C ALA A 10 -0.16 7.81 -10.85
N ASP A 11 -0.33 9.07 -10.50
CA ASP A 11 0.62 9.74 -9.64
C ASP A 11 1.04 8.80 -8.52
N PRO A 12 2.22 9.12 -7.90
CA PRO A 12 2.74 8.31 -6.82
C PRO A 12 1.95 8.56 -5.52
N VAL A 13 1.99 9.80 -5.07
CA VAL A 13 1.29 10.17 -3.86
C VAL A 13 -0.10 9.54 -3.85
N GLU A 14 -0.86 9.86 -4.89
CA GLU A 14 -2.21 9.34 -5.02
C GLU A 14 -2.23 7.84 -4.68
N ILE A 15 -1.38 7.10 -5.36
CA ILE A 15 -1.28 5.67 -5.13
C ILE A 15 -1.19 5.40 -3.63
N GLU A 16 -0.18 6.01 -3.02
CA GLU A 16 0.04 5.85 -1.59
C GLU A 16 -1.23 6.19 -0.82
N ASN A 17 -1.66 7.44 -0.96
CA ASN A 17 -2.86 7.91 -0.29
C ASN A 17 -3.92 6.81 -0.33
N ARG A 18 -4.12 6.26 -1.51
CA ARG A 18 -5.10 5.20 -1.70
C ARG A 18 -4.88 4.09 -0.67
N ILE A 19 -3.64 3.65 -0.56
CA ILE A 19 -3.29 2.60 0.38
C ILE A 19 -3.73 3.02 1.79
N ILE A 20 -3.50 4.29 2.09
CA ILE A 20 -3.85 4.82 3.39
C ILE A 20 -5.36 4.63 3.62
N GLU A 21 -6.14 5.15 2.68
CA GLU A 21 -7.58 5.04 2.77
C GLU A 21 -7.99 3.58 3.00
N LEU A 22 -7.23 2.69 2.39
CA LEU A 22 -7.51 1.27 2.52
C LEU A 22 -7.03 0.78 3.89
N CYS A 23 -5.74 0.97 4.15
CA CYS A 23 -5.16 0.56 5.41
C CYS A 23 -6.08 1.02 6.54
N HIS A 24 -6.77 2.12 6.29
CA HIS A 24 -7.69 2.68 7.28
C HIS A 24 -9.00 1.89 7.24
N GLN A 25 -9.45 1.60 6.04
CA GLN A 25 -10.68 0.86 5.86
C GLN A 25 -10.56 -0.54 6.47
N PHE A 26 -9.35 -1.04 6.46
CA PHE A 26 -9.07 -2.37 7.01
C PHE A 26 -8.02 -2.29 8.12
N PRO A 27 -8.51 -2.44 9.38
CA PRO A 27 -7.62 -2.39 10.53
C PRO A 27 -6.82 -3.69 10.65
N HIS A 28 -7.33 -4.72 10.01
CA HIS A 28 -6.66 -6.02 10.04
C HIS A 28 -5.55 -6.05 9.00
N GLY A 29 -5.81 -5.39 7.88
CA GLY A 29 -4.84 -5.34 6.80
C GLY A 29 -5.48 -5.66 5.46
N ILE A 30 -4.68 -5.57 4.41
CA ILE A 30 -5.17 -5.84 3.07
C ILE A 30 -4.17 -6.75 2.35
N THR A 31 -4.70 -7.56 1.44
CA THR A 31 -3.88 -8.47 0.67
C THR A 31 -3.67 -7.95 -0.75
N ASP A 32 -2.51 -8.26 -1.31
CA ASP A 32 -2.20 -7.83 -2.66
C ASP A 32 -3.42 -7.99 -3.55
N GLN A 33 -4.25 -8.98 -3.19
CA GLN A 33 -5.45 -9.25 -3.95
C GLN A 33 -6.41 -8.05 -3.86
N VAL A 34 -6.73 -7.68 -2.64
CA VAL A 34 -7.63 -6.56 -2.41
C VAL A 34 -7.22 -5.38 -3.31
N ILE A 35 -6.10 -4.78 -2.96
CA ILE A 35 -5.59 -3.65 -3.73
C ILE A 35 -5.77 -3.93 -5.21
N GLN A 36 -5.66 -5.21 -5.56
CA GLN A 36 -5.79 -5.62 -6.95
C GLN A 36 -7.20 -5.27 -7.46
N ASN A 37 -8.20 -5.66 -6.69
CA ASN A 37 -9.57 -5.40 -7.05
C ASN A 37 -9.88 -3.92 -6.86
N GLU A 38 -8.96 -3.24 -6.17
CA GLU A 38 -9.11 -1.82 -5.92
C GLU A 38 -8.48 -1.00 -7.05
N MET A 39 -7.27 -1.41 -7.41
CA MET A 39 -6.55 -0.73 -8.48
C MET A 39 -5.80 -1.72 -9.35
N PRO A 40 -6.58 -2.49 -10.15
CA PRO A 40 -6.00 -3.49 -11.04
C PRO A 40 -5.36 -2.82 -12.27
N HIS A 41 -5.45 -1.49 -12.29
CA HIS A 41 -4.89 -0.74 -13.39
C HIS A 41 -3.46 -0.31 -13.04
N ILE A 42 -3.16 -0.37 -11.75
CA ILE A 42 -1.84 0.01 -11.27
C ILE A 42 -0.82 -1.03 -11.74
N GLU A 43 0.44 -0.63 -11.70
CA GLU A 43 1.52 -1.52 -12.12
C GLU A 43 2.09 -2.26 -10.91
N ALA A 44 2.63 -3.44 -11.17
CA ALA A 44 3.21 -4.25 -10.12
C ALA A 44 4.27 -3.43 -9.38
N GLN A 45 5.03 -2.66 -10.14
CA GLN A 45 6.08 -1.84 -9.57
C GLN A 45 5.46 -0.68 -8.79
N GLN A 46 4.52 0.00 -9.44
CA GLN A 46 3.85 1.13 -8.81
C GLN A 46 3.14 0.68 -7.53
N ARG A 47 2.48 -0.47 -7.62
CA ARG A 47 1.77 -1.02 -6.48
C ARG A 47 2.74 -1.35 -5.35
N ALA A 48 3.88 -1.91 -5.73
CA ALA A 48 4.90 -2.29 -4.77
C ALA A 48 5.57 -1.01 -4.23
N VAL A 49 5.99 -0.17 -5.16
CA VAL A 49 6.65 1.07 -4.80
C VAL A 49 5.89 1.73 -3.64
N ALA A 50 4.65 2.09 -3.91
CA ALA A 50 3.82 2.73 -2.92
C ALA A 50 3.92 1.94 -1.60
N ILE A 51 3.74 0.64 -1.72
CA ILE A 51 3.82 -0.24 -0.56
C ILE A 51 5.16 -0.05 0.14
N ASN A 52 6.22 -0.38 -0.59
CA ASN A 52 7.56 -0.25 -0.06
C ASN A 52 7.72 1.12 0.60
N ARG A 53 7.35 2.15 -0.16
CA ARG A 53 7.44 3.51 0.32
C ARG A 53 6.76 3.64 1.68
N LEU A 54 5.48 3.33 1.69
CA LEU A 54 4.70 3.41 2.92
C LEU A 54 5.35 2.54 3.98
N LEU A 55 5.73 1.34 3.57
CA LEU A 55 6.36 0.40 4.49
C LEU A 55 7.50 1.11 5.23
N SER A 56 8.26 1.89 4.48
CA SER A 56 9.38 2.62 5.05
C SER A 56 8.87 3.88 5.76
N MET A 57 8.21 4.74 4.99
CA MET A 57 7.67 5.97 5.53
C MET A 57 7.09 5.74 6.93
N GLY A 58 6.60 4.52 7.14
CA GLY A 58 6.01 4.17 8.42
C GLY A 58 4.50 4.42 8.41
N GLN A 59 3.94 4.49 7.21
CA GLN A 59 2.52 4.74 7.06
C GLN A 59 1.78 3.41 6.89
N LEU A 60 2.49 2.43 6.35
CA LEU A 60 1.91 1.12 6.13
C LEU A 60 2.67 0.08 6.96
N ASP A 61 1.93 -0.92 7.42
CA ASP A 61 2.51 -1.97 8.23
C ASP A 61 2.35 -3.32 7.50
N LEU A 62 3.47 -4.01 7.35
CA LEU A 62 3.46 -5.30 6.68
C LEU A 62 3.22 -6.40 7.71
N LEU A 63 2.47 -7.41 7.30
CA LEU A 63 2.17 -8.54 8.18
C LEU A 63 2.20 -9.83 7.36
N ARG A 64 3.24 -10.62 7.61
CA ARG A 64 3.39 -11.88 6.92
C ARG A 64 2.50 -12.95 7.54
N SER A 65 1.43 -13.28 6.82
CA SER A 65 0.49 -14.28 7.29
C SER A 65 0.64 -15.57 6.48
N ASN A 66 -0.10 -16.58 6.89
CA ASN A 66 -0.07 -17.87 6.22
C ASN A 66 -0.12 -17.65 4.71
N THR A 67 -1.13 -16.90 4.28
CA THR A 67 -1.31 -16.61 2.87
C THR A 67 -0.66 -15.26 2.52
N GLY A 68 0.35 -15.32 1.66
CA GLY A 68 1.05 -14.11 1.25
C GLY A 68 1.28 -13.18 2.43
N LEU A 69 1.39 -11.89 2.12
CA LEU A 69 1.62 -10.90 3.15
C LEU A 69 0.37 -10.03 3.30
N LEU A 70 0.33 -9.29 4.39
CA LEU A 70 -0.80 -8.41 4.66
C LEU A 70 -0.29 -7.00 4.97
N TYR A 71 -1.12 -6.03 4.61
CA TYR A 71 -0.76 -4.63 4.84
C TYR A 71 -1.88 -3.89 5.58
N ARG A 72 -1.51 -3.33 6.73
CA ARG A 72 -2.46 -2.59 7.54
C ARG A 72 -1.88 -1.25 7.95
N ILE A 73 -2.68 -0.49 8.69
CA ILE A 73 -2.26 0.82 9.16
C ILE A 73 -1.20 0.64 10.26
N LYS A 74 -0.09 1.33 10.08
CA LYS A 74 0.99 1.26 11.04
C LYS A 74 0.50 1.79 12.39
N ASP A 75 0.71 0.96 13.42
CA ASP A 75 0.29 1.33 14.76
C ASP A 75 1.14 0.56 15.77
N SER A 76 1.59 1.27 16.78
CA SER A 76 2.41 0.67 17.83
C SER A 76 1.80 0.97 19.20
N GLY A 77 1.18 -0.05 19.77
CA GLY A 77 0.56 0.09 21.08
C GLY A 77 1.00 -1.06 22.01
N PRO A 78 0.23 -2.18 21.93
CA PRO A 78 0.54 -3.34 22.76
C PRO A 78 1.76 -4.09 22.24
N SER A 79 2.92 -3.49 22.47
CA SER A 79 4.17 -4.09 22.03
C SER A 79 5.08 -4.35 23.23
N SER A 80 6.12 -5.13 22.99
CA SER A 80 7.07 -5.45 24.03
C SER A 80 8.50 -5.25 23.53
N GLY A 81 9.40 -4.98 24.47
CA GLY A 81 10.79 -4.77 24.13
C GLY A 81 11.24 -3.36 24.50
N GLY A 1 14.34 -1.94 -1.76
CA GLY A 1 15.27 -0.84 -1.96
C GLY A 1 15.14 -0.27 -3.37
N SER A 2 15.02 1.05 -3.43
CA SER A 2 14.89 1.74 -4.71
C SER A 2 15.07 3.24 -4.51
N SER A 3 15.36 3.91 -5.62
CA SER A 3 15.56 5.35 -5.59
C SER A 3 14.88 6.01 -6.80
N GLY A 4 14.42 7.22 -6.58
CA GLY A 4 13.75 7.97 -7.64
C GLY A 4 12.22 7.80 -7.54
N SER A 5 11.52 8.81 -8.03
CA SER A 5 10.07 8.79 -8.01
C SER A 5 9.51 9.41 -9.30
N SER A 6 9.22 8.53 -10.25
CA SER A 6 8.68 8.98 -11.53
C SER A 6 7.17 8.75 -11.57
N GLY A 7 6.55 9.32 -12.59
CA GLY A 7 5.10 9.19 -12.75
C GLY A 7 4.76 8.69 -14.16
N PRO A 8 5.04 7.38 -14.39
CA PRO A 8 4.77 6.77 -15.69
C PRO A 8 3.27 6.52 -15.87
N ASP A 9 2.62 6.20 -14.75
CA ASP A 9 1.19 5.94 -14.78
C ASP A 9 0.64 6.03 -13.36
N ALA A 10 -0.22 7.02 -13.15
CA ALA A 10 -0.83 7.22 -11.85
C ALA A 10 0.23 7.74 -10.87
N ASP A 11 0.14 9.02 -10.55
CA ASP A 11 1.08 9.64 -9.64
C ASP A 11 1.38 8.67 -8.49
N PRO A 12 2.54 8.91 -7.82
CA PRO A 12 2.94 8.08 -6.70
C PRO A 12 2.12 8.39 -5.45
N VAL A 13 2.24 9.62 -5.00
CA VAL A 13 1.50 10.06 -3.82
C VAL A 13 0.08 9.49 -3.87
N GLU A 14 -0.61 9.82 -4.95
CA GLU A 14 -1.97 9.35 -5.13
C GLU A 14 -2.08 7.87 -4.77
N ILE A 15 -1.27 7.07 -5.44
CA ILE A 15 -1.27 5.63 -5.20
C ILE A 15 -1.17 5.37 -3.70
N GLU A 16 -0.19 6.03 -3.07
CA GLU A 16 0.01 5.88 -1.64
C GLU A 16 -1.26 6.24 -0.88
N ASN A 17 -1.63 7.50 -0.96
CA ASN A 17 -2.82 7.99 -0.28
C ASN A 17 -3.93 6.92 -0.38
N ARG A 18 -4.10 6.41 -1.59
CA ARG A 18 -5.11 5.40 -1.83
C ARG A 18 -4.96 4.24 -0.82
N ILE A 19 -3.73 3.75 -0.72
CA ILE A 19 -3.43 2.67 0.19
C ILE A 19 -3.85 3.07 1.61
N ILE A 20 -3.53 4.31 1.95
CA ILE A 20 -3.85 4.82 3.27
C ILE A 20 -5.35 4.62 3.53
N GLU A 21 -6.16 5.14 2.62
CA GLU A 21 -7.60 5.02 2.74
C GLU A 21 -8.00 3.56 2.96
N LEU A 22 -7.23 2.67 2.36
CA LEU A 22 -7.48 1.24 2.49
C LEU A 22 -6.97 0.75 3.84
N CYS A 23 -5.68 0.95 4.06
CA CYS A 23 -5.06 0.54 5.30
C CYS A 23 -5.97 0.96 6.45
N HIS A 24 -6.71 2.03 6.22
CA HIS A 24 -7.62 2.54 7.23
C HIS A 24 -8.93 1.76 7.19
N GLN A 25 -9.42 1.55 5.97
CA GLN A 25 -10.65 0.81 5.78
C GLN A 25 -10.53 -0.59 6.37
N PHE A 26 -9.31 -1.09 6.40
CA PHE A 26 -9.05 -2.41 6.93
C PHE A 26 -8.04 -2.35 8.09
N PRO A 27 -8.57 -2.54 9.32
CA PRO A 27 -7.73 -2.51 10.51
C PRO A 27 -6.91 -3.79 10.63
N HIS A 28 -7.40 -4.84 10.01
CA HIS A 28 -6.72 -6.12 10.04
C HIS A 28 -5.60 -6.13 9.01
N GLY A 29 -5.89 -5.54 7.86
CA GLY A 29 -4.91 -5.47 6.79
C GLY A 29 -5.54 -5.82 5.44
N ILE A 30 -4.77 -5.63 4.39
CA ILE A 30 -5.24 -5.92 3.04
C ILE A 30 -4.21 -6.80 2.33
N THR A 31 -4.71 -7.56 1.36
CA THR A 31 -3.85 -8.44 0.59
C THR A 31 -3.66 -7.91 -0.83
N ASP A 32 -2.53 -8.24 -1.42
CA ASP A 32 -2.22 -7.81 -2.77
C ASP A 32 -3.45 -8.03 -3.66
N GLN A 33 -4.24 -9.03 -3.29
CA GLN A 33 -5.44 -9.35 -4.04
C GLN A 33 -6.49 -8.26 -3.87
N VAL A 34 -6.77 -7.95 -2.60
CA VAL A 34 -7.75 -6.93 -2.28
C VAL A 34 -7.42 -5.65 -3.06
N ILE A 35 -6.26 -5.10 -2.75
CA ILE A 35 -5.80 -3.88 -3.41
C ILE A 35 -6.04 -4.01 -4.92
N GLN A 36 -5.81 -5.21 -5.42
CA GLN A 36 -5.99 -5.48 -6.84
C GLN A 36 -7.42 -5.17 -7.26
N ASN A 37 -8.37 -5.72 -6.50
CA ASN A 37 -9.77 -5.52 -6.78
C ASN A 37 -10.11 -4.03 -6.63
N GLU A 38 -9.20 -3.32 -5.97
CA GLU A 38 -9.38 -1.90 -5.75
C GLU A 38 -8.70 -1.09 -6.86
N MET A 39 -7.51 -1.54 -7.24
CA MET A 39 -6.76 -0.87 -8.28
C MET A 39 -5.98 -1.89 -9.12
N PRO A 40 -6.75 -2.69 -9.92
CA PRO A 40 -6.13 -3.69 -10.78
C PRO A 40 -5.47 -3.05 -12.00
N HIS A 41 -5.56 -1.73 -12.05
CA HIS A 41 -4.96 -0.99 -13.15
C HIS A 41 -3.54 -0.57 -12.78
N ILE A 42 -3.32 -0.41 -11.48
CA ILE A 42 -2.01 -0.02 -10.99
C ILE A 42 -0.95 -1.00 -11.50
N GLU A 43 0.27 -0.52 -11.56
CA GLU A 43 1.38 -1.34 -12.02
C GLU A 43 1.92 -2.20 -10.88
N ALA A 44 2.63 -3.25 -11.27
CA ALA A 44 3.20 -4.17 -10.29
C ALA A 44 4.25 -3.42 -9.46
N GLN A 45 5.00 -2.57 -10.13
CA GLN A 45 6.03 -1.80 -9.47
C GLN A 45 5.40 -0.63 -8.69
N GLN A 46 4.44 0.01 -9.33
CA GLN A 46 3.76 1.14 -8.72
C GLN A 46 3.06 0.69 -7.43
N ARG A 47 2.45 -0.48 -7.50
CA ARG A 47 1.74 -1.03 -6.35
C ARG A 47 2.72 -1.31 -5.21
N ALA A 48 3.83 -1.94 -5.57
CA ALA A 48 4.85 -2.28 -4.59
C ALA A 48 5.51 -0.98 -4.09
N VAL A 49 5.92 -0.16 -5.05
CA VAL A 49 6.57 1.09 -4.73
C VAL A 49 5.86 1.75 -3.54
N ALA A 50 4.64 2.18 -3.80
CA ALA A 50 3.84 2.82 -2.76
C ALA A 50 3.96 2.01 -1.46
N ILE A 51 3.74 0.71 -1.58
CA ILE A 51 3.81 -0.17 -0.43
C ILE A 51 5.17 0.00 0.24
N ASN A 52 6.21 -0.32 -0.50
CA ASN A 52 7.57 -0.21 0.00
C ASN A 52 7.75 1.16 0.67
N ARG A 53 7.42 2.19 -0.09
CA ARG A 53 7.54 3.55 0.41
C ARG A 53 6.88 3.67 1.79
N LEU A 54 5.58 3.39 1.81
CA LEU A 54 4.83 3.46 3.04
C LEU A 54 5.50 2.58 4.10
N LEU A 55 5.82 1.36 3.69
CA LEU A 55 6.46 0.42 4.59
C LEU A 55 7.60 1.13 5.34
N SER A 56 8.31 1.95 4.60
CA SER A 56 9.42 2.69 5.17
C SER A 56 8.91 3.96 5.88
N MET A 57 8.28 4.82 5.10
CA MET A 57 7.74 6.05 5.64
C MET A 57 7.12 5.82 7.02
N GLY A 58 6.59 4.62 7.21
CA GLY A 58 5.98 4.27 8.48
C GLY A 58 4.47 4.53 8.44
N GLN A 59 3.92 4.51 7.24
CA GLN A 59 2.50 4.73 7.04
C GLN A 59 1.78 3.39 6.85
N LEU A 60 2.53 2.42 6.36
CA LEU A 60 1.97 1.10 6.12
C LEU A 60 2.72 0.07 6.97
N ASP A 61 1.99 -0.97 7.36
CA ASP A 61 2.58 -2.02 8.18
C ASP A 61 2.47 -3.35 7.44
N LEU A 62 3.62 -4.01 7.30
CA LEU A 62 3.67 -5.29 6.61
C LEU A 62 3.40 -6.41 7.62
N LEU A 63 2.42 -7.24 7.29
CA LEU A 63 2.06 -8.36 8.15
C LEU A 63 2.06 -9.64 7.33
N ARG A 64 3.08 -10.45 7.56
CA ARG A 64 3.22 -11.71 6.85
C ARG A 64 2.35 -12.79 7.51
N SER A 65 1.27 -13.13 6.84
CA SER A 65 0.35 -14.14 7.34
C SER A 65 -0.18 -14.98 6.19
N ASN A 66 -0.34 -16.27 6.46
CA ASN A 66 -0.84 -17.19 5.45
C ASN A 66 -0.17 -16.90 4.11
N THR A 67 -0.75 -17.46 3.06
CA THR A 67 -0.22 -17.27 1.72
C THR A 67 -0.30 -15.80 1.33
N GLY A 68 0.88 -15.19 1.19
CA GLY A 68 0.96 -13.79 0.81
C GLY A 68 1.06 -12.90 2.05
N LEU A 69 1.64 -11.71 1.84
CA LEU A 69 1.80 -10.76 2.93
C LEU A 69 0.55 -9.90 3.05
N LEU A 70 0.44 -9.23 4.17
CA LEU A 70 -0.71 -8.37 4.42
C LEU A 70 -0.22 -6.96 4.80
N TYR A 71 -1.02 -5.98 4.44
CA TYR A 71 -0.68 -4.60 4.72
C TYR A 71 -1.83 -3.88 5.44
N ARG A 72 -1.52 -3.35 6.61
CA ARG A 72 -2.52 -2.65 7.40
C ARG A 72 -1.99 -1.27 7.80
N ILE A 73 -2.84 -0.53 8.50
CA ILE A 73 -2.48 0.80 8.94
C ILE A 73 -1.45 0.69 10.07
N LYS A 74 -0.33 1.37 9.87
CA LYS A 74 0.74 1.36 10.85
C LYS A 74 0.24 2.00 12.15
N ASP A 75 0.66 1.42 13.26
CA ASP A 75 0.27 1.92 14.56
C ASP A 75 1.28 1.45 15.62
N SER A 76 1.45 0.13 15.69
CA SER A 76 2.38 -0.45 16.64
C SER A 76 3.82 -0.14 16.23
N GLY A 77 4.29 1.01 16.68
CA GLY A 77 5.65 1.44 16.36
C GLY A 77 6.63 0.27 16.49
N PRO A 78 7.76 0.38 15.74
CA PRO A 78 8.78 -0.65 15.77
C PRO A 78 9.59 -0.59 17.06
N SER A 79 10.52 -1.52 17.19
CA SER A 79 11.37 -1.59 18.36
C SER A 79 12.31 -0.38 18.39
N SER A 80 11.88 0.66 19.10
CA SER A 80 12.66 1.87 19.21
C SER A 80 14.01 1.55 19.85
N GLY A 81 13.96 1.05 21.07
CA GLY A 81 15.17 0.70 21.80
C GLY A 81 15.05 -0.70 22.40
N GLY A 1 -5.88 0.11 -23.38
CA GLY A 1 -5.88 1.22 -22.43
C GLY A 1 -4.87 2.29 -22.84
N SER A 2 -3.95 2.57 -21.93
CA SER A 2 -2.93 3.58 -22.18
C SER A 2 -1.58 2.90 -22.39
N SER A 3 -0.64 3.68 -22.93
CA SER A 3 0.69 3.16 -23.19
C SER A 3 1.41 2.86 -21.87
N GLY A 4 1.44 1.58 -21.54
CA GLY A 4 2.08 1.14 -20.31
C GLY A 4 3.52 1.67 -20.22
N SER A 5 3.74 2.49 -19.21
CA SER A 5 5.06 3.07 -18.99
C SER A 5 5.32 3.25 -17.50
N SER A 6 6.51 2.86 -17.08
CA SER A 6 6.89 2.98 -15.68
C SER A 6 7.32 4.41 -15.38
N GLY A 7 6.38 5.17 -14.85
CA GLY A 7 6.64 6.56 -14.50
C GLY A 7 5.37 7.40 -14.61
N PRO A 8 5.11 7.88 -15.86
CA PRO A 8 3.94 8.71 -16.11
C PRO A 8 2.67 7.86 -16.14
N ASP A 9 2.36 7.26 -14.99
CA ASP A 9 1.19 6.42 -14.87
C ASP A 9 0.72 6.41 -13.41
N ALA A 10 -0.35 7.13 -13.16
CA ALA A 10 -0.91 7.21 -11.82
C ALA A 10 0.17 7.71 -10.86
N ASP A 11 0.05 8.99 -10.50
CA ASP A 11 1.00 9.59 -9.59
C ASP A 11 1.33 8.62 -8.46
N PRO A 12 2.47 8.90 -7.78
CA PRO A 12 2.90 8.05 -6.68
C PRO A 12 2.06 8.30 -5.43
N VAL A 13 2.11 9.53 -4.95
CA VAL A 13 1.36 9.90 -3.78
C VAL A 13 -0.04 9.28 -3.84
N GLU A 14 -0.74 9.58 -4.92
CA GLU A 14 -2.08 9.05 -5.12
C GLU A 14 -2.11 7.56 -4.77
N ILE A 15 -1.28 6.80 -5.47
CA ILE A 15 -1.21 5.37 -5.25
C ILE A 15 -1.10 5.10 -3.75
N GLU A 16 -0.24 5.87 -3.09
CA GLU A 16 -0.05 5.72 -1.67
C GLU A 16 -1.34 6.02 -0.91
N ASN A 17 -1.76 7.28 -0.99
CA ASN A 17 -2.98 7.71 -0.33
C ASN A 17 -4.04 6.60 -0.43
N ARG A 18 -4.20 6.11 -1.65
CA ARG A 18 -5.18 5.05 -1.91
C ARG A 18 -4.98 3.91 -0.91
N ILE A 19 -3.74 3.48 -0.77
CA ILE A 19 -3.41 2.40 0.13
C ILE A 19 -3.78 2.81 1.56
N ILE A 20 -3.45 4.06 1.88
CA ILE A 20 -3.74 4.58 3.21
C ILE A 20 -5.23 4.43 3.50
N GLU A 21 -6.04 4.98 2.60
CA GLU A 21 -7.48 4.91 2.75
C GLU A 21 -7.92 3.47 2.99
N LEU A 22 -7.20 2.55 2.37
CA LEU A 22 -7.50 1.14 2.50
C LEU A 22 -7.02 0.64 3.87
N CYS A 23 -5.73 0.84 4.12
CA CYS A 23 -5.14 0.43 5.37
C CYS A 23 -6.04 0.92 6.51
N HIS A 24 -6.74 2.01 6.25
CA HIS A 24 -7.62 2.60 7.23
C HIS A 24 -8.95 1.82 7.25
N GLN A 25 -9.41 1.48 6.05
CA GLN A 25 -10.66 0.74 5.91
C GLN A 25 -10.54 -0.63 6.58
N PHE A 26 -9.32 -1.16 6.54
CA PHE A 26 -9.07 -2.46 7.14
C PHE A 26 -8.03 -2.36 8.26
N PRO A 27 -8.53 -2.47 9.52
CA PRO A 27 -7.65 -2.39 10.68
C PRO A 27 -6.86 -3.68 10.85
N HIS A 28 -7.28 -4.70 10.13
CA HIS A 28 -6.61 -6.00 10.20
C HIS A 28 -5.50 -6.05 9.14
N GLY A 29 -5.78 -5.43 8.01
CA GLY A 29 -4.82 -5.40 6.91
C GLY A 29 -5.49 -5.70 5.58
N ILE A 30 -4.71 -5.57 4.52
CA ILE A 30 -5.22 -5.82 3.18
C ILE A 30 -4.23 -6.70 2.42
N THR A 31 -4.76 -7.44 1.44
CA THR A 31 -3.94 -8.32 0.64
C THR A 31 -3.76 -7.75 -0.77
N ASP A 32 -2.59 -8.00 -1.33
CA ASP A 32 -2.29 -7.52 -2.68
C ASP A 32 -3.52 -7.69 -3.56
N GLN A 33 -4.31 -8.71 -3.23
CA GLN A 33 -5.52 -9.00 -3.99
C GLN A 33 -6.50 -7.82 -3.89
N VAL A 34 -6.79 -7.44 -2.65
CA VAL A 34 -7.70 -6.34 -2.41
C VAL A 34 -7.32 -5.16 -3.30
N ILE A 35 -6.16 -4.59 -3.00
CA ILE A 35 -5.67 -3.46 -3.77
C ILE A 35 -5.83 -3.73 -5.26
N GLN A 36 -5.84 -5.02 -5.58
CA GLN A 36 -5.97 -5.44 -6.97
C GLN A 36 -7.40 -5.17 -7.47
N ASN A 37 -8.36 -5.65 -6.69
CA ASN A 37 -9.76 -5.46 -7.04
C ASN A 37 -10.15 -4.01 -6.78
N GLU A 38 -9.33 -3.33 -6.00
CA GLU A 38 -9.58 -1.93 -5.68
C GLU A 38 -8.93 -1.02 -6.72
N MET A 39 -7.65 -1.26 -6.96
CA MET A 39 -6.91 -0.47 -7.92
C MET A 39 -6.12 -1.37 -8.88
N PRO A 40 -6.88 -2.09 -9.75
CA PRO A 40 -6.27 -2.99 -10.71
C PRO A 40 -5.64 -2.21 -11.86
N HIS A 41 -5.88 -0.91 -11.85
CA HIS A 41 -5.34 -0.04 -12.89
C HIS A 41 -3.90 0.36 -12.53
N ILE A 42 -3.51 0.00 -11.31
CA ILE A 42 -2.17 0.30 -10.84
C ILE A 42 -1.17 -0.66 -11.49
N GLU A 43 0.10 -0.32 -11.35
CA GLU A 43 1.16 -1.15 -11.92
C GLU A 43 1.75 -2.06 -10.85
N ALA A 44 2.51 -3.05 -11.32
CA ALA A 44 3.14 -4.00 -10.41
C ALA A 44 4.22 -3.28 -9.61
N GLN A 45 5.04 -2.52 -10.32
CA GLN A 45 6.12 -1.79 -9.69
C GLN A 45 5.56 -0.63 -8.86
N GLN A 46 4.45 -0.09 -9.34
CA GLN A 46 3.80 1.01 -8.65
C GLN A 46 3.23 0.56 -7.31
N ARG A 47 2.34 -0.42 -7.39
CA ARG A 47 1.72 -0.97 -6.19
C ARG A 47 2.78 -1.26 -5.13
N ALA A 48 3.89 -1.85 -5.58
CA ALA A 48 4.97 -2.18 -4.68
C ALA A 48 5.64 -0.90 -4.19
N VAL A 49 6.03 -0.07 -5.14
CA VAL A 49 6.68 1.19 -4.81
C VAL A 49 5.95 1.84 -3.64
N ALA A 50 4.72 2.25 -3.90
CA ALA A 50 3.90 2.89 -2.87
C ALA A 50 4.02 2.09 -1.58
N ILE A 51 3.84 0.78 -1.69
CA ILE A 51 3.91 -0.10 -0.55
C ILE A 51 5.26 0.09 0.15
N ASN A 52 6.32 -0.23 -0.59
CA ASN A 52 7.66 -0.10 -0.06
C ASN A 52 7.81 1.26 0.64
N ARG A 53 7.48 2.30 -0.10
CA ARG A 53 7.56 3.65 0.43
C ARG A 53 6.88 3.73 1.80
N LEU A 54 5.60 3.43 1.80
CA LEU A 54 4.82 3.46 3.03
C LEU A 54 5.50 2.58 4.07
N LEU A 55 5.84 1.37 3.65
CA LEU A 55 6.49 0.42 4.54
C LEU A 55 7.61 1.13 5.30
N SER A 56 8.42 1.86 4.54
CA SER A 56 9.53 2.59 5.13
C SER A 56 9.02 3.84 5.84
N MET A 57 8.35 4.70 5.08
CA MET A 57 7.82 5.92 5.63
C MET A 57 7.26 5.70 7.03
N GLY A 58 6.64 4.54 7.21
CA GLY A 58 6.05 4.19 8.50
C GLY A 58 4.55 4.44 8.51
N GLN A 59 3.98 4.52 7.32
CA GLN A 59 2.56 4.76 7.18
C GLN A 59 1.82 3.43 6.98
N LEU A 60 2.53 2.48 6.41
CA LEU A 60 1.95 1.16 6.17
C LEU A 60 2.64 0.13 7.06
N ASP A 61 1.87 -0.88 7.43
CA ASP A 61 2.39 -1.94 8.28
C ASP A 61 2.31 -3.27 7.54
N LEU A 62 3.47 -3.90 7.38
CA LEU A 62 3.54 -5.17 6.69
C LEU A 62 3.33 -6.31 7.70
N LEU A 63 2.35 -7.14 7.40
CA LEU A 63 2.02 -8.26 8.26
C LEU A 63 2.06 -9.56 7.46
N ARG A 64 3.11 -10.33 7.67
CA ARG A 64 3.28 -11.59 6.97
C ARG A 64 2.37 -12.66 7.57
N SER A 65 1.45 -13.14 6.75
CA SER A 65 0.51 -14.16 7.19
C SER A 65 0.45 -15.28 6.15
N ASN A 66 -0.34 -16.30 6.49
CA ASN A 66 -0.49 -17.44 5.61
C ASN A 66 -0.81 -16.95 4.18
N THR A 67 -0.62 -17.84 3.22
CA THR A 67 -0.88 -17.51 1.83
C THR A 67 0.12 -16.47 1.34
N GLY A 68 -0.06 -15.25 1.81
CA GLY A 68 0.83 -14.16 1.42
C GLY A 68 0.94 -13.13 2.54
N LEU A 69 1.62 -12.03 2.22
CA LEU A 69 1.82 -10.97 3.19
C LEU A 69 0.56 -10.10 3.26
N LEU A 70 0.48 -9.30 4.31
CA LEU A 70 -0.66 -8.43 4.50
C LEU A 70 -0.17 -7.01 4.79
N TYR A 71 -1.06 -6.05 4.57
CA TYR A 71 -0.73 -4.66 4.80
C TYR A 71 -1.85 -3.95 5.56
N ARG A 72 -1.50 -3.45 6.74
CA ARG A 72 -2.47 -2.75 7.58
C ARG A 72 -1.94 -1.36 7.94
N ILE A 73 -2.79 -0.59 8.61
CA ILE A 73 -2.43 0.74 9.02
C ILE A 73 -1.40 0.67 10.15
N LYS A 74 -0.27 1.33 9.93
CA LYS A 74 0.79 1.33 10.92
C LYS A 74 0.26 1.96 12.22
N ASP A 75 0.37 1.19 13.29
CA ASP A 75 -0.08 1.66 14.59
C ASP A 75 0.33 0.65 15.66
N SER A 76 1.38 1.02 16.40
CA SER A 76 1.89 0.16 17.46
C SER A 76 1.50 0.73 18.82
N GLY A 77 0.33 0.31 19.29
CA GLY A 77 -0.15 0.78 20.58
C GLY A 77 -1.40 -0.01 21.00
N PRO A 78 -1.62 -0.05 22.35
CA PRO A 78 -2.76 -0.76 22.89
C PRO A 78 -4.05 0.03 22.67
N SER A 79 -4.41 0.18 21.40
CA SER A 79 -5.61 0.91 21.04
C SER A 79 -6.40 0.12 19.99
N SER A 80 -7.47 -0.51 20.46
CA SER A 80 -8.32 -1.30 19.58
C SER A 80 -9.78 -1.07 19.94
N GLY A 81 -10.12 -1.39 21.18
CA GLY A 81 -11.49 -1.22 21.65
C GLY A 81 -12.08 -2.55 22.10
N GLY A 1 17.68 -9.26 -16.62
CA GLY A 1 17.23 -8.54 -15.44
C GLY A 1 16.02 -7.66 -15.77
N SER A 2 15.63 -6.86 -14.78
CA SER A 2 14.50 -5.97 -14.96
C SER A 2 14.98 -4.52 -15.10
N SER A 3 14.30 -3.79 -15.98
CA SER A 3 14.65 -2.40 -16.22
C SER A 3 13.41 -1.62 -16.66
N GLY A 4 13.28 -0.42 -16.11
CA GLY A 4 12.15 0.44 -16.44
C GLY A 4 11.34 0.78 -15.19
N SER A 5 11.76 1.84 -14.52
CA SER A 5 11.09 2.28 -13.32
C SER A 5 10.16 3.46 -13.64
N SER A 6 9.01 3.14 -14.21
CA SER A 6 8.04 4.15 -14.57
C SER A 6 6.80 3.50 -15.17
N GLY A 7 5.66 3.82 -14.59
CA GLY A 7 4.39 3.28 -15.06
C GLY A 7 3.78 4.17 -16.15
N PRO A 8 2.43 4.07 -16.28
CA PRO A 8 1.72 4.84 -17.29
C PRO A 8 1.61 6.31 -16.86
N ASP A 9 0.74 6.55 -15.90
CA ASP A 9 0.53 7.90 -15.40
C ASP A 9 -0.28 7.84 -14.11
N ALA A 10 0.44 7.69 -13.01
CA ALA A 10 -0.20 7.63 -11.70
C ALA A 10 0.80 8.04 -10.63
N ASP A 11 0.71 9.30 -10.23
CA ASP A 11 1.62 9.82 -9.21
C ASP A 11 1.76 8.79 -8.09
N PRO A 12 2.91 8.91 -7.36
CA PRO A 12 3.18 7.99 -6.27
C PRO A 12 2.33 8.33 -5.04
N VAL A 13 2.53 9.54 -4.54
CA VAL A 13 1.80 10.00 -3.37
C VAL A 13 0.34 9.52 -3.48
N GLU A 14 -0.27 9.83 -4.61
CA GLU A 14 -1.66 9.44 -4.84
C GLU A 14 -1.83 7.95 -4.57
N ILE A 15 -1.07 7.14 -5.29
CA ILE A 15 -1.14 5.70 -5.13
C ILE A 15 -1.08 5.36 -3.64
N GLU A 16 -0.07 5.89 -2.98
CA GLU A 16 0.11 5.65 -1.56
C GLU A 16 -1.16 6.05 -0.79
N ASN A 17 -1.50 7.33 -0.91
CA ASN A 17 -2.67 7.85 -0.23
C ASN A 17 -3.80 6.82 -0.31
N ARG A 18 -3.94 6.22 -1.49
CA ARG A 18 -4.96 5.22 -1.70
C ARG A 18 -4.83 4.09 -0.68
N ILE A 19 -3.62 3.55 -0.61
CA ILE A 19 -3.35 2.46 0.32
C ILE A 19 -3.74 2.89 1.74
N ILE A 20 -3.45 4.14 2.05
CA ILE A 20 -3.76 4.69 3.35
C ILE A 20 -5.26 4.54 3.61
N GLU A 21 -6.04 5.05 2.68
CA GLU A 21 -7.49 4.97 2.79
C GLU A 21 -7.94 3.53 3.03
N LEU A 22 -7.24 2.61 2.38
CA LEU A 22 -7.55 1.20 2.51
C LEU A 22 -7.10 0.71 3.89
N CYS A 23 -5.82 0.91 4.17
CA CYS A 23 -5.26 0.51 5.44
C CYS A 23 -6.20 0.97 6.56
N HIS A 24 -6.91 2.05 6.28
CA HIS A 24 -7.84 2.61 7.25
C HIS A 24 -9.13 1.79 7.24
N GLN A 25 -9.57 1.46 6.04
CA GLN A 25 -10.79 0.67 5.88
C GLN A 25 -10.64 -0.69 6.55
N PHE A 26 -9.41 -1.22 6.48
CA PHE A 26 -9.12 -2.51 7.07
C PHE A 26 -8.11 -2.37 8.20
N PRO A 27 -8.62 -2.48 9.45
CA PRO A 27 -7.76 -2.37 10.63
C PRO A 27 -6.94 -3.65 10.82
N HIS A 28 -7.36 -4.70 10.13
CA HIS A 28 -6.67 -5.97 10.22
C HIS A 28 -5.53 -6.01 9.20
N GLY A 29 -5.81 -5.47 8.03
CA GLY A 29 -4.82 -5.44 6.96
C GLY A 29 -5.46 -5.74 5.61
N ILE A 30 -4.64 -5.65 4.57
CA ILE A 30 -5.11 -5.90 3.22
C ILE A 30 -4.12 -6.82 2.51
N THR A 31 -4.58 -7.40 1.41
CA THR A 31 -3.74 -8.29 0.63
C THR A 31 -3.59 -7.78 -0.80
N ASP A 32 -2.48 -8.15 -1.41
CA ASP A 32 -2.21 -7.73 -2.78
C ASP A 32 -3.49 -7.84 -3.61
N GLN A 33 -4.21 -8.93 -3.39
CA GLN A 33 -5.46 -9.15 -4.11
C GLN A 33 -6.37 -7.94 -3.98
N VAL A 34 -6.69 -7.60 -2.74
CA VAL A 34 -7.55 -6.46 -2.48
C VAL A 34 -7.15 -5.28 -3.37
N ILE A 35 -5.98 -4.73 -3.06
CA ILE A 35 -5.46 -3.62 -3.82
C ILE A 35 -5.65 -3.89 -5.32
N GLN A 36 -5.62 -5.16 -5.66
CA GLN A 36 -5.79 -5.56 -7.05
C GLN A 36 -7.21 -5.25 -7.52
N ASN A 37 -8.17 -5.70 -6.73
CA ASN A 37 -9.58 -5.48 -7.05
C ASN A 37 -9.91 -3.99 -6.88
N GLU A 38 -9.03 -3.31 -6.16
CA GLU A 38 -9.22 -1.89 -5.92
C GLU A 38 -8.56 -1.06 -7.02
N MET A 39 -7.37 -1.50 -7.42
CA MET A 39 -6.63 -0.82 -8.47
C MET A 39 -5.85 -1.82 -9.33
N PRO A 40 -6.63 -2.59 -10.14
CA PRO A 40 -6.02 -3.58 -11.02
C PRO A 40 -5.35 -2.92 -12.22
N HIS A 41 -5.43 -1.60 -12.24
CA HIS A 41 -4.83 -0.83 -13.32
C HIS A 41 -3.42 -0.42 -12.94
N ILE A 42 -3.16 -0.41 -11.65
CA ILE A 42 -1.85 -0.04 -11.13
C ILE A 42 -0.82 -1.09 -11.57
N GLU A 43 0.36 -0.60 -11.91
CA GLU A 43 1.43 -1.49 -12.33
C GLU A 43 1.95 -2.30 -11.15
N ALA A 44 2.54 -3.44 -11.48
CA ALA A 44 3.08 -4.32 -10.45
C ALA A 44 4.12 -3.56 -9.62
N GLN A 45 4.89 -2.74 -10.32
CA GLN A 45 5.92 -1.94 -9.67
C GLN A 45 5.29 -0.76 -8.93
N GLN A 46 4.37 -0.10 -9.61
CA GLN A 46 3.69 1.05 -9.03
C GLN A 46 2.94 0.63 -7.75
N ARG A 47 2.41 -0.59 -7.78
CA ARG A 47 1.68 -1.11 -6.64
C ARG A 47 2.64 -1.40 -5.48
N ALA A 48 3.77 -1.98 -5.83
CA ALA A 48 4.77 -2.32 -4.83
C ALA A 48 5.43 -1.03 -4.33
N VAL A 49 5.76 -0.16 -5.28
CA VAL A 49 6.39 1.10 -4.95
C VAL A 49 5.64 1.76 -3.78
N ALA A 50 4.42 2.16 -4.07
CA ALA A 50 3.59 2.81 -3.06
C ALA A 50 3.67 2.01 -1.75
N ILE A 51 3.52 0.69 -1.89
CA ILE A 51 3.58 -0.19 -0.74
C ILE A 51 4.91 0.01 -0.02
N ASN A 52 5.98 -0.29 -0.73
CA ASN A 52 7.32 -0.16 -0.17
C ASN A 52 7.45 1.21 0.49
N ARG A 53 7.10 2.24 -0.27
CA ARG A 53 7.17 3.61 0.22
C ARG A 53 6.49 3.71 1.59
N LEU A 54 5.22 3.32 1.61
CA LEU A 54 4.45 3.38 2.84
C LEU A 54 5.16 2.57 3.92
N LEU A 55 5.62 1.39 3.53
CA LEU A 55 6.32 0.51 4.46
C LEU A 55 7.48 1.28 5.10
N SER A 56 8.22 1.99 4.25
CA SER A 56 9.35 2.77 4.72
C SER A 56 8.85 4.01 5.48
N MET A 57 8.11 4.84 4.77
CA MET A 57 7.57 6.05 5.36
C MET A 57 7.11 5.81 6.80
N GLY A 58 6.58 4.61 7.02
CA GLY A 58 6.10 4.24 8.34
C GLY A 58 4.61 4.48 8.46
N GLN A 59 3.94 4.53 7.32
CA GLN A 59 2.51 4.77 7.29
C GLN A 59 1.76 3.44 7.14
N LEU A 60 2.45 2.47 6.55
CA LEU A 60 1.86 1.16 6.35
C LEU A 60 2.62 0.13 7.19
N ASP A 61 1.87 -0.86 7.67
CA ASP A 61 2.45 -1.90 8.50
C ASP A 61 2.31 -3.24 7.77
N LEU A 62 3.45 -3.91 7.61
CA LEU A 62 3.47 -5.20 6.94
C LEU A 62 3.20 -6.31 7.96
N LEU A 63 2.42 -7.29 7.54
CA LEU A 63 2.08 -8.40 8.41
C LEU A 63 2.13 -9.69 7.60
N ARG A 64 3.17 -10.46 7.85
CA ARG A 64 3.35 -11.73 7.15
C ARG A 64 2.41 -12.80 7.73
N SER A 65 1.64 -13.41 6.84
CA SER A 65 0.70 -14.44 7.25
C SER A 65 0.96 -15.73 6.46
N ASN A 66 0.45 -15.75 5.24
CA ASN A 66 0.60 -16.90 4.37
C ASN A 66 0.16 -16.54 2.96
N THR A 67 0.56 -17.39 2.02
CA THR A 67 0.21 -17.17 0.63
C THR A 67 0.39 -15.70 0.25
N GLY A 68 1.33 -15.05 0.93
CA GLY A 68 1.61 -13.65 0.68
C GLY A 68 1.72 -12.87 2.00
N LEU A 69 1.89 -11.57 1.86
CA LEU A 69 2.00 -10.71 3.02
C LEU A 69 0.75 -9.83 3.13
N LEU A 70 0.59 -9.22 4.30
CA LEU A 70 -0.56 -8.37 4.53
C LEU A 70 -0.06 -6.96 4.89
N TYR A 71 -0.97 -6.00 4.72
CA TYR A 71 -0.64 -4.62 5.03
C TYR A 71 -1.81 -3.92 5.73
N ARG A 72 -1.49 -3.31 6.87
CA ARG A 72 -2.49 -2.62 7.66
C ARG A 72 -1.96 -1.25 8.10
N ILE A 73 -2.82 -0.52 8.79
CA ILE A 73 -2.45 0.80 9.27
C ILE A 73 -1.44 0.66 10.42
N LYS A 74 -0.35 1.39 10.29
CA LYS A 74 0.69 1.35 11.30
C LYS A 74 0.15 1.90 12.62
N ASP A 75 0.55 1.25 13.71
CA ASP A 75 0.10 1.66 15.03
C ASP A 75 0.79 0.80 16.08
N SER A 76 1.13 1.44 17.19
CA SER A 76 1.79 0.73 18.29
C SER A 76 2.82 -0.24 17.73
N GLY A 77 3.99 0.29 17.43
CA GLY A 77 5.08 -0.52 16.89
C GLY A 77 6.31 -0.47 17.79
N PRO A 78 7.13 -1.55 17.69
CA PRO A 78 8.35 -1.63 18.50
C PRO A 78 9.43 -0.70 17.97
N SER A 79 10.42 -0.46 18.81
CA SER A 79 11.53 0.41 18.43
C SER A 79 12.85 -0.36 18.53
N SER A 80 13.50 -0.48 17.37
CA SER A 80 14.78 -1.18 17.31
C SER A 80 15.91 -0.26 17.77
N GLY A 81 16.09 -0.19 19.08
CA GLY A 81 17.13 0.64 19.65
C GLY A 81 18.51 0.25 19.11
N GLY A 1 18.53 -0.17 -12.24
CA GLY A 1 18.67 0.36 -13.60
C GLY A 1 17.53 1.34 -13.92
N SER A 2 17.52 2.45 -13.20
CA SER A 2 16.50 3.46 -13.40
C SER A 2 16.87 4.74 -12.66
N SER A 3 16.21 5.82 -13.03
CA SER A 3 16.46 7.11 -12.41
C SER A 3 15.29 8.06 -12.67
N GLY A 4 14.70 8.53 -11.59
CA GLY A 4 13.58 9.45 -11.69
C GLY A 4 12.30 8.71 -12.12
N SER A 5 11.73 9.17 -13.22
CA SER A 5 10.53 8.57 -13.74
C SER A 5 10.77 7.09 -14.07
N SER A 6 9.69 6.32 -14.02
CA SER A 6 9.78 4.90 -14.30
C SER A 6 8.49 4.42 -14.98
N GLY A 7 7.37 4.66 -14.30
CA GLY A 7 6.09 4.26 -14.82
C GLY A 7 5.06 5.39 -14.69
N PRO A 8 4.89 6.15 -15.80
CA PRO A 8 3.95 7.26 -15.81
C PRO A 8 2.51 6.75 -15.89
N ASP A 9 2.07 6.16 -14.79
CA ASP A 9 0.72 5.63 -14.73
C ASP A 9 0.17 5.79 -13.30
N ALA A 10 -0.63 6.84 -13.13
CA ALA A 10 -1.21 7.12 -11.82
C ALA A 10 -0.13 7.67 -10.90
N ASP A 11 -0.27 8.96 -10.58
CA ASP A 11 0.68 9.63 -9.72
C ASP A 11 1.07 8.69 -8.57
N PRO A 12 2.25 8.98 -7.97
CA PRO A 12 2.74 8.18 -6.86
C PRO A 12 1.96 8.48 -5.58
N VAL A 13 2.04 9.73 -5.15
CA VAL A 13 1.35 10.15 -3.95
C VAL A 13 -0.06 9.57 -3.94
N GLU A 14 -0.82 9.90 -4.96
CA GLU A 14 -2.18 9.41 -5.08
C GLU A 14 -2.25 7.94 -4.67
N ILE A 15 -1.48 7.12 -5.39
CA ILE A 15 -1.46 5.70 -5.10
C ILE A 15 -1.33 5.48 -3.59
N GLU A 16 -0.28 6.05 -3.02
CA GLU A 16 -0.03 5.93 -1.60
C GLU A 16 -1.28 6.31 -0.81
N ASN A 17 -1.66 7.57 -0.92
CA ASN A 17 -2.83 8.07 -0.22
C ASN A 17 -3.94 7.03 -0.30
N ARG A 18 -4.09 6.45 -1.48
CA ARG A 18 -5.11 5.43 -1.69
C ARG A 18 -4.93 4.28 -0.70
N ILE A 19 -3.70 3.80 -0.61
CA ILE A 19 -3.38 2.71 0.29
C ILE A 19 -3.78 3.10 1.71
N ILE A 20 -3.56 4.36 2.04
CA ILE A 20 -3.90 4.86 3.36
C ILE A 20 -5.39 4.65 3.62
N GLU A 21 -6.19 5.15 2.70
CA GLU A 21 -7.64 5.02 2.81
C GLU A 21 -8.03 3.56 3.03
N LEU A 22 -7.27 2.68 2.38
CA LEU A 22 -7.54 1.25 2.49
C LEU A 22 -7.03 0.76 3.85
N CYS A 23 -5.73 0.95 4.08
CA CYS A 23 -5.13 0.54 5.32
C CYS A 23 -6.02 0.99 6.48
N HIS A 24 -6.68 2.11 6.27
CA HIS A 24 -7.57 2.66 7.27
C HIS A 24 -8.89 1.88 7.27
N GLN A 25 -9.35 1.56 6.07
CA GLN A 25 -10.60 0.82 5.92
C GLN A 25 -10.47 -0.55 6.57
N PHE A 26 -9.31 -1.16 6.39
CA PHE A 26 -9.05 -2.48 6.96
C PHE A 26 -8.05 -2.38 8.11
N PRO A 27 -8.60 -2.44 9.35
CA PRO A 27 -7.78 -2.38 10.55
C PRO A 27 -7.04 -3.69 10.78
N HIS A 28 -7.34 -4.66 9.92
CA HIS A 28 -6.70 -5.97 10.02
C HIS A 28 -5.63 -6.10 8.95
N GLY A 29 -5.75 -5.28 7.92
CA GLY A 29 -4.78 -5.29 6.83
C GLY A 29 -5.47 -5.63 5.50
N ILE A 30 -4.71 -5.51 4.43
CA ILE A 30 -5.23 -5.80 3.10
C ILE A 30 -4.25 -6.73 2.38
N THR A 31 -4.82 -7.56 1.51
CA THR A 31 -4.02 -8.51 0.74
C THR A 31 -3.79 -7.99 -0.68
N ASP A 32 -2.61 -8.27 -1.19
CA ASP A 32 -2.25 -7.84 -2.53
C ASP A 32 -3.45 -8.02 -3.46
N GLN A 33 -4.26 -9.02 -3.13
CA GLN A 33 -5.44 -9.31 -3.93
C GLN A 33 -6.42 -8.14 -3.86
N VAL A 34 -6.73 -7.74 -2.63
CA VAL A 34 -7.66 -6.64 -2.42
C VAL A 34 -7.24 -5.45 -3.28
N ILE A 35 -6.09 -4.88 -2.94
CA ILE A 35 -5.57 -3.74 -3.69
C ILE A 35 -5.72 -4.00 -5.19
N GLN A 36 -5.72 -5.28 -5.54
CA GLN A 36 -5.86 -5.67 -6.93
C GLN A 36 -7.26 -5.34 -7.44
N ASN A 37 -8.25 -5.80 -6.70
CA ASN A 37 -9.64 -5.56 -7.07
C ASN A 37 -9.96 -4.07 -6.85
N GLU A 38 -9.17 -3.45 -5.99
CA GLU A 38 -9.36 -2.04 -5.70
C GLU A 38 -8.69 -1.17 -6.75
N MET A 39 -7.49 -1.59 -7.14
CA MET A 39 -6.72 -0.87 -8.13
C MET A 39 -5.94 -1.83 -9.03
N PRO A 40 -6.70 -2.56 -9.89
CA PRO A 40 -6.09 -3.52 -10.79
C PRO A 40 -5.41 -2.80 -11.97
N HIS A 41 -5.51 -1.47 -11.94
CA HIS A 41 -4.91 -0.66 -13.00
C HIS A 41 -3.48 -0.30 -12.61
N ILE A 42 -3.22 -0.34 -11.30
CA ILE A 42 -1.90 -0.02 -10.79
C ILE A 42 -0.89 -1.03 -11.35
N GLU A 43 0.34 -0.57 -11.49
CA GLU A 43 1.41 -1.42 -12.00
C GLU A 43 2.00 -2.26 -10.86
N ALA A 44 2.68 -3.33 -11.26
CA ALA A 44 3.29 -4.23 -10.30
C ALA A 44 4.36 -3.47 -9.51
N GLN A 45 5.04 -2.57 -10.22
CA GLN A 45 6.09 -1.77 -9.59
C GLN A 45 5.47 -0.60 -8.82
N GLN A 46 4.47 0.01 -9.43
CA GLN A 46 3.78 1.14 -8.82
C GLN A 46 3.16 0.72 -7.49
N ARG A 47 2.58 -0.47 -7.49
CA ARG A 47 1.94 -0.99 -6.29
C ARG A 47 2.99 -1.26 -5.21
N ALA A 48 4.03 -1.99 -5.60
CA ALA A 48 5.10 -2.32 -4.67
C ALA A 48 5.76 -1.02 -4.19
N VAL A 49 6.08 -0.16 -5.13
CA VAL A 49 6.71 1.11 -4.81
C VAL A 49 5.98 1.75 -3.63
N ALA A 50 4.73 2.12 -3.88
CA ALA A 50 3.91 2.74 -2.85
C ALA A 50 4.05 1.96 -1.55
N ILE A 51 3.87 0.65 -1.66
CA ILE A 51 3.97 -0.23 -0.50
C ILE A 51 5.32 0.01 0.19
N ASN A 52 6.39 -0.29 -0.54
CA ASN A 52 7.73 -0.11 -0.02
C ASN A 52 7.84 1.27 0.63
N ARG A 53 7.44 2.28 -0.12
CA ARG A 53 7.50 3.64 0.36
C ARG A 53 6.81 3.75 1.72
N LEU A 54 5.55 3.35 1.74
CA LEU A 54 4.78 3.40 2.98
C LEU A 54 5.46 2.54 4.04
N LEU A 55 5.85 1.34 3.63
CA LEU A 55 6.51 0.42 4.53
C LEU A 55 7.63 1.15 5.27
N SER A 56 8.34 1.98 4.53
CA SER A 56 9.44 2.74 5.10
C SER A 56 8.89 3.99 5.81
N MET A 57 8.21 4.82 5.03
CA MET A 57 7.64 6.05 5.56
C MET A 57 7.02 5.80 6.94
N GLY A 58 6.57 4.56 7.14
CA GLY A 58 5.96 4.18 8.41
C GLY A 58 4.45 4.43 8.36
N GLN A 59 3.92 4.46 7.15
CA GLN A 59 2.49 4.69 6.96
C GLN A 59 1.77 3.35 6.76
N LEU A 60 2.53 2.37 6.31
CA LEU A 60 1.97 1.05 6.07
C LEU A 60 2.71 0.02 6.95
N ASP A 61 1.98 -1.02 7.32
CA ASP A 61 2.55 -2.07 8.14
C ASP A 61 2.35 -3.42 7.47
N LEU A 62 3.45 -4.12 7.24
CA LEU A 62 3.40 -5.43 6.61
C LEU A 62 3.17 -6.50 7.68
N LEU A 63 2.40 -7.50 7.29
CA LEU A 63 2.10 -8.59 8.21
C LEU A 63 2.06 -9.91 7.43
N ARG A 64 3.10 -10.70 7.62
CA ARG A 64 3.20 -11.99 6.93
C ARG A 64 2.31 -13.02 7.62
N SER A 65 1.27 -13.44 6.90
CA SER A 65 0.35 -14.42 7.42
C SER A 65 0.42 -15.71 6.59
N ASN A 66 -0.08 -15.61 5.37
CA ASN A 66 -0.09 -16.74 4.47
C ASN A 66 -0.76 -16.35 3.15
N THR A 67 -0.57 -17.20 2.15
CA THR A 67 -1.15 -16.95 0.84
C THR A 67 -1.05 -15.47 0.49
N GLY A 68 0.11 -14.89 0.80
CA GLY A 68 0.34 -13.49 0.53
C GLY A 68 0.48 -12.68 1.82
N LEU A 69 1.29 -11.64 1.75
CA LEU A 69 1.52 -10.80 2.91
C LEU A 69 0.30 -9.91 3.13
N LEU A 70 0.24 -9.31 4.32
CA LEU A 70 -0.86 -8.44 4.67
C LEU A 70 -0.34 -7.03 4.94
N TYR A 71 -1.16 -6.05 4.60
CA TYR A 71 -0.78 -4.66 4.80
C TYR A 71 -1.89 -3.89 5.52
N ARG A 72 -1.54 -3.38 6.69
CA ARG A 72 -2.50 -2.62 7.49
C ARG A 72 -1.93 -1.24 7.83
N ILE A 73 -2.74 -0.47 8.55
CA ILE A 73 -2.32 0.87 8.94
C ILE A 73 -1.26 0.77 10.04
N LYS A 74 -0.12 1.40 9.79
CA LYS A 74 0.97 1.39 10.73
C LYS A 74 0.54 2.09 12.02
N ASP A 75 1.07 1.61 13.14
CA ASP A 75 0.74 2.17 14.43
C ASP A 75 -0.76 2.13 14.64
N SER A 76 -1.19 1.17 15.46
CA SER A 76 -2.61 1.01 15.75
C SER A 76 -2.80 0.04 16.91
N GLY A 77 -3.05 0.61 18.08
CA GLY A 77 -3.25 -0.20 19.27
C GLY A 77 -4.70 -0.66 19.38
N PRO A 78 -4.89 -1.79 20.12
CA PRO A 78 -6.22 -2.34 20.30
C PRO A 78 -7.02 -1.52 21.32
N SER A 79 -8.30 -1.82 21.40
CA SER A 79 -9.18 -1.12 22.32
C SER A 79 -10.16 -2.11 22.97
N SER A 80 -9.93 -2.36 24.25
CA SER A 80 -10.78 -3.28 24.99
C SER A 80 -10.36 -3.31 26.46
N GLY A 81 -11.27 -3.78 27.30
CA GLY A 81 -11.01 -3.86 28.73
C GLY A 81 -10.31 -2.60 29.23
N GLY A 1 -13.27 5.36 -20.10
CA GLY A 1 -12.14 4.50 -20.45
C GLY A 1 -11.06 5.30 -21.18
N SER A 2 -9.86 4.73 -21.20
CA SER A 2 -8.74 5.38 -21.86
C SER A 2 -8.11 4.41 -22.88
N SER A 3 -8.57 4.53 -24.11
CA SER A 3 -8.07 3.68 -25.18
C SER A 3 -6.54 3.53 -25.06
N GLY A 4 -6.09 2.29 -25.15
CA GLY A 4 -4.67 2.01 -25.06
C GLY A 4 -4.20 2.04 -23.60
N SER A 5 -3.20 1.22 -23.32
CA SER A 5 -2.65 1.16 -21.98
C SER A 5 -1.12 1.25 -22.03
N SER A 6 -0.64 2.47 -22.19
CA SER A 6 0.79 2.71 -22.26
C SER A 6 1.14 3.98 -21.48
N GLY A 7 1.62 3.77 -20.27
CA GLY A 7 2.00 4.89 -19.41
C GLY A 7 0.78 5.73 -19.04
N PRO A 8 -0.11 5.11 -18.20
CA PRO A 8 -1.31 5.80 -17.76
C PRO A 8 -0.98 6.86 -16.71
N ASP A 9 0.04 6.57 -15.91
CA ASP A 9 0.46 7.47 -14.87
C ASP A 9 -0.65 7.61 -13.83
N ALA A 10 -0.36 7.12 -12.63
CA ALA A 10 -1.32 7.18 -11.54
C ALA A 10 -0.73 7.97 -10.38
N ASP A 11 0.42 8.57 -10.64
CA ASP A 11 1.10 9.36 -9.62
C ASP A 11 1.40 8.47 -8.42
N PRO A 12 2.48 8.86 -7.68
CA PRO A 12 2.90 8.10 -6.51
C PRO A 12 1.96 8.36 -5.33
N VAL A 13 1.98 9.61 -4.86
CA VAL A 13 1.14 10.01 -3.75
C VAL A 13 -0.23 9.36 -3.89
N GLU A 14 -0.87 9.63 -5.02
CA GLU A 14 -2.18 9.07 -5.29
C GLU A 14 -2.23 7.59 -4.88
N ILE A 15 -1.30 6.83 -5.44
CA ILE A 15 -1.22 5.41 -5.15
C ILE A 15 -1.15 5.20 -3.63
N GLU A 16 -0.22 5.92 -3.01
CA GLU A 16 -0.04 5.84 -1.58
C GLU A 16 -1.34 6.16 -0.85
N ASN A 17 -1.75 7.42 -0.97
CA ASN A 17 -2.97 7.87 -0.34
C ASN A 17 -4.03 6.78 -0.44
N ARG A 18 -4.09 6.16 -1.61
CA ARG A 18 -5.05 5.10 -1.87
C ARG A 18 -4.90 3.99 -0.82
N ILE A 19 -3.66 3.52 -0.67
CA ILE A 19 -3.38 2.47 0.29
C ILE A 19 -3.84 2.91 1.67
N ILE A 20 -3.58 4.16 1.99
CA ILE A 20 -3.97 4.71 3.27
C ILE A 20 -5.47 4.49 3.49
N GLU A 21 -6.25 5.06 2.60
CA GLU A 21 -7.69 4.94 2.68
C GLU A 21 -8.09 3.48 2.92
N LEU A 22 -7.28 2.59 2.34
CA LEU A 22 -7.53 1.17 2.49
C LEU A 22 -7.06 0.70 3.87
N CYS A 23 -5.78 0.92 4.14
CA CYS A 23 -5.21 0.54 5.40
C CYS A 23 -6.12 1.03 6.52
N HIS A 24 -6.73 2.18 6.28
CA HIS A 24 -7.64 2.76 7.26
C HIS A 24 -8.98 2.03 7.21
N GLN A 25 -9.41 1.71 6.00
CA GLN A 25 -10.67 1.01 5.81
C GLN A 25 -10.59 -0.39 6.42
N PHE A 26 -9.40 -0.97 6.35
CA PHE A 26 -9.18 -2.29 6.88
C PHE A 26 -8.10 -2.29 7.96
N PRO A 27 -8.58 -2.43 9.23
CA PRO A 27 -7.66 -2.43 10.37
C PRO A 27 -6.91 -3.76 10.46
N HIS A 28 -7.55 -4.81 9.95
CA HIS A 28 -6.95 -6.13 9.97
C HIS A 28 -5.79 -6.18 8.98
N GLY A 29 -5.99 -5.54 7.85
CA GLY A 29 -4.97 -5.50 6.81
C GLY A 29 -5.59 -5.70 5.42
N ILE A 30 -4.73 -5.62 4.41
CA ILE A 30 -5.18 -5.78 3.05
C ILE A 30 -4.15 -6.61 2.27
N THR A 31 -4.66 -7.53 1.47
CA THR A 31 -3.80 -8.39 0.68
C THR A 31 -3.64 -7.82 -0.74
N ASP A 32 -2.47 -8.06 -1.30
CA ASP A 32 -2.18 -7.58 -2.65
C ASP A 32 -3.40 -7.77 -3.54
N GLN A 33 -4.18 -8.79 -3.21
CA GLN A 33 -5.39 -9.08 -3.96
C GLN A 33 -6.38 -7.94 -3.85
N VAL A 34 -6.71 -7.60 -2.61
CA VAL A 34 -7.64 -6.51 -2.35
C VAL A 34 -7.26 -5.30 -3.21
N ILE A 35 -6.12 -4.72 -2.89
CA ILE A 35 -5.64 -3.56 -3.62
C ILE A 35 -5.79 -3.81 -5.12
N GLN A 36 -5.77 -5.09 -5.48
CA GLN A 36 -5.91 -5.47 -6.88
C GLN A 36 -7.33 -5.19 -7.38
N ASN A 37 -8.30 -5.68 -6.62
CA ASN A 37 -9.69 -5.49 -6.97
C ASN A 37 -10.07 -4.03 -6.74
N GLU A 38 -9.21 -3.33 -6.01
CA GLU A 38 -9.44 -1.92 -5.70
C GLU A 38 -8.78 -1.04 -6.76
N MET A 39 -7.48 -1.23 -6.93
CA MET A 39 -6.73 -0.46 -7.90
C MET A 39 -5.89 -1.38 -8.79
N PRO A 40 -6.59 -2.15 -9.65
CA PRO A 40 -5.93 -3.07 -10.56
C PRO A 40 -5.28 -2.31 -11.72
N HIS A 41 -5.56 -1.02 -11.77
CA HIS A 41 -5.02 -0.17 -12.82
C HIS A 41 -3.58 0.24 -12.46
N ILE A 42 -3.19 -0.11 -11.25
CA ILE A 42 -1.85 0.22 -10.76
C ILE A 42 -0.85 -0.78 -11.36
N GLU A 43 0.37 -0.29 -11.54
CA GLU A 43 1.42 -1.12 -12.10
C GLU A 43 2.00 -2.03 -11.01
N ALA A 44 2.62 -3.11 -11.47
CA ALA A 44 3.22 -4.07 -10.55
C ALA A 44 4.25 -3.36 -9.69
N GLN A 45 5.09 -2.56 -10.34
CA GLN A 45 6.12 -1.81 -9.64
C GLN A 45 5.50 -0.67 -8.84
N GLN A 46 4.59 0.04 -9.49
CA GLN A 46 3.91 1.16 -8.85
C GLN A 46 3.20 0.70 -7.58
N ARG A 47 2.60 -0.48 -7.66
CA ARG A 47 1.90 -1.05 -6.52
C ARG A 47 2.87 -1.31 -5.36
N ALA A 48 4.00 -1.89 -5.72
CA ALA A 48 5.02 -2.20 -4.73
C ALA A 48 5.69 -0.90 -4.26
N VAL A 49 5.94 -0.02 -5.22
CA VAL A 49 6.57 1.25 -4.93
C VAL A 49 5.88 1.89 -3.71
N ALA A 50 4.64 2.30 -3.94
CA ALA A 50 3.87 2.93 -2.88
C ALA A 50 4.00 2.10 -1.60
N ILE A 51 3.79 0.80 -1.75
CA ILE A 51 3.88 -0.10 -0.62
C ILE A 51 5.23 0.09 0.08
N ASN A 52 6.29 -0.18 -0.67
CA ASN A 52 7.64 -0.04 -0.13
C ASN A 52 7.76 1.31 0.58
N ARG A 53 7.41 2.36 -0.15
CA ARG A 53 7.47 3.71 0.39
C ARG A 53 6.80 3.76 1.77
N LEU A 54 5.54 3.37 1.79
CA LEU A 54 4.78 3.36 3.04
C LEU A 54 5.51 2.50 4.06
N LEU A 55 5.83 1.28 3.65
CA LEU A 55 6.52 0.34 4.52
C LEU A 55 7.64 1.08 5.26
N SER A 56 8.44 1.79 4.49
CA SER A 56 9.55 2.54 5.05
C SER A 56 9.03 3.78 5.78
N MET A 57 8.36 4.64 5.02
CA MET A 57 7.80 5.87 5.57
C MET A 57 7.24 5.63 6.98
N GLY A 58 6.78 4.40 7.19
CA GLY A 58 6.21 4.04 8.47
C GLY A 58 4.70 4.30 8.51
N GLN A 59 4.14 4.42 7.32
CA GLN A 59 2.70 4.67 7.19
C GLN A 59 1.94 3.35 7.04
N LEU A 60 2.61 2.40 6.39
CA LEU A 60 2.01 1.10 6.18
C LEU A 60 2.71 0.06 7.06
N ASP A 61 1.95 -0.95 7.46
CA ASP A 61 2.49 -2.00 8.30
C ASP A 61 2.29 -3.35 7.62
N LEU A 62 3.39 -4.04 7.41
CA LEU A 62 3.36 -5.34 6.76
C LEU A 62 3.11 -6.42 7.82
N LEU A 63 2.36 -7.45 7.40
CA LEU A 63 2.04 -8.54 8.29
C LEU A 63 2.05 -9.85 7.51
N ARG A 64 3.10 -10.63 7.73
CA ARG A 64 3.25 -11.91 7.05
C ARG A 64 2.34 -12.96 7.69
N SER A 65 1.34 -13.37 6.94
CA SER A 65 0.40 -14.37 7.42
C SER A 65 0.58 -15.69 6.65
N ASN A 66 -0.06 -15.76 5.50
CA ASN A 66 0.02 -16.94 4.67
C ASN A 66 -0.54 -16.63 3.28
N THR A 67 -0.11 -17.42 2.30
CA THR A 67 -0.56 -17.24 0.94
C THR A 67 -0.50 -15.77 0.55
N GLY A 68 0.55 -15.10 1.03
CA GLY A 68 0.73 -13.70 0.74
C GLY A 68 0.86 -12.88 2.03
N LEU A 69 1.45 -11.71 1.89
CA LEU A 69 1.65 -10.82 3.03
C LEU A 69 0.41 -9.96 3.21
N LEU A 70 0.32 -9.34 4.38
CA LEU A 70 -0.80 -8.48 4.70
C LEU A 70 -0.29 -7.07 5.00
N TYR A 71 -1.13 -6.09 4.66
CA TYR A 71 -0.78 -4.71 4.89
C TYR A 71 -1.89 -3.98 5.65
N ARG A 72 -1.49 -3.34 6.75
CA ARG A 72 -2.43 -2.61 7.58
C ARG A 72 -1.84 -1.27 8.00
N ILE A 73 -2.65 -0.49 8.71
CA ILE A 73 -2.22 0.81 9.18
C ILE A 73 -1.17 0.64 10.28
N LYS A 74 -0.06 1.34 10.12
CA LYS A 74 1.02 1.27 11.10
C LYS A 74 0.54 1.88 12.42
N ASP A 75 0.90 1.21 13.51
CA ASP A 75 0.51 1.68 14.83
C ASP A 75 1.49 1.11 15.86
N SER A 76 1.38 1.62 17.07
CA SER A 76 2.24 1.18 18.15
C SER A 76 1.40 0.57 19.28
N GLY A 77 1.66 -0.70 19.54
CA GLY A 77 0.94 -1.42 20.58
C GLY A 77 1.40 -0.98 21.97
N PRO A 78 0.49 -1.16 22.96
CA PRO A 78 0.79 -0.79 24.34
C PRO A 78 1.74 -1.80 24.97
N SER A 79 1.39 -3.06 24.85
CA SER A 79 2.20 -4.13 25.41
C SER A 79 2.82 -4.96 24.28
N SER A 80 4.11 -4.73 24.06
CA SER A 80 4.84 -5.44 23.03
C SER A 80 4.56 -6.95 23.13
N GLY A 81 4.40 -7.57 21.98
CA GLY A 81 4.14 -8.99 21.93
C GLY A 81 2.73 -9.28 21.41
N GLY A 1 10.73 12.16 -31.72
CA GLY A 1 9.92 11.05 -31.24
C GLY A 1 9.05 11.48 -30.05
N SER A 2 9.39 10.95 -28.90
CA SER A 2 8.66 11.27 -27.68
C SER A 2 9.51 10.95 -26.45
N SER A 3 10.01 12.00 -25.82
CA SER A 3 10.83 11.84 -24.64
C SER A 3 9.97 11.45 -23.44
N GLY A 4 10.56 10.65 -22.56
CA GLY A 4 9.85 10.20 -21.38
C GLY A 4 9.70 11.34 -20.36
N SER A 5 8.47 11.54 -19.92
CA SER A 5 8.17 12.59 -18.96
C SER A 5 7.09 12.12 -17.99
N SER A 6 6.89 12.91 -16.95
CA SER A 6 5.89 12.58 -15.95
C SER A 6 4.55 13.23 -16.32
N GLY A 7 3.57 12.37 -16.58
CA GLY A 7 2.25 12.84 -16.95
C GLY A 7 1.21 11.73 -16.83
N PRO A 8 1.10 10.92 -17.92
CA PRO A 8 0.16 9.81 -17.94
C PRO A 8 0.66 8.65 -17.09
N ASP A 9 0.85 8.94 -15.81
CA ASP A 9 1.33 7.93 -14.88
C ASP A 9 0.79 8.22 -13.48
N ALA A 10 -0.12 7.36 -13.05
CA ALA A 10 -0.74 7.52 -11.74
C ALA A 10 0.35 7.90 -10.72
N ASP A 11 0.34 9.16 -10.33
CA ASP A 11 1.30 9.67 -9.37
C ASP A 11 1.51 8.62 -8.27
N PRO A 12 2.70 8.70 -7.62
CA PRO A 12 3.03 7.78 -6.55
C PRO A 12 2.26 8.12 -5.27
N VAL A 13 2.52 9.31 -4.77
CA VAL A 13 1.86 9.77 -3.55
C VAL A 13 0.40 9.34 -3.58
N GLU A 14 -0.28 9.72 -4.66
CA GLU A 14 -1.68 9.38 -4.82
C GLU A 14 -1.90 7.89 -4.53
N ILE A 15 -1.18 7.06 -5.27
CA ILE A 15 -1.30 5.62 -5.11
C ILE A 15 -1.19 5.27 -3.63
N GLU A 16 -0.17 5.84 -2.99
CA GLU A 16 0.06 5.60 -1.57
C GLU A 16 -1.15 6.05 -0.76
N ASN A 17 -1.48 7.33 -0.90
CA ASN A 17 -2.61 7.90 -0.18
C ASN A 17 -3.77 6.91 -0.21
N ARG A 18 -3.94 6.26 -1.35
CA ARG A 18 -5.01 5.30 -1.53
C ARG A 18 -4.85 4.16 -0.51
N ILE A 19 -3.69 3.54 -0.54
CA ILE A 19 -3.41 2.44 0.37
C ILE A 19 -3.79 2.85 1.80
N ILE A 20 -3.48 4.10 2.12
CA ILE A 20 -3.77 4.63 3.44
C ILE A 20 -5.27 4.49 3.71
N GLU A 21 -6.05 5.15 2.88
CA GLU A 21 -7.50 5.13 3.02
C GLU A 21 -7.98 3.67 3.19
N LEU A 22 -7.28 2.77 2.52
CA LEU A 22 -7.62 1.36 2.60
C LEU A 22 -7.18 0.80 3.95
N CYS A 23 -5.90 0.98 4.25
CA CYS A 23 -5.36 0.50 5.51
C CYS A 23 -6.32 0.88 6.63
N HIS A 24 -6.97 2.02 6.43
CA HIS A 24 -7.92 2.51 7.42
C HIS A 24 -9.20 1.68 7.36
N GLN A 25 -9.66 1.43 6.15
CA GLN A 25 -10.86 0.65 5.93
C GLN A 25 -10.69 -0.77 6.49
N PHE A 26 -9.44 -1.20 6.52
CA PHE A 26 -9.13 -2.53 7.03
C PHE A 26 -8.18 -2.44 8.23
N PRO A 27 -8.74 -2.72 9.43
CA PRO A 27 -7.95 -2.68 10.66
C PRO A 27 -7.04 -3.91 10.76
N HIS A 28 -7.40 -4.94 10.02
CA HIS A 28 -6.63 -6.17 10.03
C HIS A 28 -5.50 -6.07 9.00
N GLY A 29 -5.83 -5.48 7.86
CA GLY A 29 -4.85 -5.31 6.79
C GLY A 29 -5.48 -5.61 5.42
N ILE A 30 -4.66 -5.44 4.39
CA ILE A 30 -5.12 -5.69 3.04
C ILE A 30 -4.10 -6.57 2.32
N THR A 31 -4.62 -7.42 1.43
CA THR A 31 -3.77 -8.31 0.66
C THR A 31 -3.57 -7.79 -0.75
N ASP A 32 -2.39 -8.03 -1.29
CA ASP A 32 -2.06 -7.59 -2.63
C ASP A 32 -3.27 -7.79 -3.54
N GLN A 33 -4.02 -8.85 -3.25
CA GLN A 33 -5.20 -9.16 -4.04
C GLN A 33 -6.21 -8.01 -3.96
N VAL A 34 -6.53 -7.62 -2.73
CA VAL A 34 -7.47 -6.54 -2.51
C VAL A 34 -7.07 -5.33 -3.36
N ILE A 35 -5.94 -4.74 -2.98
CA ILE A 35 -5.44 -3.58 -3.70
C ILE A 35 -5.56 -3.83 -5.21
N GLN A 36 -5.52 -5.10 -5.58
CA GLN A 36 -5.62 -5.48 -6.97
C GLN A 36 -7.02 -5.16 -7.50
N ASN A 37 -8.01 -5.61 -6.76
CA ASN A 37 -9.39 -5.38 -7.15
C ASN A 37 -9.76 -3.91 -6.91
N GLU A 38 -8.94 -3.27 -6.08
CA GLU A 38 -9.16 -1.87 -5.76
C GLU A 38 -8.49 -0.97 -6.80
N MET A 39 -7.27 -1.36 -7.17
CA MET A 39 -6.52 -0.60 -8.16
C MET A 39 -5.75 -1.54 -9.09
N PRO A 40 -6.53 -2.28 -9.92
CA PRO A 40 -5.94 -3.21 -10.87
C PRO A 40 -5.33 -2.47 -12.05
N HIS A 41 -5.45 -1.15 -12.02
CA HIS A 41 -4.91 -0.31 -13.08
C HIS A 41 -3.47 0.08 -12.74
N ILE A 42 -3.11 -0.18 -11.49
CA ILE A 42 -1.76 0.14 -11.03
C ILE A 42 -0.78 -0.89 -11.57
N GLU A 43 0.43 -0.43 -11.85
CA GLU A 43 1.47 -1.30 -12.37
C GLU A 43 2.01 -2.20 -11.27
N ALA A 44 2.72 -3.23 -11.68
CA ALA A 44 3.31 -4.18 -10.74
C ALA A 44 4.32 -3.44 -9.86
N GLN A 45 5.10 -2.58 -10.49
CA GLN A 45 6.11 -1.81 -9.77
C GLN A 45 5.44 -0.67 -9.00
N GLN A 46 4.44 -0.07 -9.61
CA GLN A 46 3.72 1.01 -8.99
C GLN A 46 3.04 0.54 -7.70
N ARG A 47 2.39 -0.60 -7.80
CA ARG A 47 1.69 -1.16 -6.66
C ARG A 47 2.67 -1.42 -5.51
N ALA A 48 3.80 -2.02 -5.86
CA ALA A 48 4.83 -2.32 -4.89
C ALA A 48 5.45 -1.03 -4.38
N VAL A 49 5.86 -0.19 -5.33
CA VAL A 49 6.47 1.08 -5.00
C VAL A 49 5.70 1.73 -3.86
N ALA A 50 4.44 2.09 -4.15
CA ALA A 50 3.59 2.71 -3.16
C ALA A 50 3.69 1.95 -1.84
N ILE A 51 3.56 0.63 -1.95
CA ILE A 51 3.64 -0.22 -0.77
C ILE A 51 4.98 0.02 -0.07
N ASN A 52 6.06 -0.31 -0.78
CA ASN A 52 7.39 -0.15 -0.23
C ASN A 52 7.50 1.23 0.43
N ARG A 53 7.13 2.24 -0.32
CA ARG A 53 7.17 3.61 0.17
C ARG A 53 6.50 3.70 1.55
N LEU A 54 5.23 3.32 1.57
CA LEU A 54 4.46 3.34 2.80
C LEU A 54 5.19 2.54 3.87
N LEU A 55 5.59 1.33 3.50
CA LEU A 55 6.30 0.46 4.42
C LEU A 55 7.42 1.24 5.10
N SER A 56 8.21 1.92 4.28
CA SER A 56 9.32 2.71 4.80
C SER A 56 8.78 3.96 5.50
N MET A 57 8.06 4.77 4.75
CA MET A 57 7.49 6.00 5.29
C MET A 57 7.01 5.79 6.72
N GLY A 58 6.53 4.58 6.98
CA GLY A 58 6.03 4.23 8.30
C GLY A 58 4.53 4.50 8.41
N GLN A 59 3.89 4.57 7.25
CA GLN A 59 2.46 4.81 7.20
C GLN A 59 1.70 3.50 7.01
N LEU A 60 2.44 2.49 6.58
CA LEU A 60 1.85 1.17 6.36
C LEU A 60 2.59 0.13 7.19
N ASP A 61 1.84 -0.87 7.63
CA ASP A 61 2.42 -1.93 8.44
C ASP A 61 2.27 -3.26 7.71
N LEU A 62 3.40 -3.90 7.45
CA LEU A 62 3.41 -5.18 6.77
C LEU A 62 3.25 -6.30 7.79
N LEU A 63 2.35 -7.23 7.48
CA LEU A 63 2.11 -8.36 8.38
C LEU A 63 2.19 -9.65 7.56
N ARG A 64 3.28 -10.37 7.77
CA ARG A 64 3.50 -11.63 7.06
C ARG A 64 2.64 -12.72 7.69
N SER A 65 1.60 -13.10 6.96
CA SER A 65 0.70 -14.14 7.43
C SER A 65 0.36 -15.09 6.28
N ASN A 66 -0.39 -16.13 6.63
CA ASN A 66 -0.79 -17.12 5.64
C ASN A 66 -1.34 -16.41 4.40
N THR A 67 -1.00 -16.96 3.24
CA THR A 67 -1.47 -16.39 1.98
C THR A 67 -0.89 -14.99 1.80
N GLY A 68 0.24 -14.94 1.08
CA GLY A 68 0.90 -13.67 0.83
C GLY A 68 1.05 -12.86 2.11
N LEU A 69 1.46 -11.61 1.94
CA LEU A 69 1.65 -10.72 3.08
C LEU A 69 0.41 -9.85 3.26
N LEU A 70 0.33 -9.22 4.41
CA LEU A 70 -0.81 -8.36 4.72
C LEU A 70 -0.30 -6.94 5.01
N TYR A 71 -1.17 -5.97 4.75
CA TYR A 71 -0.82 -4.58 4.98
C TYR A 71 -1.94 -3.85 5.73
N ARG A 72 -1.61 -3.38 6.92
CA ARG A 72 -2.58 -2.68 7.75
C ARG A 72 -2.03 -1.31 8.15
N ILE A 73 -2.85 -0.56 8.87
CA ILE A 73 -2.46 0.76 9.32
C ILE A 73 -1.40 0.62 10.42
N LYS A 74 -0.30 1.34 10.23
CA LYS A 74 0.80 1.30 11.19
C LYS A 74 0.29 1.82 12.54
N ASP A 75 0.72 1.13 13.59
CA ASP A 75 0.33 1.51 14.93
C ASP A 75 1.27 0.85 15.94
N SER A 76 1.20 1.32 17.18
CA SER A 76 2.03 0.78 18.23
C SER A 76 1.18 0.44 19.45
N GLY A 77 0.56 1.46 20.02
CA GLY A 77 -0.29 1.27 21.18
C GLY A 77 -1.28 0.13 20.96
N PRO A 78 -1.73 -0.46 22.10
CA PRO A 78 -2.68 -1.57 22.05
C PRO A 78 -4.08 -1.06 21.70
N SER A 79 -4.28 -0.76 20.43
CA SER A 79 -5.56 -0.27 19.97
C SER A 79 -6.20 -1.30 19.03
N SER A 80 -7.51 -1.45 19.17
CA SER A 80 -8.25 -2.39 18.36
C SER A 80 -8.98 -1.65 17.22
N GLY A 81 -8.40 -1.77 16.02
CA GLY A 81 -8.98 -1.12 14.86
C GLY A 81 -9.30 0.35 15.16
N GLY A 1 22.34 10.34 -18.90
CA GLY A 1 22.92 10.41 -17.58
C GLY A 1 21.94 9.94 -16.51
N SER A 2 21.14 10.88 -16.03
CA SER A 2 20.15 10.56 -15.01
C SER A 2 18.99 9.78 -15.63
N SER A 3 18.65 8.67 -14.99
CA SER A 3 17.57 7.83 -15.46
C SER A 3 16.31 8.08 -14.62
N GLY A 4 16.44 7.83 -13.33
CA GLY A 4 15.33 8.01 -12.41
C GLY A 4 14.17 7.09 -12.76
N SER A 5 13.09 7.23 -12.01
CA SER A 5 11.91 6.42 -12.23
C SER A 5 11.04 7.01 -13.35
N SER A 6 10.42 6.13 -14.11
CA SER A 6 9.57 6.56 -15.21
C SER A 6 8.79 5.37 -15.76
N GLY A 7 7.77 5.69 -16.55
CA GLY A 7 6.94 4.66 -17.15
C GLY A 7 5.46 5.02 -17.05
N PRO A 8 4.88 4.75 -15.84
CA PRO A 8 3.48 5.04 -15.61
C PRO A 8 3.26 6.54 -15.41
N ASP A 9 2.13 6.86 -14.79
CA ASP A 9 1.79 8.25 -14.54
C ASP A 9 0.57 8.31 -13.62
N ALA A 10 0.71 7.65 -12.48
CA ALA A 10 -0.37 7.63 -11.51
C ALA A 10 0.09 8.31 -10.22
N ASP A 11 1.32 8.82 -10.26
CA ASP A 11 1.89 9.49 -9.11
C ASP A 11 1.96 8.51 -7.94
N PRO A 12 3.00 8.71 -7.09
CA PRO A 12 3.20 7.86 -5.92
C PRO A 12 2.19 8.21 -4.82
N VAL A 13 2.26 9.45 -4.36
CA VAL A 13 1.37 9.90 -3.31
C VAL A 13 -0.04 9.36 -3.56
N GLU A 14 -0.53 9.62 -4.77
CA GLU A 14 -1.85 9.17 -5.15
C GLU A 14 -2.01 7.67 -4.84
N ILE A 15 -1.06 6.90 -5.32
CA ILE A 15 -1.09 5.46 -5.11
C ILE A 15 -1.07 5.18 -3.60
N GLU A 16 -0.02 5.67 -2.96
CA GLU A 16 0.13 5.48 -1.52
C GLU A 16 -1.15 5.89 -0.79
N ASN A 17 -1.49 7.17 -0.94
CA ASN A 17 -2.69 7.70 -0.29
C ASN A 17 -3.82 6.67 -0.41
N ARG A 18 -4.11 6.29 -1.65
CA ARG A 18 -5.16 5.33 -1.90
C ARG A 18 -5.04 4.14 -0.94
N ILE A 19 -3.81 3.71 -0.73
CA ILE A 19 -3.55 2.58 0.16
C ILE A 19 -3.87 3.01 1.60
N ILE A 20 -3.46 4.22 1.93
CA ILE A 20 -3.70 4.75 3.26
C ILE A 20 -5.19 4.67 3.58
N GLU A 21 -6.00 5.07 2.62
CA GLU A 21 -7.44 5.04 2.77
C GLU A 21 -7.93 3.60 2.95
N LEU A 22 -7.22 2.69 2.31
CA LEU A 22 -7.56 1.28 2.39
C LEU A 22 -7.09 0.71 3.72
N CYS A 23 -5.85 0.99 4.06
CA CYS A 23 -5.28 0.53 5.31
C CYS A 23 -6.25 0.88 6.44
N HIS A 24 -6.73 2.11 6.41
CA HIS A 24 -7.66 2.58 7.42
C HIS A 24 -8.98 1.82 7.29
N GLN A 25 -9.42 1.66 6.06
CA GLN A 25 -10.66 0.95 5.78
C GLN A 25 -10.62 -0.45 6.39
N PHE A 26 -9.43 -1.04 6.34
CA PHE A 26 -9.25 -2.38 6.88
C PHE A 26 -8.27 -2.36 8.06
N PRO A 27 -8.83 -2.48 9.28
CA PRO A 27 -8.02 -2.48 10.50
C PRO A 27 -7.29 -3.82 10.66
N HIS A 28 -7.64 -4.76 9.80
CA HIS A 28 -7.03 -6.08 9.84
C HIS A 28 -5.86 -6.14 8.85
N GLY A 29 -6.01 -5.38 7.78
CA GLY A 29 -4.98 -5.33 6.75
C GLY A 29 -5.57 -5.63 5.37
N ILE A 30 -4.78 -5.35 4.35
CA ILE A 30 -5.20 -5.59 2.97
C ILE A 30 -4.14 -6.43 2.26
N THR A 31 -4.62 -7.41 1.51
CA THR A 31 -3.72 -8.28 0.77
C THR A 31 -3.56 -7.78 -0.67
N ASP A 32 -2.39 -8.06 -1.23
CA ASP A 32 -2.09 -7.64 -2.59
C ASP A 32 -3.31 -7.87 -3.47
N GLN A 33 -4.02 -8.95 -3.18
CA GLN A 33 -5.21 -9.30 -3.93
C GLN A 33 -6.27 -8.20 -3.80
N VAL A 34 -6.59 -7.87 -2.55
CA VAL A 34 -7.58 -6.84 -2.29
C VAL A 34 -7.26 -5.60 -3.14
N ILE A 35 -6.16 -4.94 -2.79
CA ILE A 35 -5.74 -3.75 -3.51
C ILE A 35 -5.93 -3.98 -5.01
N GLN A 36 -5.69 -5.22 -5.42
CA GLN A 36 -5.81 -5.57 -6.83
C GLN A 36 -7.25 -5.33 -7.30
N ASN A 37 -8.19 -5.85 -6.53
CA ASN A 37 -9.60 -5.69 -6.86
C ASN A 37 -10.01 -4.23 -6.64
N GLU A 38 -9.11 -3.49 -6.01
CA GLU A 38 -9.37 -2.08 -5.73
C GLU A 38 -8.76 -1.20 -6.83
N MET A 39 -7.59 -1.61 -7.29
CA MET A 39 -6.90 -0.87 -8.34
C MET A 39 -6.10 -1.81 -9.24
N PRO A 40 -6.86 -2.60 -10.04
CA PRO A 40 -6.25 -3.54 -10.97
C PRO A 40 -5.64 -2.82 -12.17
N HIS A 41 -5.79 -1.51 -12.16
CA HIS A 41 -5.26 -0.70 -13.24
C HIS A 41 -3.82 -0.28 -12.93
N ILE A 42 -3.54 -0.21 -11.64
CA ILE A 42 -2.21 0.17 -11.20
C ILE A 42 -1.18 -0.83 -11.75
N GLU A 43 0.07 -0.42 -11.72
CA GLU A 43 1.15 -1.26 -12.21
C GLU A 43 1.86 -1.94 -11.04
N ALA A 44 2.55 -3.02 -11.36
CA ALA A 44 3.28 -3.77 -10.36
C ALA A 44 4.22 -2.82 -9.60
N GLN A 45 5.23 -2.35 -10.32
CA GLN A 45 6.20 -1.43 -9.73
C GLN A 45 5.48 -0.31 -8.97
N GLN A 46 4.37 0.12 -9.54
CA GLN A 46 3.58 1.19 -8.93
C GLN A 46 3.01 0.71 -7.59
N ARG A 47 2.32 -0.42 -7.64
CA ARG A 47 1.73 -0.98 -6.44
C ARG A 47 2.80 -1.27 -5.39
N ALA A 48 3.90 -1.84 -5.86
CA ALA A 48 5.01 -2.18 -4.99
C ALA A 48 5.62 -0.89 -4.43
N VAL A 49 6.05 -0.03 -5.35
CA VAL A 49 6.65 1.23 -4.96
C VAL A 49 5.86 1.84 -3.81
N ALA A 50 4.63 2.22 -4.12
CA ALA A 50 3.76 2.82 -3.13
C ALA A 50 3.81 1.99 -1.84
N ILE A 51 3.70 0.68 -2.01
CA ILE A 51 3.74 -0.22 -0.87
C ILE A 51 5.06 -0.02 -0.11
N ASN A 52 6.16 -0.29 -0.79
CA ASN A 52 7.47 -0.14 -0.20
C ASN A 52 7.56 1.21 0.50
N ARG A 53 7.29 2.25 -0.26
CA ARG A 53 7.33 3.61 0.27
C ARG A 53 6.62 3.66 1.62
N LEU A 54 5.35 3.30 1.60
CA LEU A 54 4.54 3.30 2.81
C LEU A 54 5.25 2.48 3.89
N LEU A 55 5.68 1.29 3.51
CA LEU A 55 6.37 0.41 4.44
C LEU A 55 7.49 1.19 5.14
N SER A 56 8.34 1.80 4.33
CA SER A 56 9.45 2.58 4.84
C SER A 56 8.92 3.82 5.57
N MET A 57 8.22 4.65 4.83
CA MET A 57 7.66 5.87 5.40
C MET A 57 7.15 5.63 6.82
N GLY A 58 6.72 4.40 7.06
CA GLY A 58 6.21 4.03 8.37
C GLY A 58 4.71 4.28 8.47
N GLN A 59 4.09 4.48 7.31
CA GLN A 59 2.66 4.73 7.25
C GLN A 59 1.89 3.41 7.11
N LEU A 60 2.53 2.46 6.44
CA LEU A 60 1.93 1.15 6.23
C LEU A 60 2.66 0.11 7.09
N ASP A 61 1.91 -0.88 7.52
CA ASP A 61 2.46 -1.94 8.35
C ASP A 61 2.29 -3.29 7.64
N LEU A 62 3.41 -3.94 7.40
CA LEU A 62 3.40 -5.23 6.73
C LEU A 62 3.20 -6.34 7.77
N LEU A 63 2.42 -7.34 7.36
CA LEU A 63 2.14 -8.46 8.25
C LEU A 63 2.10 -9.75 7.43
N ARG A 64 3.12 -10.57 7.61
CA ARG A 64 3.22 -11.82 6.89
C ARG A 64 2.26 -12.85 7.51
N SER A 65 1.18 -13.12 6.78
CA SER A 65 0.19 -14.07 7.24
C SER A 65 0.18 -15.30 6.31
N ASN A 66 1.34 -15.92 6.21
CA ASN A 66 1.47 -17.11 5.38
C ASN A 66 1.10 -16.74 3.93
N THR A 67 1.62 -17.54 3.01
CA THR A 67 1.36 -17.32 1.60
C THR A 67 1.61 -15.86 1.24
N GLY A 68 0.55 -15.08 1.25
CA GLY A 68 0.64 -13.66 0.93
C GLY A 68 0.86 -12.83 2.19
N LEU A 69 1.27 -11.59 1.97
CA LEU A 69 1.53 -10.68 3.08
C LEU A 69 0.28 -9.82 3.31
N LEU A 70 0.25 -9.18 4.47
CA LEU A 70 -0.86 -8.33 4.83
C LEU A 70 -0.37 -6.89 5.04
N TYR A 71 -1.23 -5.94 4.70
CA TYR A 71 -0.89 -4.54 4.84
C TYR A 71 -1.99 -3.78 5.59
N ARG A 72 -1.64 -3.33 6.79
CA ARG A 72 -2.59 -2.59 7.61
C ARG A 72 -2.00 -1.23 8.01
N ILE A 73 -2.82 -0.45 8.70
CA ILE A 73 -2.39 0.86 9.14
C ILE A 73 -1.35 0.72 10.25
N LYS A 74 -0.23 1.40 10.04
CA LYS A 74 0.86 1.35 11.02
C LYS A 74 0.40 2.00 12.32
N ASP A 75 0.42 1.21 13.38
CA ASP A 75 0.01 1.70 14.69
C ASP A 75 0.31 0.64 15.74
N SER A 76 1.09 1.03 16.74
CA SER A 76 1.45 0.12 17.81
C SER A 76 0.51 0.31 19.00
N GLY A 77 -0.15 -0.78 19.36
CA GLY A 77 -1.09 -0.76 20.47
C GLY A 77 -0.52 0.04 21.65
N PRO A 78 -1.45 0.57 22.48
CA PRO A 78 -1.05 1.35 23.65
C PRO A 78 -0.51 0.43 24.75
N SER A 79 0.07 1.07 25.76
CA SER A 79 0.62 0.34 26.89
C SER A 79 -0.47 0.08 27.93
N SER A 80 -0.23 -0.93 28.76
CA SER A 80 -1.18 -1.29 29.79
C SER A 80 -0.76 -0.65 31.12
N GLY A 81 -1.55 0.32 31.55
CA GLY A 81 -1.28 1.02 32.80
C GLY A 81 -0.81 0.04 33.88
N GLY A 1 3.90 3.73 -29.61
CA GLY A 1 4.80 4.88 -29.54
C GLY A 1 4.78 5.51 -28.16
N SER A 2 5.88 5.32 -27.44
CA SER A 2 6.01 5.87 -26.10
C SER A 2 7.42 5.67 -25.58
N SER A 3 7.76 6.44 -24.55
CA SER A 3 9.09 6.35 -23.95
C SER A 3 8.96 6.29 -22.42
N GLY A 4 8.34 7.32 -21.88
CA GLY A 4 8.15 7.41 -20.44
C GLY A 4 8.33 8.85 -19.96
N SER A 5 7.45 9.71 -20.42
CA SER A 5 7.50 11.13 -20.04
C SER A 5 6.47 11.40 -18.95
N SER A 6 6.84 12.30 -18.04
CA SER A 6 5.96 12.67 -16.96
C SER A 6 4.58 13.04 -17.50
N GLY A 7 3.59 12.26 -17.08
CA GLY A 7 2.22 12.48 -17.51
C GLY A 7 1.36 11.24 -17.28
N PRO A 8 1.40 10.32 -18.28
CA PRO A 8 0.64 9.09 -18.19
C PRO A 8 1.28 8.10 -17.21
N ASP A 9 1.34 8.53 -15.95
CA ASP A 9 1.93 7.71 -14.91
C ASP A 9 1.18 7.95 -13.59
N ALA A 10 0.42 6.95 -13.19
CA ALA A 10 -0.34 7.04 -11.96
C ALA A 10 0.55 7.59 -10.85
N ASP A 11 0.31 8.85 -10.51
CA ASP A 11 1.09 9.51 -9.47
C ASP A 11 1.32 8.52 -8.32
N PRO A 12 2.47 8.71 -7.62
CA PRO A 12 2.82 7.86 -6.50
C PRO A 12 1.99 8.19 -5.27
N VAL A 13 2.12 9.43 -4.82
CA VAL A 13 1.38 9.90 -3.66
C VAL A 13 -0.03 9.32 -3.70
N GLU A 14 -0.70 9.54 -4.83
CA GLU A 14 -2.06 9.05 -5.00
C GLU A 14 -2.13 7.56 -4.67
N ILE A 15 -1.31 6.79 -5.37
CA ILE A 15 -1.28 5.35 -5.15
C ILE A 15 -1.11 5.06 -3.67
N GLU A 16 -0.10 5.72 -3.08
CA GLU A 16 0.18 5.55 -1.67
C GLU A 16 -1.06 5.90 -0.83
N ASN A 17 -1.42 7.16 -0.90
CA ASN A 17 -2.58 7.65 -0.16
C ASN A 17 -3.71 6.62 -0.25
N ARG A 18 -3.92 6.14 -1.46
CA ARG A 18 -4.96 5.14 -1.70
C ARG A 18 -4.92 4.06 -0.62
N ILE A 19 -3.74 3.47 -0.47
CA ILE A 19 -3.56 2.42 0.51
C ILE A 19 -3.97 2.94 1.89
N ILE A 20 -3.39 4.08 2.25
CA ILE A 20 -3.69 4.70 3.53
C ILE A 20 -5.20 4.65 3.78
N GLU A 21 -5.95 5.01 2.74
CA GLU A 21 -7.40 5.02 2.84
C GLU A 21 -7.92 3.60 3.11
N LEU A 22 -7.33 2.65 2.42
CA LEU A 22 -7.72 1.26 2.58
C LEU A 22 -7.29 0.76 3.96
N CYS A 23 -6.00 0.91 4.24
CA CYS A 23 -5.45 0.49 5.51
C CYS A 23 -6.36 1.01 6.63
N HIS A 24 -7.00 2.14 6.35
CA HIS A 24 -7.89 2.75 7.31
C HIS A 24 -9.19 1.94 7.40
N GLN A 25 -9.68 1.54 6.22
CA GLN A 25 -10.90 0.76 6.16
C GLN A 25 -10.71 -0.59 6.84
N PHE A 26 -9.54 -1.18 6.62
CA PHE A 26 -9.22 -2.47 7.21
C PHE A 26 -8.15 -2.33 8.29
N PRO A 27 -8.61 -2.40 9.57
CA PRO A 27 -7.70 -2.29 10.70
C PRO A 27 -6.87 -3.56 10.88
N HIS A 28 -7.34 -4.62 10.22
CA HIS A 28 -6.64 -5.90 10.30
C HIS A 28 -5.55 -5.96 9.24
N GLY A 29 -5.83 -5.32 8.11
CA GLY A 29 -4.88 -5.28 7.01
C GLY A 29 -5.57 -5.62 5.68
N ILE A 30 -4.78 -5.57 4.62
CA ILE A 30 -5.29 -5.86 3.29
C ILE A 30 -4.30 -6.75 2.55
N THR A 31 -4.81 -7.43 1.53
CA THR A 31 -3.97 -8.32 0.73
C THR A 31 -3.78 -7.75 -0.68
N ASP A 32 -2.59 -7.97 -1.21
CA ASP A 32 -2.27 -7.48 -2.55
C ASP A 32 -3.48 -7.66 -3.46
N GLN A 33 -4.25 -8.71 -3.18
CA GLN A 33 -5.43 -9.01 -3.97
C GLN A 33 -6.42 -7.84 -3.89
N VAL A 34 -6.72 -7.44 -2.67
CA VAL A 34 -7.64 -6.34 -2.45
C VAL A 34 -7.23 -5.15 -3.30
N ILE A 35 -6.07 -4.59 -2.97
CA ILE A 35 -5.56 -3.44 -3.71
C ILE A 35 -5.66 -3.72 -5.21
N GLN A 36 -5.67 -5.00 -5.54
CA GLN A 36 -5.76 -5.41 -6.93
C GLN A 36 -7.15 -5.10 -7.48
N ASN A 37 -8.16 -5.60 -6.77
CA ASN A 37 -9.54 -5.40 -7.16
C ASN A 37 -9.90 -3.93 -6.99
N GLU A 38 -9.14 -3.26 -6.13
CA GLU A 38 -9.38 -1.85 -5.86
C GLU A 38 -8.67 -0.99 -6.90
N MET A 39 -7.38 -1.25 -7.06
CA MET A 39 -6.57 -0.51 -8.01
C MET A 39 -5.74 -1.45 -8.88
N PRO A 40 -6.44 -2.22 -9.76
CA PRO A 40 -5.78 -3.16 -10.64
C PRO A 40 -5.07 -2.43 -11.78
N HIS A 41 -5.45 -1.17 -11.96
CA HIS A 41 -4.86 -0.35 -13.01
C HIS A 41 -3.44 0.05 -12.63
N ILE A 42 -3.06 -0.32 -11.41
CA ILE A 42 -1.74 -0.02 -10.90
C ILE A 42 -0.72 -0.98 -11.51
N GLU A 43 0.51 -0.50 -11.61
CA GLU A 43 1.58 -1.30 -12.17
C GLU A 43 2.18 -2.20 -11.09
N ALA A 44 2.97 -3.16 -11.55
CA ALA A 44 3.61 -4.10 -10.64
C ALA A 44 4.60 -3.34 -9.74
N GLN A 45 5.44 -2.55 -10.39
CA GLN A 45 6.43 -1.77 -9.67
C GLN A 45 5.75 -0.66 -8.87
N GLN A 46 4.67 -0.13 -9.44
CA GLN A 46 3.94 0.94 -8.80
C GLN A 46 3.28 0.43 -7.51
N ARG A 47 2.50 -0.62 -7.65
CA ARG A 47 1.81 -1.21 -6.52
C ARG A 47 2.81 -1.47 -5.38
N ALA A 48 3.97 -2.00 -5.76
CA ALA A 48 5.00 -2.29 -4.78
C ALA A 48 5.61 -0.99 -4.28
N VAL A 49 6.05 -0.17 -5.24
CA VAL A 49 6.66 1.11 -4.90
C VAL A 49 5.88 1.75 -3.76
N ALA A 50 4.65 2.15 -4.06
CA ALA A 50 3.80 2.77 -3.06
C ALA A 50 3.89 1.99 -1.75
N ILE A 51 3.74 0.68 -1.88
CA ILE A 51 3.80 -0.18 -0.71
C ILE A 51 5.13 0.02 0.01
N ASN A 52 6.21 -0.30 -0.69
CA ASN A 52 7.54 -0.14 -0.14
C ASN A 52 7.65 1.22 0.54
N ARG A 53 7.25 2.24 -0.20
CA ARG A 53 7.30 3.60 0.31
C ARG A 53 6.57 3.70 1.65
N LEU A 54 5.26 3.46 1.59
CA LEU A 54 4.44 3.50 2.79
C LEU A 54 5.09 2.66 3.88
N LEU A 55 5.56 1.49 3.49
CA LEU A 55 6.21 0.58 4.43
C LEU A 55 7.30 1.33 5.18
N SER A 56 8.24 1.86 4.42
CA SER A 56 9.35 2.61 5.00
C SER A 56 8.83 3.88 5.67
N MET A 57 8.14 4.70 4.88
CA MET A 57 7.59 5.94 5.37
C MET A 57 7.07 5.78 6.80
N GLY A 58 6.58 4.59 7.09
CA GLY A 58 6.04 4.29 8.40
C GLY A 58 4.53 4.51 8.45
N GLN A 59 3.95 4.63 7.27
CA GLN A 59 2.52 4.84 7.16
C GLN A 59 1.78 3.51 7.05
N LEU A 60 2.41 2.59 6.34
CA LEU A 60 1.84 1.26 6.15
C LEU A 60 2.63 0.24 6.97
N ASP A 61 1.95 -0.82 7.36
CA ASP A 61 2.58 -1.88 8.14
C ASP A 61 2.45 -3.21 7.39
N LEU A 62 3.57 -3.90 7.28
CA LEU A 62 3.59 -5.18 6.60
C LEU A 62 3.39 -6.30 7.62
N LEU A 63 2.61 -7.30 7.20
CA LEU A 63 2.33 -8.43 8.06
C LEU A 63 2.34 -9.72 7.23
N ARG A 64 3.41 -10.49 7.41
CA ARG A 64 3.56 -11.74 6.69
C ARG A 64 2.65 -12.81 7.29
N SER A 65 1.59 -13.12 6.55
CA SER A 65 0.64 -14.12 7.00
C SER A 65 1.00 -15.48 6.40
N ASN A 66 0.33 -16.51 6.91
CA ASN A 66 0.56 -17.86 6.45
C ASN A 66 0.65 -17.87 4.92
N THR A 67 -0.48 -17.57 4.29
CA THR A 67 -0.55 -17.53 2.85
C THR A 67 0.50 -16.57 2.29
N GLY A 68 0.10 -15.31 2.17
CA GLY A 68 1.00 -14.28 1.66
C GLY A 68 1.29 -13.24 2.73
N LEU A 69 1.32 -11.99 2.29
CA LEU A 69 1.59 -10.88 3.20
C LEU A 69 0.31 -10.05 3.36
N LEU A 70 0.33 -9.21 4.39
CA LEU A 70 -0.81 -8.35 4.68
C LEU A 70 -0.32 -6.93 4.95
N TYR A 71 -1.20 -5.97 4.69
CA TYR A 71 -0.87 -4.57 4.89
C TYR A 71 -1.97 -3.87 5.69
N ARG A 72 -1.57 -3.32 6.83
CA ARG A 72 -2.51 -2.62 7.68
C ARG A 72 -1.96 -1.25 8.07
N ILE A 73 -2.77 -0.50 8.80
CA ILE A 73 -2.37 0.83 9.23
C ILE A 73 -1.30 0.71 10.32
N LYS A 74 -0.20 1.40 10.11
CA LYS A 74 0.89 1.39 11.06
C LYS A 74 0.44 2.02 12.38
N ASP A 75 0.63 1.28 13.45
CA ASP A 75 0.24 1.76 14.77
C ASP A 75 0.97 0.94 15.84
N SER A 76 1.51 1.65 16.82
CA SER A 76 2.23 1.01 17.90
C SER A 76 1.25 0.24 18.80
N GLY A 77 1.82 -0.62 19.63
CA GLY A 77 1.01 -1.42 20.54
C GLY A 77 0.28 -0.54 21.54
N PRO A 78 0.97 -0.24 22.67
CA PRO A 78 0.40 0.59 23.72
C PRO A 78 0.39 2.07 23.30
N SER A 79 -0.55 2.80 23.87
CA SER A 79 -0.68 4.22 23.57
C SER A 79 0.02 5.05 24.64
N SER A 80 0.75 6.07 24.18
CA SER A 80 1.47 6.94 25.09
C SER A 80 0.88 8.35 25.04
N GLY A 81 0.91 8.92 23.85
CA GLY A 81 0.38 10.27 23.66
C GLY A 81 1.18 11.30 24.47
N GLY A 1 8.12 11.75 -19.27
CA GLY A 1 8.97 12.84 -18.83
C GLY A 1 8.84 13.07 -17.32
N SER A 2 9.97 12.95 -16.64
CA SER A 2 9.99 13.13 -15.19
C SER A 2 9.10 12.09 -14.52
N SER A 3 9.71 11.27 -13.69
CA SER A 3 8.98 10.24 -12.98
C SER A 3 7.80 10.86 -12.21
N GLY A 4 6.64 10.78 -12.82
CA GLY A 4 5.44 11.34 -12.22
C GLY A 4 4.96 12.57 -12.98
N SER A 5 4.00 12.35 -13.86
CA SER A 5 3.45 13.44 -14.65
C SER A 5 2.29 12.93 -15.51
N SER A 6 1.51 13.88 -16.01
CA SER A 6 0.36 13.53 -16.84
C SER A 6 0.78 12.54 -17.92
N GLY A 7 0.33 11.31 -17.74
CA GLY A 7 0.65 10.25 -18.70
C GLY A 7 0.59 8.88 -18.03
N PRO A 8 1.54 7.99 -18.45
CA PRO A 8 1.61 6.65 -17.90
C PRO A 8 2.18 6.66 -16.48
N ASP A 9 1.36 7.12 -15.55
CA ASP A 9 1.79 7.18 -14.15
C ASP A 9 0.62 7.69 -13.30
N ALA A 10 0.27 6.90 -12.30
CA ALA A 10 -0.82 7.25 -11.40
C ALA A 10 -0.25 8.03 -10.21
N ASP A 11 0.96 8.55 -10.39
CA ASP A 11 1.61 9.32 -9.35
C ASP A 11 1.80 8.42 -8.12
N PRO A 12 2.89 8.70 -7.37
CA PRO A 12 3.20 7.94 -6.17
C PRO A 12 2.28 8.34 -5.02
N VAL A 13 2.36 9.61 -4.66
CA VAL A 13 1.53 10.13 -3.57
C VAL A 13 0.13 9.53 -3.67
N GLU A 14 -0.45 9.66 -4.85
CA GLU A 14 -1.79 9.15 -5.09
C GLU A 14 -1.86 7.67 -4.69
N ILE A 15 -1.06 6.86 -5.36
CA ILE A 15 -1.03 5.43 -5.08
C ILE A 15 -1.02 5.21 -3.57
N GLU A 16 0.00 5.78 -2.93
CA GLU A 16 0.13 5.65 -1.49
C GLU A 16 -1.19 5.98 -0.79
N ASN A 17 -1.64 7.21 -1.01
CA ASN A 17 -2.89 7.65 -0.41
C ASN A 17 -3.92 6.53 -0.48
N ARG A 18 -4.16 6.06 -1.70
CA ARG A 18 -5.12 4.98 -1.91
C ARG A 18 -4.93 3.90 -0.85
N ILE A 19 -3.69 3.45 -0.72
CA ILE A 19 -3.38 2.42 0.25
C ILE A 19 -3.81 2.87 1.65
N ILE A 20 -3.46 4.12 1.96
CA ILE A 20 -3.81 4.68 3.25
C ILE A 20 -5.31 4.48 3.51
N GLU A 21 -6.10 5.02 2.61
CA GLU A 21 -7.55 4.92 2.71
C GLU A 21 -7.96 3.46 2.96
N LEU A 22 -7.23 2.56 2.32
CA LEU A 22 -7.49 1.13 2.45
C LEU A 22 -7.03 0.67 3.84
N CYS A 23 -5.77 0.94 4.13
CA CYS A 23 -5.20 0.54 5.41
C CYS A 23 -6.13 1.02 6.52
N HIS A 24 -6.83 2.11 6.24
CA HIS A 24 -7.76 2.68 7.20
C HIS A 24 -9.06 1.87 7.18
N GLN A 25 -9.51 1.55 5.99
CA GLN A 25 -10.74 0.79 5.82
C GLN A 25 -10.58 -0.60 6.46
N PHE A 26 -9.37 -1.12 6.38
CA PHE A 26 -9.07 -2.42 6.93
C PHE A 26 -8.00 -2.33 8.02
N PRO A 27 -8.45 -2.49 9.29
CA PRO A 27 -7.54 -2.42 10.42
C PRO A 27 -6.71 -3.70 10.53
N HIS A 28 -7.30 -4.79 10.05
CA HIS A 28 -6.62 -6.08 10.08
C HIS A 28 -5.49 -6.09 9.05
N GLY A 29 -5.76 -5.45 7.92
CA GLY A 29 -4.78 -5.39 6.85
C GLY A 29 -5.41 -5.75 5.51
N ILE A 30 -4.64 -5.54 4.45
CA ILE A 30 -5.11 -5.84 3.11
C ILE A 30 -4.10 -6.75 2.42
N THR A 31 -4.50 -7.24 1.25
CA THR A 31 -3.64 -8.11 0.47
C THR A 31 -3.53 -7.62 -0.98
N ASP A 32 -2.40 -7.91 -1.59
CA ASP A 32 -2.16 -7.51 -2.96
C ASP A 32 -3.45 -7.70 -3.78
N GLN A 33 -4.17 -8.76 -3.44
CA GLN A 33 -5.42 -9.05 -4.13
C GLN A 33 -6.40 -7.90 -3.97
N VAL A 34 -6.64 -7.53 -2.72
CA VAL A 34 -7.57 -6.44 -2.43
C VAL A 34 -7.22 -5.24 -3.31
N ILE A 35 -6.04 -4.68 -3.06
CA ILE A 35 -5.59 -3.53 -3.83
C ILE A 35 -5.80 -3.80 -5.32
N GLN A 36 -5.82 -5.08 -5.67
CA GLN A 36 -6.02 -5.48 -7.05
C GLN A 36 -7.47 -5.23 -7.47
N ASN A 37 -8.38 -5.78 -6.69
CA ASN A 37 -9.79 -5.63 -6.97
C ASN A 37 -10.21 -4.17 -6.74
N GLU A 38 -9.45 -3.51 -5.87
CA GLU A 38 -9.72 -2.13 -5.54
C GLU A 38 -9.10 -1.20 -6.59
N MET A 39 -7.83 -1.47 -6.89
CA MET A 39 -7.12 -0.68 -7.87
C MET A 39 -6.34 -1.57 -8.84
N PRO A 40 -7.10 -2.29 -9.71
CA PRO A 40 -6.48 -3.18 -10.68
C PRO A 40 -5.86 -2.38 -11.82
N HIS A 41 -6.10 -1.08 -11.80
CA HIS A 41 -5.56 -0.20 -12.83
C HIS A 41 -4.10 0.13 -12.51
N ILE A 42 -3.74 -0.10 -11.26
CA ILE A 42 -2.38 0.18 -10.81
C ILE A 42 -1.43 -0.84 -11.44
N GLU A 43 -0.15 -0.49 -11.41
CA GLU A 43 0.88 -1.36 -11.97
C GLU A 43 1.47 -2.24 -10.88
N ALA A 44 2.22 -3.26 -11.32
CA ALA A 44 2.85 -4.18 -10.40
C ALA A 44 3.83 -3.41 -9.51
N GLN A 45 4.75 -2.72 -10.16
CA GLN A 45 5.75 -1.94 -9.44
C GLN A 45 5.08 -0.80 -8.67
N GLN A 46 4.24 -0.06 -9.38
CA GLN A 46 3.53 1.05 -8.78
C GLN A 46 2.84 0.61 -7.49
N ARG A 47 2.40 -0.63 -7.50
CA ARG A 47 1.71 -1.19 -6.33
C ARG A 47 2.72 -1.51 -5.22
N ALA A 48 3.92 -1.90 -5.65
CA ALA A 48 4.97 -2.23 -4.72
C ALA A 48 5.63 -0.95 -4.21
N VAL A 49 6.10 -0.15 -5.15
CA VAL A 49 6.74 1.11 -4.82
C VAL A 49 5.98 1.78 -3.67
N ALA A 50 4.77 2.19 -3.97
CA ALA A 50 3.92 2.84 -2.98
C ALA A 50 3.98 2.05 -1.68
N ILE A 51 3.75 0.75 -1.80
CA ILE A 51 3.77 -0.14 -0.65
C ILE A 51 5.09 0.04 0.10
N ASN A 52 6.17 -0.26 -0.59
CA ASN A 52 7.49 -0.14 0.00
C ASN A 52 7.62 1.22 0.68
N ARG A 53 7.32 2.26 -0.09
CA ARG A 53 7.39 3.61 0.43
C ARG A 53 6.66 3.71 1.78
N LEU A 54 5.39 3.37 1.74
CA LEU A 54 4.57 3.41 2.95
C LEU A 54 5.23 2.56 4.04
N LEU A 55 5.69 1.39 3.63
CA LEU A 55 6.34 0.48 4.55
C LEU A 55 7.48 1.20 5.27
N SER A 56 8.31 1.88 4.48
CA SER A 56 9.42 2.62 5.02
C SER A 56 8.93 3.86 5.75
N MET A 57 8.27 4.73 4.99
CA MET A 57 7.73 5.96 5.54
C MET A 57 7.18 5.73 6.95
N GLY A 58 6.61 4.54 7.15
CA GLY A 58 6.04 4.19 8.43
C GLY A 58 4.53 4.45 8.46
N GLN A 59 3.95 4.53 7.26
CA GLN A 59 2.53 4.77 7.13
C GLN A 59 1.78 3.46 6.96
N LEU A 60 2.51 2.46 6.48
CA LEU A 60 1.93 1.14 6.26
C LEU A 60 2.70 0.10 7.07
N ASP A 61 1.98 -0.91 7.53
CA ASP A 61 2.58 -1.97 8.32
C ASP A 61 2.46 -3.29 7.56
N LEU A 62 3.60 -3.93 7.34
CA LEU A 62 3.64 -5.19 6.64
C LEU A 62 3.43 -6.33 7.64
N LEU A 63 2.40 -7.13 7.38
CA LEU A 63 2.08 -8.24 8.25
C LEU A 63 2.11 -9.54 7.43
N ARG A 64 3.14 -10.34 7.68
CA ARG A 64 3.30 -11.60 6.98
C ARG A 64 2.32 -12.64 7.53
N SER A 65 1.30 -12.92 6.74
CA SER A 65 0.29 -13.89 7.13
C SER A 65 0.33 -15.10 6.18
N ASN A 66 -0.39 -16.14 6.57
CA ASN A 66 -0.45 -17.34 5.78
C ASN A 66 -0.60 -16.97 4.30
N THR A 67 0.39 -17.36 3.52
CA THR A 67 0.38 -17.06 2.10
C THR A 67 0.39 -15.55 1.86
N GLY A 68 1.36 -15.11 1.07
CA GLY A 68 1.48 -13.70 0.76
C GLY A 68 1.62 -12.87 2.03
N LEU A 69 1.78 -11.56 1.84
CA LEU A 69 1.92 -10.66 2.96
C LEU A 69 0.66 -9.79 3.07
N LEU A 70 0.53 -9.14 4.21
CA LEU A 70 -0.62 -8.28 4.46
C LEU A 70 -0.14 -6.87 4.80
N TYR A 71 -1.03 -5.92 4.62
CA TYR A 71 -0.71 -4.53 4.90
C TYR A 71 -1.86 -3.84 5.65
N ARG A 72 -1.52 -3.30 6.81
CA ARG A 72 -2.52 -2.61 7.63
C ARG A 72 -2.00 -1.23 8.04
N ILE A 73 -2.86 -0.49 8.73
CA ILE A 73 -2.50 0.84 9.18
C ILE A 73 -1.49 0.73 10.32
N LYS A 74 -0.37 1.42 10.15
CA LYS A 74 0.68 1.41 11.16
C LYS A 74 0.12 1.97 12.47
N ASP A 75 0.51 1.33 13.55
CA ASP A 75 0.07 1.75 14.87
C ASP A 75 0.19 3.27 14.99
N SER A 76 1.41 3.75 14.79
CA SER A 76 1.67 5.18 14.86
C SER A 76 1.58 5.80 13.47
N GLY A 77 0.41 6.37 13.18
CA GLY A 77 0.17 6.99 11.90
C GLY A 77 0.41 8.50 11.97
N PRO A 78 -0.66 9.23 12.35
CA PRO A 78 -0.57 10.69 12.47
C PRO A 78 0.19 11.09 13.72
N SER A 79 0.81 12.27 13.65
CA SER A 79 1.58 12.77 14.77
C SER A 79 0.66 13.54 15.73
N SER A 80 0.03 14.57 15.20
CA SER A 80 -0.88 15.38 16.00
C SER A 80 -2.29 15.30 15.43
N GLY A 81 -3.27 15.39 16.33
CA GLY A 81 -4.66 15.32 15.93
C GLY A 81 -5.56 15.98 16.99
N GLY A 1 12.69 4.89 -19.56
CA GLY A 1 12.85 3.45 -19.71
C GLY A 1 11.75 2.69 -18.97
N SER A 2 12.05 2.38 -17.71
CA SER A 2 11.09 1.66 -16.88
C SER A 2 10.02 2.62 -16.35
N SER A 3 9.00 2.82 -17.18
CA SER A 3 7.92 3.71 -16.81
C SER A 3 6.67 3.38 -17.63
N GLY A 4 6.83 3.46 -18.94
CA GLY A 4 5.73 3.17 -19.85
C GLY A 4 5.76 4.11 -21.06
N SER A 5 4.61 4.24 -21.70
CA SER A 5 4.49 5.10 -22.86
C SER A 5 3.02 5.30 -23.22
N SER A 6 2.49 6.43 -22.80
CA SER A 6 1.10 6.76 -23.06
C SER A 6 0.19 5.69 -22.47
N GLY A 7 -0.34 5.99 -21.29
CA GLY A 7 -1.22 5.07 -20.60
C GLY A 7 -2.17 5.81 -19.66
N PRO A 8 -2.52 5.13 -18.54
CA PRO A 8 -3.41 5.71 -17.55
C PRO A 8 -2.70 6.79 -16.73
N ASP A 9 -1.48 6.46 -16.32
CA ASP A 9 -0.69 7.38 -15.52
C ASP A 9 -1.36 7.58 -14.16
N ALA A 10 -0.63 7.18 -13.12
CA ALA A 10 -1.14 7.30 -11.76
C ALA A 10 -0.03 7.84 -10.85
N ASP A 11 -0.15 9.10 -10.50
CA ASP A 11 0.83 9.74 -9.64
C ASP A 11 1.22 8.77 -8.51
N PRO A 12 2.38 9.06 -7.88
CA PRO A 12 2.88 8.24 -6.80
C PRO A 12 2.08 8.49 -5.52
N VAL A 13 2.13 9.72 -5.06
CA VAL A 13 1.42 10.10 -3.85
C VAL A 13 0.01 9.51 -3.88
N GLU A 14 -0.70 9.84 -4.94
CA GLU A 14 -2.07 9.35 -5.11
C GLU A 14 -2.14 7.86 -4.75
N ILE A 15 -1.31 7.08 -5.43
CA ILE A 15 -1.28 5.64 -5.20
C ILE A 15 -1.20 5.38 -3.69
N GLU A 16 -0.19 5.98 -3.07
CA GLU A 16 -0.01 5.81 -1.63
C GLU A 16 -1.30 6.12 -0.89
N ASN A 17 -1.75 7.35 -1.03
CA ASN A 17 -2.98 7.79 -0.38
C ASN A 17 -4.02 6.66 -0.46
N ARG A 18 -4.16 6.11 -1.65
CA ARG A 18 -5.11 5.04 -1.87
C ARG A 18 -4.91 3.93 -0.84
N ILE A 19 -3.66 3.49 -0.73
CA ILE A 19 -3.31 2.45 0.21
C ILE A 19 -3.72 2.88 1.63
N ILE A 20 -3.42 4.12 1.94
CA ILE A 20 -3.76 4.67 3.25
C ILE A 20 -5.24 4.43 3.53
N GLU A 21 -6.07 5.02 2.68
CA GLU A 21 -7.51 4.89 2.82
C GLU A 21 -7.88 3.43 3.06
N LEU A 22 -7.16 2.54 2.39
CA LEU A 22 -7.41 1.12 2.53
C LEU A 22 -6.90 0.64 3.89
N CYS A 23 -5.62 0.89 4.13
CA CYS A 23 -5.00 0.50 5.38
C CYS A 23 -5.90 0.97 6.53
N HIS A 24 -6.62 2.05 6.27
CA HIS A 24 -7.52 2.61 7.26
C HIS A 24 -8.85 1.86 7.24
N GLN A 25 -9.35 1.64 6.03
CA GLN A 25 -10.60 0.92 5.86
C GLN A 25 -10.54 -0.45 6.52
N PHE A 26 -9.33 -0.98 6.57
CA PHE A 26 -9.12 -2.30 7.17
C PHE A 26 -8.16 -2.20 8.36
N PRO A 27 -8.74 -2.33 9.58
CA PRO A 27 -7.96 -2.27 10.81
C PRO A 27 -7.15 -3.55 11.00
N HIS A 28 -7.44 -4.54 10.18
CA HIS A 28 -6.75 -5.81 10.25
C HIS A 28 -5.65 -5.86 9.21
N GLY A 29 -5.94 -5.30 8.05
CA GLY A 29 -4.98 -5.27 6.95
C GLY A 29 -5.65 -5.60 5.62
N ILE A 30 -4.82 -5.71 4.60
CA ILE A 30 -5.32 -6.01 3.26
C ILE A 30 -4.34 -6.97 2.57
N THR A 31 -4.76 -7.44 1.40
CA THR A 31 -3.93 -8.34 0.63
C THR A 31 -3.75 -7.82 -0.79
N ASP A 32 -2.58 -8.14 -1.37
CA ASP A 32 -2.26 -7.69 -2.71
C ASP A 32 -3.51 -7.82 -3.58
N GLN A 33 -4.27 -8.87 -3.33
CA GLN A 33 -5.49 -9.10 -4.09
C GLN A 33 -6.45 -7.93 -3.95
N VAL A 34 -6.77 -7.60 -2.70
CA VAL A 34 -7.67 -6.50 -2.42
C VAL A 34 -7.27 -5.29 -3.27
N ILE A 35 -6.11 -4.75 -2.95
CA ILE A 35 -5.59 -3.59 -3.67
C ILE A 35 -5.73 -3.83 -5.18
N GLN A 36 -5.75 -5.10 -5.54
CA GLN A 36 -5.87 -5.49 -6.93
C GLN A 36 -7.29 -5.20 -7.44
N ASN A 37 -8.27 -5.70 -6.70
CA ASN A 37 -9.66 -5.50 -7.06
C ASN A 37 -10.04 -4.04 -6.81
N GLU A 38 -9.26 -3.40 -5.95
CA GLU A 38 -9.50 -2.01 -5.62
C GLU A 38 -8.83 -1.08 -6.64
N MET A 39 -7.56 -1.36 -6.89
CA MET A 39 -6.80 -0.57 -7.84
C MET A 39 -6.04 -1.47 -8.82
N PRO A 40 -6.82 -2.16 -9.69
CA PRO A 40 -6.24 -3.05 -10.68
C PRO A 40 -5.59 -2.25 -11.82
N HIS A 41 -5.75 -0.94 -11.74
CA HIS A 41 -5.19 -0.06 -12.75
C HIS A 41 -3.80 0.40 -12.33
N ILE A 42 -3.27 -0.28 -11.32
CA ILE A 42 -1.95 0.05 -10.81
C ILE A 42 -0.92 -0.93 -11.40
N GLU A 43 0.31 -0.45 -11.49
CA GLU A 43 1.39 -1.26 -12.03
C GLU A 43 1.96 -2.18 -10.95
N ALA A 44 2.55 -3.28 -11.40
CA ALA A 44 3.13 -4.24 -10.49
C ALA A 44 4.24 -3.57 -9.67
N GLN A 45 4.87 -2.58 -10.31
CA GLN A 45 5.95 -1.85 -9.66
C GLN A 45 5.39 -0.69 -8.85
N GLN A 46 4.45 0.03 -9.46
CA GLN A 46 3.82 1.16 -8.81
C GLN A 46 3.16 0.73 -7.51
N ARG A 47 2.54 -0.45 -7.56
CA ARG A 47 1.85 -0.98 -6.40
C ARG A 47 2.86 -1.27 -5.28
N ALA A 48 3.97 -1.88 -5.66
CA ALA A 48 5.00 -2.22 -4.71
C ALA A 48 5.69 -0.94 -4.22
N VAL A 49 6.01 -0.08 -5.18
CA VAL A 49 6.65 1.18 -4.88
C VAL A 49 5.96 1.84 -3.69
N ALA A 50 4.72 2.26 -3.93
CA ALA A 50 3.94 2.90 -2.88
C ALA A 50 4.05 2.09 -1.59
N ILE A 51 3.86 0.78 -1.73
CA ILE A 51 3.94 -0.10 -0.59
C ILE A 51 5.29 0.09 0.11
N ASN A 52 6.35 -0.21 -0.62
CA ASN A 52 7.69 -0.07 -0.08
C ASN A 52 7.82 1.28 0.63
N ARG A 53 7.34 2.32 -0.06
CA ARG A 53 7.39 3.67 0.48
C ARG A 53 6.68 3.72 1.84
N LEU A 54 5.40 3.39 1.82
CA LEU A 54 4.60 3.40 3.03
C LEU A 54 5.29 2.53 4.09
N LEU A 55 5.76 1.38 3.65
CA LEU A 55 6.43 0.44 4.54
C LEU A 55 7.52 1.19 5.31
N SER A 56 8.38 1.87 4.57
CA SER A 56 9.46 2.63 5.16
C SER A 56 8.91 3.87 5.87
N MET A 57 8.21 4.69 5.10
CA MET A 57 7.64 5.91 5.64
C MET A 57 7.02 5.66 7.02
N GLY A 58 6.60 4.43 7.23
CA GLY A 58 6.00 4.05 8.50
C GLY A 58 4.49 4.31 8.50
N GLN A 59 3.95 4.42 7.29
CA GLN A 59 2.52 4.67 7.14
C GLN A 59 1.78 3.34 6.92
N LEU A 60 2.52 2.34 6.46
CA LEU A 60 1.95 1.03 6.21
C LEU A 60 2.64 0.00 7.10
N ASP A 61 1.88 -1.02 7.45
CA ASP A 61 2.41 -2.08 8.30
C ASP A 61 2.30 -3.42 7.56
N LEU A 62 3.45 -4.04 7.36
CA LEU A 62 3.50 -5.33 6.66
C LEU A 62 3.33 -6.45 7.69
N LEU A 63 2.28 -7.24 7.49
CA LEU A 63 2.00 -8.35 8.38
C LEU A 63 2.05 -9.66 7.58
N ARG A 64 3.12 -10.41 7.81
CA ARG A 64 3.30 -11.68 7.13
C ARG A 64 2.38 -12.74 7.74
N SER A 65 1.34 -13.07 6.99
CA SER A 65 0.39 -14.07 7.44
C SER A 65 -0.12 -14.89 6.25
N ASN A 66 -0.16 -16.21 6.45
CA ASN A 66 -0.62 -17.10 5.40
C ASN A 66 0.34 -17.01 4.21
N THR A 67 -0.20 -17.34 3.04
CA THR A 67 0.58 -17.29 1.82
C THR A 67 1.23 -15.92 1.64
N GLY A 68 0.50 -15.05 0.95
CA GLY A 68 0.98 -13.69 0.70
C GLY A 68 1.10 -12.91 2.01
N LEU A 69 1.51 -11.66 1.88
CA LEU A 69 1.67 -10.79 3.03
C LEU A 69 0.43 -9.89 3.17
N LEU A 70 0.30 -9.30 4.33
CA LEU A 70 -0.83 -8.41 4.61
C LEU A 70 -0.30 -7.01 4.92
N TYR A 71 -1.12 -6.02 4.58
CA TYR A 71 -0.76 -4.63 4.82
C TYR A 71 -1.86 -3.90 5.58
N ARG A 72 -1.49 -3.41 6.76
CA ARG A 72 -2.45 -2.70 7.60
C ARG A 72 -1.89 -1.32 7.97
N ILE A 73 -2.72 -0.54 8.64
CA ILE A 73 -2.33 0.79 9.06
C ILE A 73 -1.30 0.69 10.19
N LYS A 74 -0.16 1.34 9.97
CA LYS A 74 0.91 1.32 10.96
C LYS A 74 0.44 2.01 12.23
N ASP A 75 0.84 1.45 13.36
CA ASP A 75 0.46 2.00 14.65
C ASP A 75 1.46 1.52 15.71
N SER A 76 1.65 0.21 15.75
CA SER A 76 2.57 -0.38 16.71
C SER A 76 3.92 -0.65 16.04
N GLY A 77 4.84 0.28 16.26
CA GLY A 77 6.17 0.15 15.70
C GLY A 77 7.01 1.41 16.00
N PRO A 78 8.35 1.20 15.99
CA PRO A 78 9.28 2.30 16.27
C PRO A 78 9.38 3.24 15.06
N SER A 79 8.90 4.46 15.27
CA SER A 79 8.94 5.46 14.22
C SER A 79 8.51 6.82 14.77
N SER A 80 9.46 7.75 14.79
CA SER A 80 9.20 9.08 15.29
C SER A 80 9.73 10.12 14.31
N GLY A 81 8.86 11.05 13.95
CA GLY A 81 9.22 12.11 13.02
C GLY A 81 8.70 13.47 13.50
N GLY A 1 -1.96 -13.39 -22.75
CA GLY A 1 -1.03 -12.27 -22.90
C GLY A 1 -1.27 -11.53 -24.21
N SER A 2 -2.18 -10.57 -24.15
CA SER A 2 -2.50 -9.77 -25.33
C SER A 2 -2.05 -8.32 -25.12
N SER A 3 -1.59 -7.72 -26.20
CA SER A 3 -1.12 -6.36 -26.17
C SER A 3 -2.09 -5.50 -25.34
N GLY A 4 -1.56 -4.91 -24.28
CA GLY A 4 -2.37 -4.06 -23.41
C GLY A 4 -1.49 -3.13 -22.59
N SER A 5 -2.13 -2.12 -22.00
CA SER A 5 -1.42 -1.15 -21.19
C SER A 5 -2.40 -0.43 -20.26
N SER A 6 -2.14 -0.57 -18.97
CA SER A 6 -2.99 0.07 -17.97
C SER A 6 -2.13 0.71 -16.89
N GLY A 7 -1.61 1.89 -17.22
CA GLY A 7 -0.78 2.63 -16.28
C GLY A 7 0.22 3.53 -17.03
N PRO A 8 -0.32 4.64 -17.59
CA PRO A 8 0.49 5.58 -18.33
C PRO A 8 1.35 6.42 -17.37
N ASP A 9 0.71 6.93 -16.34
CA ASP A 9 1.39 7.75 -15.35
C ASP A 9 0.47 7.98 -14.16
N ALA A 10 0.85 7.38 -13.04
CA ALA A 10 0.07 7.51 -11.81
C ALA A 10 0.99 7.90 -10.66
N ASP A 11 0.90 9.15 -10.26
CA ASP A 11 1.72 9.66 -9.17
C ASP A 11 1.82 8.59 -8.08
N PRO A 12 2.97 8.61 -7.35
CA PRO A 12 3.20 7.65 -6.28
C PRO A 12 2.38 8.00 -5.05
N VAL A 13 2.64 9.20 -4.52
CA VAL A 13 1.93 9.66 -3.34
C VAL A 13 0.46 9.25 -3.44
N GLU A 14 -0.15 9.60 -4.56
CA GLU A 14 -1.54 9.28 -4.79
C GLU A 14 -1.79 7.78 -4.56
N ILE A 15 -1.07 6.98 -5.33
CA ILE A 15 -1.19 5.53 -5.21
C ILE A 15 -1.12 5.13 -3.74
N GLU A 16 -0.11 5.66 -3.07
CA GLU A 16 0.09 5.36 -1.66
C GLU A 16 -1.15 5.75 -0.85
N ASN A 17 -1.50 7.03 -0.94
CA ASN A 17 -2.67 7.53 -0.23
C ASN A 17 -3.80 6.51 -0.32
N ARG A 18 -4.03 6.03 -1.53
CA ARG A 18 -5.08 5.05 -1.77
C ARG A 18 -4.97 3.90 -0.75
N ILE A 19 -3.75 3.43 -0.57
CA ILE A 19 -3.49 2.35 0.37
C ILE A 19 -3.87 2.80 1.78
N ILE A 20 -3.55 4.05 2.08
CA ILE A 20 -3.85 4.61 3.39
C ILE A 20 -5.35 4.52 3.64
N GLU A 21 -6.12 5.05 2.70
CA GLU A 21 -7.56 5.04 2.81
C GLU A 21 -8.06 3.61 3.07
N LEU A 22 -7.33 2.65 2.50
CA LEU A 22 -7.68 1.25 2.67
C LEU A 22 -7.24 0.78 4.04
N CYS A 23 -5.95 0.92 4.30
CA CYS A 23 -5.39 0.51 5.58
C CYS A 23 -6.34 0.98 6.69
N HIS A 24 -7.02 2.08 6.42
CA HIS A 24 -7.96 2.63 7.38
C HIS A 24 -9.25 1.80 7.38
N GLN A 25 -9.74 1.54 6.18
CA GLN A 25 -10.95 0.77 6.03
C GLN A 25 -10.77 -0.63 6.61
N PHE A 26 -9.58 -1.16 6.44
CA PHE A 26 -9.26 -2.49 6.93
C PHE A 26 -8.18 -2.43 8.02
N PRO A 27 -8.61 -2.58 9.28
CA PRO A 27 -7.69 -2.55 10.41
C PRO A 27 -6.87 -3.84 10.49
N HIS A 28 -7.49 -4.92 10.03
CA HIS A 28 -6.84 -6.21 10.04
C HIS A 28 -5.67 -6.21 9.05
N GLY A 29 -5.92 -5.59 7.91
CA GLY A 29 -4.90 -5.51 6.87
C GLY A 29 -5.52 -5.69 5.48
N ILE A 30 -4.66 -5.58 4.47
CA ILE A 30 -5.11 -5.72 3.10
C ILE A 30 -4.07 -6.52 2.31
N THR A 31 -4.57 -7.47 1.53
CA THR A 31 -3.69 -8.30 0.71
C THR A 31 -3.56 -7.72 -0.69
N ASP A 32 -2.42 -8.01 -1.31
CA ASP A 32 -2.15 -7.52 -2.65
C ASP A 32 -3.43 -7.62 -3.49
N GLN A 33 -4.09 -8.76 -3.37
CA GLN A 33 -5.33 -8.98 -4.10
C GLN A 33 -6.25 -7.76 -3.97
N VAL A 34 -6.61 -7.46 -2.74
CA VAL A 34 -7.48 -6.33 -2.48
C VAL A 34 -7.05 -5.13 -3.33
N ILE A 35 -5.90 -4.57 -2.96
CA ILE A 35 -5.36 -3.43 -3.69
C ILE A 35 -5.48 -3.68 -5.19
N GLN A 36 -5.47 -4.96 -5.54
CA GLN A 36 -5.58 -5.35 -6.94
C GLN A 36 -7.00 -5.08 -7.46
N ASN A 37 -7.97 -5.62 -6.74
CA ASN A 37 -9.36 -5.44 -7.11
C ASN A 37 -9.78 -3.99 -6.86
N GLU A 38 -9.02 -3.33 -6.00
CA GLU A 38 -9.30 -1.94 -5.66
C GLU A 38 -8.62 -1.02 -6.67
N MET A 39 -7.35 -1.27 -6.92
CA MET A 39 -6.59 -0.47 -7.86
C MET A 39 -5.78 -1.35 -8.80
N PRO A 40 -6.51 -2.07 -9.69
CA PRO A 40 -5.86 -2.95 -10.66
C PRO A 40 -5.21 -2.15 -11.79
N HIS A 41 -5.67 -0.92 -11.93
CA HIS A 41 -5.13 -0.04 -12.96
C HIS A 41 -3.70 0.36 -12.61
N ILE A 42 -3.29 -0.02 -11.41
CA ILE A 42 -1.94 0.28 -10.95
C ILE A 42 -0.96 -0.72 -11.55
N GLU A 43 0.27 -0.27 -11.70
CA GLU A 43 1.32 -1.11 -12.26
C GLU A 43 1.89 -2.04 -11.18
N ALA A 44 2.62 -3.05 -11.65
CA ALA A 44 3.23 -4.00 -10.74
C ALA A 44 4.24 -3.29 -9.85
N GLN A 45 5.11 -2.52 -10.49
CA GLN A 45 6.13 -1.78 -9.78
C GLN A 45 5.50 -0.64 -8.97
N GLN A 46 4.45 -0.06 -9.54
CA GLN A 46 3.75 1.03 -8.88
C GLN A 46 3.10 0.54 -7.60
N ARG A 47 2.30 -0.52 -7.73
CA ARG A 47 1.62 -1.10 -6.58
C ARG A 47 2.61 -1.38 -5.46
N ALA A 48 3.72 -1.99 -5.83
CA ALA A 48 4.75 -2.32 -4.86
C ALA A 48 5.41 -1.03 -4.35
N VAL A 49 5.91 -0.25 -5.29
CA VAL A 49 6.56 1.01 -4.95
C VAL A 49 5.77 1.70 -3.84
N ALA A 50 4.57 2.12 -4.19
CA ALA A 50 3.70 2.80 -3.23
C ALA A 50 3.72 2.02 -1.91
N ILE A 51 3.52 0.71 -2.02
CA ILE A 51 3.50 -0.14 -0.86
C ILE A 51 4.81 0.03 -0.08
N ASN A 52 5.90 -0.34 -0.75
CA ASN A 52 7.22 -0.24 -0.15
C ASN A 52 7.37 1.15 0.50
N ARG A 53 7.08 2.17 -0.29
CA ARG A 53 7.18 3.54 0.20
C ARG A 53 6.49 3.67 1.55
N LEU A 54 5.19 3.36 1.55
CA LEU A 54 4.40 3.43 2.77
C LEU A 54 5.10 2.64 3.88
N LEU A 55 5.51 1.44 3.53
CA LEU A 55 6.18 0.57 4.49
C LEU A 55 7.33 1.34 5.14
N SER A 56 8.14 1.97 4.30
CA SER A 56 9.27 2.74 4.78
C SER A 56 8.79 4.00 5.47
N MET A 57 8.04 4.81 4.73
CA MET A 57 7.51 6.05 5.26
C MET A 57 7.10 5.88 6.73
N GLY A 58 6.46 4.75 7.01
CA GLY A 58 6.01 4.45 8.36
C GLY A 58 4.50 4.67 8.50
N GLN A 59 3.83 4.63 7.36
CA GLN A 59 2.38 4.82 7.33
C GLN A 59 1.68 3.46 7.18
N LEU A 60 2.33 2.56 6.48
CA LEU A 60 1.79 1.24 6.25
C LEU A 60 2.59 0.21 7.06
N ASP A 61 1.88 -0.80 7.55
CA ASP A 61 2.52 -1.84 8.34
C ASP A 61 2.42 -3.17 7.59
N LEU A 62 3.54 -3.87 7.53
CA LEU A 62 3.59 -5.15 6.84
C LEU A 62 3.33 -6.27 7.85
N LEU A 63 2.55 -7.24 7.42
CA LEU A 63 2.22 -8.37 8.27
C LEU A 63 2.24 -9.66 7.44
N ARG A 64 3.29 -10.44 7.64
CA ARG A 64 3.44 -11.69 6.92
C ARG A 64 2.59 -12.78 7.57
N SER A 65 1.51 -13.14 6.88
CA SER A 65 0.61 -14.17 7.38
C SER A 65 -0.09 -14.86 6.21
N ASN A 66 -0.27 -16.16 6.36
CA ASN A 66 -0.92 -16.95 5.33
C ASN A 66 -0.28 -16.64 3.97
N THR A 67 -0.87 -17.20 2.93
CA THR A 67 -0.38 -16.99 1.58
C THR A 67 -0.27 -15.49 1.27
N GLY A 68 0.96 -15.04 1.10
CA GLY A 68 1.21 -13.64 0.80
C GLY A 68 1.41 -12.83 2.08
N LEU A 69 1.56 -11.53 1.91
CA LEU A 69 1.76 -10.64 3.04
C LEU A 69 0.48 -9.81 3.25
N LEU A 70 0.41 -9.18 4.42
CA LEU A 70 -0.74 -8.37 4.77
C LEU A 70 -0.26 -6.94 5.08
N TYR A 71 -1.10 -5.98 4.72
CA TYR A 71 -0.78 -4.58 4.96
C TYR A 71 -1.91 -3.89 5.74
N ARG A 72 -1.53 -3.33 6.88
CA ARG A 72 -2.48 -2.64 7.72
C ARG A 72 -1.94 -1.27 8.13
N ILE A 73 -2.77 -0.53 8.87
CA ILE A 73 -2.39 0.79 9.34
C ILE A 73 -1.31 0.66 10.40
N LYS A 74 -0.22 1.39 10.20
CA LYS A 74 0.88 1.37 11.15
C LYS A 74 0.39 1.80 12.53
N ASP A 75 0.97 1.20 13.55
CA ASP A 75 0.59 1.52 14.91
C ASP A 75 0.62 3.04 15.11
N SER A 76 -0.39 3.54 15.80
CA SER A 76 -0.50 4.96 16.06
C SER A 76 0.05 5.29 17.45
N GLY A 77 -0.57 4.67 18.44
CA GLY A 77 -0.15 4.88 19.82
C GLY A 77 -0.02 3.54 20.57
N PRO A 78 0.84 3.56 21.62
CA PRO A 78 1.07 2.37 22.42
C PRO A 78 -0.11 2.08 23.34
N SER A 79 -0.45 3.08 24.15
CA SER A 79 -1.55 2.95 25.08
C SER A 79 -2.40 4.22 25.06
N SER A 80 -3.71 4.01 25.06
CA SER A 80 -4.64 5.12 25.03
C SER A 80 -4.50 5.90 23.73
N GLY A 81 -5.58 6.59 23.36
CA GLY A 81 -5.58 7.37 22.14
C GLY A 81 -6.81 7.05 21.28
#